data_6BEW
# 
_entry.id   6BEW 
# 
_audit_conform.dict_name       mmcif_pdbx.dic 
_audit_conform.dict_version    5.399 
_audit_conform.dict_location   http://mmcif.pdb.org/dictionaries/ascii/mmcif_pdbx.dic 
# 
loop_
_database_2.database_id 
_database_2.database_code 
_database_2.pdbx_database_accession 
_database_2.pdbx_DOI 
PDB   6BEW         pdb_00006bew 10.2210/pdb6bew/pdb 
WWPDB D_1000230791 ?            ?                   
BMRB  30364        ?            10.13018/BMR30364   
# 
loop_
_pdbx_audit_revision_history.ordinal 
_pdbx_audit_revision_history.data_content_type 
_pdbx_audit_revision_history.major_revision 
_pdbx_audit_revision_history.minor_revision 
_pdbx_audit_revision_history.revision_date 
1 'Structure model' 1 0 2017-12-27 
2 'Structure model' 1 1 2020-01-01 
3 'Structure model' 1 2 2023-06-14 
4 'Structure model' 1 3 2024-11-20 
# 
_pdbx_audit_revision_details.ordinal             1 
_pdbx_audit_revision_details.revision_ordinal    1 
_pdbx_audit_revision_details.data_content_type   'Structure model' 
_pdbx_audit_revision_details.provider            repository 
_pdbx_audit_revision_details.type                'Initial release' 
_pdbx_audit_revision_details.description         ? 
_pdbx_audit_revision_details.details             ? 
# 
loop_
_pdbx_audit_revision_group.ordinal 
_pdbx_audit_revision_group.revision_ordinal 
_pdbx_audit_revision_group.data_content_type 
_pdbx_audit_revision_group.group 
1 2 'Structure model' 'Author supporting evidence' 
2 2 'Structure model' 'Data collection'            
3 3 'Structure model' 'Database references'        
4 3 'Structure model' 'Derived calculations'       
5 3 'Structure model' Other                        
6 4 'Structure model' 'Data collection'            
7 4 'Structure model' 'Database references'        
8 4 'Structure model' 'Structure summary'          
# 
loop_
_pdbx_audit_revision_category.ordinal 
_pdbx_audit_revision_category.revision_ordinal 
_pdbx_audit_revision_category.data_content_type 
_pdbx_audit_revision_category.category 
1  2 'Structure model' pdbx_audit_support        
2  2 'Structure model' pdbx_nmr_software         
3  2 'Structure model' pdbx_nmr_spectrometer     
4  3 'Structure model' database_2                
5  3 'Structure model' pdbx_database_status      
6  3 'Structure model' struct_conn               
7  4 'Structure model' chem_comp_atom            
8  4 'Structure model' chem_comp_bond            
9  4 'Structure model' database_2                
10 4 'Structure model' pdbx_entry_details        
11 4 'Structure model' pdbx_modification_feature 
# 
loop_
_pdbx_audit_revision_item.ordinal 
_pdbx_audit_revision_item.revision_ordinal 
_pdbx_audit_revision_item.data_content_type 
_pdbx_audit_revision_item.item 
1  2 'Structure model' '_pdbx_audit_support.funding_organization'   
2  2 'Structure model' '_pdbx_nmr_software.name'                    
3  2 'Structure model' '_pdbx_nmr_spectrometer.model'               
4  3 'Structure model' '_database_2.pdbx_DOI'                       
5  3 'Structure model' '_database_2.pdbx_database_accession'        
6  3 'Structure model' '_pdbx_database_status.status_code_nmr_data' 
7  3 'Structure model' '_struct_conn.pdbx_dist_value'               
8  3 'Structure model' '_struct_conn.ptnr1_label_atom_id'           
9  3 'Structure model' '_struct_conn.ptnr2_auth_seq_id'             
10 3 'Structure model' '_struct_conn.ptnr2_label_atom_id'           
11 3 'Structure model' '_struct_conn.ptnr2_label_seq_id'            
12 4 'Structure model' '_database_2.pdbx_DOI'                       
# 
_pdbx_database_status.status_code                     REL 
_pdbx_database_status.status_code_sf                  ? 
_pdbx_database_status.status_code_mr                  REL 
_pdbx_database_status.entry_id                        6BEW 
_pdbx_database_status.recvd_initial_deposition_date   2017-10-25 
_pdbx_database_status.SG_entry                        N 
_pdbx_database_status.deposit_site                    RCSB 
_pdbx_database_status.process_site                    RCSB 
_pdbx_database_status.status_code_cs                  REL 
_pdbx_database_status.methods_development_category    ? 
_pdbx_database_status.pdb_format_compatible           Y 
_pdbx_database_status.status_code_nmr_data            REL 
# 
_pdbx_database_related.db_name        BMRB 
_pdbx_database_related.details        'Solution structure of de novo macrocycle design7.2' 
_pdbx_database_related.db_id          30364 
_pdbx_database_related.content_type   unspecified 
# 
loop_
_audit_author.name 
_audit_author.pdbx_ordinal 
_audit_author.identifier_ORCID 
'Shortridge, M.D.' 1 0000-0003-2825-6836 
'Hosseinzadeh, P.' 2 ?                   
'Pardo-Avila, F.'  3 ?                   
'Varani, G.'       4 ?                   
'Baker, D.'        5 ?                   
# 
_citation.abstract                  ? 
_citation.abstract_id_CAS           ? 
_citation.book_id_ISBN              ? 
_citation.book_publisher            ? 
_citation.book_publisher_city       ? 
_citation.book_title                ? 
_citation.coordinate_linkage        ? 
_citation.country                   US 
_citation.database_id_Medline       ? 
_citation.details                   ? 
_citation.id                        primary 
_citation.journal_abbrev            Science 
_citation.journal_id_ASTM           SCIEAS 
_citation.journal_id_CSD            0038 
_citation.journal_id_ISSN           1095-9203 
_citation.journal_full              ? 
_citation.journal_issue             ? 
_citation.journal_volume            358 
_citation.language                  ? 
_citation.page_first                1461 
_citation.page_last                 1466 
_citation.title                     'Comprehensive computational design of ordered peptide macrocycles.' 
_citation.year                      2017 
_citation.database_id_CSD           ? 
_citation.pdbx_database_id_DOI      10.1126/science.aap7577 
_citation.pdbx_database_id_PubMed   29242347 
_citation.unpublished_flag          ? 
# 
loop_
_citation_author.citation_id 
_citation_author.name 
_citation_author.ordinal 
_citation_author.identifier_ORCID 
primary 'Hosseinzadeh, P.' 1  ? 
primary 'Bhardwaj, G.'     2  ? 
primary 'Mulligan, V.K.'   3  ? 
primary 'Shortridge, M.D.' 4  ? 
primary 'Craven, T.W.'     5  ? 
primary 'Pardo-Avila, F.'  6  ? 
primary 'Rettie, S.A.'     7  ? 
primary 'Kim, D.E.'        8  ? 
primary 'Silva, D.A.'      9  ? 
primary 'Ibrahim, Y.M.'    10 ? 
primary 'Webb, I.K.'       11 ? 
primary 'Cort, J.R.'       12 ? 
primary 'Adkins, J.N.'     13 ? 
primary 'Varani, G.'       14 ? 
primary 'Baker, D.'        15 ? 
# 
_entity.id                         1 
_entity.type                       polymer 
_entity.src_method                 syn 
_entity.pdbx_description           '(DHI)P(DAS)(DGN)(DSN)(DGL)P' 
_entity.formula_weight             809.800 
_entity.pdbx_number_of_molecules   1 
_entity.pdbx_ec                    ? 
_entity.pdbx_mutation              ? 
_entity.pdbx_fragment              ? 
_entity.details                    ? 
# 
_entity_poly.entity_id                      1 
_entity_poly.type                           'polypeptide(D)' 
_entity_poly.nstd_linkage                   no 
_entity_poly.nstd_monomer                   yes 
_entity_poly.pdbx_seq_one_letter_code       '(DHI)P(DAS)(DGN)(DSN)(DGL)P' 
_entity_poly.pdbx_seq_one_letter_code_can   HPDQSEP 
_entity_poly.pdbx_strand_id                 A 
_entity_poly.pdbx_target_identifier         ? 
# 
loop_
_entity_poly_seq.entity_id 
_entity_poly_seq.num 
_entity_poly_seq.mon_id 
_entity_poly_seq.hetero 
1 1 DHI n 
1 2 PRO n 
1 3 DAS n 
1 4 DGN n 
1 5 DSN n 
1 6 DGL n 
1 7 PRO n 
# 
_pdbx_entity_src_syn.entity_id              1 
_pdbx_entity_src_syn.pdbx_src_id            1 
_pdbx_entity_src_syn.pdbx_alt_source_flag   sample 
_pdbx_entity_src_syn.pdbx_beg_seq_num       1 
_pdbx_entity_src_syn.pdbx_end_seq_num       7 
_pdbx_entity_src_syn.organism_scientific    'Homo sapiens' 
_pdbx_entity_src_syn.organism_common_name   ? 
_pdbx_entity_src_syn.ncbi_taxonomy_id       9606 
_pdbx_entity_src_syn.details                ? 
# 
loop_
_chem_comp.id 
_chem_comp.type 
_chem_comp.mon_nstd_flag 
_chem_comp.name 
_chem_comp.pdbx_synonyms 
_chem_comp.formula 
_chem_comp.formula_weight 
DAS 'D-peptide linking' . 'D-ASPARTIC ACID' ? 'C4 H7 N O4'     133.103 
DGL 'D-peptide linking' . 'D-GLUTAMIC ACID' ? 'C5 H9 N O4'     147.129 
DGN 'D-peptide linking' . D-GLUTAMINE       ? 'C5 H10 N2 O3'   146.144 
DHI 'D-peptide linking' . D-HISTIDINE       ? 'C6 H10 N3 O2 1' 156.162 
DSN 'D-peptide linking' . D-SERINE          ? 'C3 H7 N O3'     105.093 
PRO 'L-peptide linking' y PROLINE           ? 'C5 H9 N O2'     115.130 
# 
loop_
_pdbx_poly_seq_scheme.asym_id 
_pdbx_poly_seq_scheme.entity_id 
_pdbx_poly_seq_scheme.seq_id 
_pdbx_poly_seq_scheme.mon_id 
_pdbx_poly_seq_scheme.ndb_seq_num 
_pdbx_poly_seq_scheme.pdb_seq_num 
_pdbx_poly_seq_scheme.auth_seq_num 
_pdbx_poly_seq_scheme.pdb_mon_id 
_pdbx_poly_seq_scheme.auth_mon_id 
_pdbx_poly_seq_scheme.pdb_strand_id 
_pdbx_poly_seq_scheme.pdb_ins_code 
_pdbx_poly_seq_scheme.hetero 
A 1 1 DHI 1 1 1 DHI DHI A . n 
A 1 2 PRO 2 2 2 PRO PRO A . n 
A 1 3 DAS 3 3 3 DAS DAS A . n 
A 1 4 DGN 4 4 4 DGN DGN A . n 
A 1 5 DSN 5 5 5 DSN DSE A . n 
A 1 6 DGL 6 6 6 DGL DGU A . n 
A 1 7 PRO 7 7 7 PRO PRO A . n 
# 
_exptl.absorpt_coefficient_mu     ? 
_exptl.absorpt_correction_T_max   ? 
_exptl.absorpt_correction_T_min   ? 
_exptl.absorpt_correction_type    ? 
_exptl.absorpt_process_details    ? 
_exptl.entry_id                   6BEW 
_exptl.crystals_number            ? 
_exptl.details                    ? 
_exptl.method                     'SOLUTION NMR' 
_exptl.method_details             ? 
# 
_struct.entry_id                     6BEW 
_struct.title                        'Solution structure of de novo macrocycle design7.2' 
_struct.pdbx_model_details           ? 
_struct.pdbx_formula_weight          ? 
_struct.pdbx_formula_weight_method   ? 
_struct.pdbx_model_type_details      ? 
_struct.pdbx_CASP_flag               N 
# 
_struct_keywords.entry_id        6BEW 
_struct_keywords.text            'macrocycle, de novo, DE NOVO PROTEIN' 
_struct_keywords.pdbx_keywords   'DE NOVO PROTEIN' 
# 
_struct_asym.id                            A 
_struct_asym.pdbx_blank_PDB_chainid_flag   N 
_struct_asym.pdbx_modified                 N 
_struct_asym.entity_id                     1 
_struct_asym.details                       ? 
# 
_struct_ref.id                         1 
_struct_ref.db_name                    PDB 
_struct_ref.db_code                    6BEW 
_struct_ref.pdbx_db_accession          6BEW 
_struct_ref.pdbx_db_isoform            ? 
_struct_ref.entity_id                  1 
_struct_ref.pdbx_seq_one_letter_code   ? 
_struct_ref.pdbx_align_begin           1 
# 
_struct_ref_seq.align_id                      1 
_struct_ref_seq.ref_id                        1 
_struct_ref_seq.pdbx_PDB_id_code              6BEW 
_struct_ref_seq.pdbx_strand_id                A 
_struct_ref_seq.seq_align_beg                 1 
_struct_ref_seq.pdbx_seq_align_beg_ins_code   ? 
_struct_ref_seq.seq_align_end                 7 
_struct_ref_seq.pdbx_seq_align_end_ins_code   ? 
_struct_ref_seq.pdbx_db_accession             6BEW 
_struct_ref_seq.db_align_beg                  1 
_struct_ref_seq.pdbx_db_align_beg_ins_code    ? 
_struct_ref_seq.db_align_end                  7 
_struct_ref_seq.pdbx_db_align_end_ins_code    ? 
_struct_ref_seq.pdbx_auth_seq_align_beg       1 
_struct_ref_seq.pdbx_auth_seq_align_end       7 
# 
_pdbx_struct_assembly.id                   1 
_pdbx_struct_assembly.details              author_defined_assembly 
_pdbx_struct_assembly.method_details       ? 
_pdbx_struct_assembly.oligomeric_details   monomeric 
_pdbx_struct_assembly.oligomeric_count     1 
# 
loop_
_pdbx_struct_assembly_prop.biol_id 
_pdbx_struct_assembly_prop.type 
_pdbx_struct_assembly_prop.value 
_pdbx_struct_assembly_prop.details 
1 'ABSA (A^2)' 0   ? 
1 MORE         0   ? 
1 'SSA (A^2)'  880 ? 
# 
_pdbx_struct_assembly_gen.assembly_id       1 
_pdbx_struct_assembly_gen.oper_expression   1 
_pdbx_struct_assembly_gen.asym_id_list      A 
# 
_pdbx_struct_assembly_auth_evidence.id                     1 
_pdbx_struct_assembly_auth_evidence.assembly_id            1 
_pdbx_struct_assembly_auth_evidence.experimental_support   none 
_pdbx_struct_assembly_auth_evidence.details                ? 
# 
_pdbx_struct_oper_list.id                   1 
_pdbx_struct_oper_list.type                 'identity operation' 
_pdbx_struct_oper_list.name                 1_555 
_pdbx_struct_oper_list.symmetry_operation   ? 
_pdbx_struct_oper_list.matrix[1][1]         1.0000000000 
_pdbx_struct_oper_list.matrix[1][2]         0.0000000000 
_pdbx_struct_oper_list.matrix[1][3]         0.0000000000 
_pdbx_struct_oper_list.vector[1]            0.0000000000 
_pdbx_struct_oper_list.matrix[2][1]         0.0000000000 
_pdbx_struct_oper_list.matrix[2][2]         1.0000000000 
_pdbx_struct_oper_list.matrix[2][3]         0.0000000000 
_pdbx_struct_oper_list.vector[2]            0.0000000000 
_pdbx_struct_oper_list.matrix[3][1]         0.0000000000 
_pdbx_struct_oper_list.matrix[3][2]         0.0000000000 
_pdbx_struct_oper_list.matrix[3][3]         1.0000000000 
_pdbx_struct_oper_list.vector[3]            0.0000000000 
# 
loop_
_struct_conn.id 
_struct_conn.conn_type_id 
_struct_conn.pdbx_leaving_atom_flag 
_struct_conn.pdbx_PDB_id 
_struct_conn.ptnr1_label_asym_id 
_struct_conn.ptnr1_label_comp_id 
_struct_conn.ptnr1_label_seq_id 
_struct_conn.ptnr1_label_atom_id 
_struct_conn.pdbx_ptnr1_label_alt_id 
_struct_conn.pdbx_ptnr1_PDB_ins_code 
_struct_conn.pdbx_ptnr1_standard_comp_id 
_struct_conn.ptnr1_symmetry 
_struct_conn.ptnr2_label_asym_id 
_struct_conn.ptnr2_label_comp_id 
_struct_conn.ptnr2_label_seq_id 
_struct_conn.ptnr2_label_atom_id 
_struct_conn.pdbx_ptnr2_label_alt_id 
_struct_conn.pdbx_ptnr2_PDB_ins_code 
_struct_conn.ptnr1_auth_asym_id 
_struct_conn.ptnr1_auth_comp_id 
_struct_conn.ptnr1_auth_seq_id 
_struct_conn.ptnr2_auth_asym_id 
_struct_conn.ptnr2_auth_comp_id 
_struct_conn.ptnr2_auth_seq_id 
_struct_conn.ptnr2_symmetry 
_struct_conn.pdbx_ptnr3_label_atom_id 
_struct_conn.pdbx_ptnr3_label_seq_id 
_struct_conn.pdbx_ptnr3_label_comp_id 
_struct_conn.pdbx_ptnr3_label_asym_id 
_struct_conn.pdbx_ptnr3_label_alt_id 
_struct_conn.pdbx_ptnr3_PDB_ins_code 
_struct_conn.details 
_struct_conn.pdbx_dist_value 
_struct_conn.pdbx_value_order 
_struct_conn.pdbx_role 
covale1 covale both ? A DHI 1 C ? ? ? 1_555 A PRO 2 N ? ? A DHI 1 A PRO 2 1_555 ? ? ? ? ? ? ? 1.328 ? ? 
covale2 covale both ? A DHI 1 N ? ? ? 1_555 A PRO 7 C ? ? A DHI 1 A PRO 7 1_555 ? ? ? ? ? ? ? 1.333 ? ? 
covale3 covale both ? A PRO 2 C ? ? ? 1_555 A DAS 3 N ? ? A PRO 2 A DAS 3 1_555 ? ? ? ? ? ? ? 1.331 ? ? 
covale4 covale both ? A DAS 3 C ? ? ? 1_555 A DGN 4 N ? ? A DAS 3 A DGN 4 1_555 ? ? ? ? ? ? ? 1.335 ? ? 
covale5 covale both ? A DGN 4 C ? ? ? 1_555 A DSN 5 N ? ? A DGN 4 A DSN 5 1_555 ? ? ? ? ? ? ? 1.332 ? ? 
covale6 covale both ? A DSN 5 C ? ? ? 1_555 A DGL 6 N ? ? A DSN 5 A DGL 6 1_555 ? ? ? ? ? ? ? 1.342 ? ? 
covale7 covale both ? A DGL 6 C ? ? ? 1_555 A PRO 7 N ? ? A DGL 6 A PRO 7 1_555 ? ? ? ? ? ? ? 1.333 ? ? 
# 
_struct_conn_type.id          covale 
_struct_conn_type.criteria    ? 
_struct_conn_type.reference   ? 
# 
_pdbx_modification_feature.ordinal                            1 
_pdbx_modification_feature.label_comp_id                      DHI 
_pdbx_modification_feature.label_asym_id                      A 
_pdbx_modification_feature.label_seq_id                       1 
_pdbx_modification_feature.label_alt_id                       ? 
_pdbx_modification_feature.modified_residue_label_comp_id     PRO 
_pdbx_modification_feature.modified_residue_label_asym_id     A 
_pdbx_modification_feature.modified_residue_label_seq_id      7 
_pdbx_modification_feature.modified_residue_label_alt_id      ? 
_pdbx_modification_feature.auth_comp_id                       DHI 
_pdbx_modification_feature.auth_asym_id                       A 
_pdbx_modification_feature.auth_seq_id                        1 
_pdbx_modification_feature.PDB_ins_code                       ? 
_pdbx_modification_feature.symmetry                           1_555 
_pdbx_modification_feature.modified_residue_auth_comp_id      PRO 
_pdbx_modification_feature.modified_residue_auth_asym_id      A 
_pdbx_modification_feature.modified_residue_auth_seq_id       7 
_pdbx_modification_feature.modified_residue_PDB_ins_code      ? 
_pdbx_modification_feature.modified_residue_symmetry          1_555 
_pdbx_modification_feature.comp_id_linking_atom               N 
_pdbx_modification_feature.modified_residue_id_linking_atom   C 
_pdbx_modification_feature.modified_residue_id                . 
_pdbx_modification_feature.ref_pcm_id                         . 
_pdbx_modification_feature.ref_comp_id                        . 
_pdbx_modification_feature.type                               None 
_pdbx_modification_feature.category                           'Non-standard linkage' 
# 
_pdbx_entry_details.entry_id                   6BEW 
_pdbx_entry_details.compound_details           ? 
_pdbx_entry_details.source_details             ? 
_pdbx_entry_details.nonpolymer_details         ? 
_pdbx_entry_details.sequence_details           ? 
_pdbx_entry_details.has_ligand_of_interest     ? 
_pdbx_entry_details.has_protein_modification   Y 
# 
_pdbx_validate_close_contact.id               1 
_pdbx_validate_close_contact.PDB_model_num    20 
_pdbx_validate_close_contact.auth_atom_id_1   N 
_pdbx_validate_close_contact.auth_asym_id_1   A 
_pdbx_validate_close_contact.auth_comp_id_1   DHI 
_pdbx_validate_close_contact.auth_seq_id_1    1 
_pdbx_validate_close_contact.PDB_ins_code_1   ? 
_pdbx_validate_close_contact.label_alt_id_1   ? 
_pdbx_validate_close_contact.auth_atom_id_2   O 
_pdbx_validate_close_contact.auth_asym_id_2   A 
_pdbx_validate_close_contact.auth_comp_id_2   PRO 
_pdbx_validate_close_contact.auth_seq_id_2    7 
_pdbx_validate_close_contact.PDB_ins_code_2   ? 
_pdbx_validate_close_contact.label_alt_id_2   ? 
_pdbx_validate_close_contact.dist             2.19 
# 
loop_
_pdbx_validate_rmsd_angle.id 
_pdbx_validate_rmsd_angle.PDB_model_num 
_pdbx_validate_rmsd_angle.auth_atom_id_1 
_pdbx_validate_rmsd_angle.auth_asym_id_1 
_pdbx_validate_rmsd_angle.auth_comp_id_1 
_pdbx_validate_rmsd_angle.auth_seq_id_1 
_pdbx_validate_rmsd_angle.PDB_ins_code_1 
_pdbx_validate_rmsd_angle.label_alt_id_1 
_pdbx_validate_rmsd_angle.auth_atom_id_2 
_pdbx_validate_rmsd_angle.auth_asym_id_2 
_pdbx_validate_rmsd_angle.auth_comp_id_2 
_pdbx_validate_rmsd_angle.auth_seq_id_2 
_pdbx_validate_rmsd_angle.PDB_ins_code_2 
_pdbx_validate_rmsd_angle.label_alt_id_2 
_pdbx_validate_rmsd_angle.auth_atom_id_3 
_pdbx_validate_rmsd_angle.auth_asym_id_3 
_pdbx_validate_rmsd_angle.auth_comp_id_3 
_pdbx_validate_rmsd_angle.auth_seq_id_3 
_pdbx_validate_rmsd_angle.PDB_ins_code_3 
_pdbx_validate_rmsd_angle.label_alt_id_3 
_pdbx_validate_rmsd_angle.angle_value 
_pdbx_validate_rmsd_angle.angle_target_value 
_pdbx_validate_rmsd_angle.angle_deviation 
_pdbx_validate_rmsd_angle.angle_standard_deviation 
_pdbx_validate_rmsd_angle.linker_flag 
1 4  C   A DHI 1 ? ? N  A PRO 2 ? ? CA  A PRO 2 ? ? 128.91 119.30 9.61   1.50 Y 
2 8  OE1 A DGL 6 ? ? CD A DGL 6 ? ? OE2 A DGL 6 ? ? 112.89 123.30 -10.41 1.20 N 
3 17 CB  A DAS 3 ? ? CG A DAS 3 ? ? OD2 A DAS 3 ? ? 124.90 118.30 6.60   0.90 N 
4 19 C   A DHI 1 ? ? N  A PRO 2 ? ? CA  A PRO 2 ? ? 128.79 119.30 9.49   1.50 Y 
# 
loop_
_pdbx_validate_torsion.id 
_pdbx_validate_torsion.PDB_model_num 
_pdbx_validate_torsion.auth_comp_id 
_pdbx_validate_torsion.auth_asym_id 
_pdbx_validate_torsion.auth_seq_id 
_pdbx_validate_torsion.PDB_ins_code 
_pdbx_validate_torsion.label_alt_id 
_pdbx_validate_torsion.phi 
_pdbx_validate_torsion.psi 
1  2  DAS A 3 ? ? -59.51 -7.13   
2  3  DAS A 3 ? ? -58.06 -10.84  
3  4  DGN A 4 ? ? 143.59 10.34   
4  5  PRO A 2 ? ? -58.26 -6.68   
5  5  DGL A 6 ? ? 33.08  -92.38  
6  6  DAS A 3 ? ? -68.80 13.93   
7  7  PRO A 2 ? ? -38.85 -30.33  
8  8  DAS A 3 ? ? -62.35 30.60   
9  8  DGL A 6 ? ? 52.36  -109.87 
10 9  DGN A 4 ? ? 146.05 13.75   
11 9  DGL A 6 ? ? 38.81  -95.78  
12 10 DAS A 3 ? ? -49.32 -22.48  
13 10 DGN A 4 ? ? 145.82 20.69   
14 11 DAS A 3 ? ? -56.97 4.16    
15 13 PRO A 2 ? ? -65.17 0.79    
16 13 DAS A 3 ? ? -82.74 8.60    
17 14 DGN A 4 ? ? 146.38 14.75   
18 15 PRO A 2 ? ? -36.64 -38.87  
19 15 DAS A 3 ? ? -53.50 46.76   
20 15 DSN A 5 ? ? 163.23 -104.57 
21 15 DGL A 6 ? ? -38.01 -52.33  
22 16 DAS A 3 ? ? -64.50 9.27    
23 17 DAS A 3 ? ? -46.99 -14.74  
24 18 DAS A 3 ? ? -46.58 -8.50   
25 19 DGN A 4 ? ? 133.97 42.62   
# 
_pdbx_nmr_ensemble.entry_id                                      6BEW 
_pdbx_nmr_ensemble.conformers_calculated_total_number            200 
_pdbx_nmr_ensemble.conformers_submitted_total_number             20 
_pdbx_nmr_ensemble.conformer_selection_criteria                  'structures with the lowest energy' 
_pdbx_nmr_ensemble.representative_conformer                      ? 
_pdbx_nmr_ensemble.average_constraints_per_residue               ? 
_pdbx_nmr_ensemble.average_constraint_violations_per_residue     ? 
_pdbx_nmr_ensemble.maximum_distance_constraint_violation         ? 
_pdbx_nmr_ensemble.average_distance_constraint_violation         ? 
_pdbx_nmr_ensemble.maximum_upper_distance_constraint_violation   ? 
_pdbx_nmr_ensemble.maximum_lower_distance_constraint_violation   ? 
_pdbx_nmr_ensemble.distance_constraint_violation_method          ? 
_pdbx_nmr_ensemble.maximum_torsion_angle_constraint_violation    ? 
_pdbx_nmr_ensemble.average_torsion_angle_constraint_violation    ? 
_pdbx_nmr_ensemble.torsion_angle_constraint_violation_method     ? 
# 
_pdbx_nmr_representative.entry_id             6BEW 
_pdbx_nmr_representative.conformer_id         1 
_pdbx_nmr_representative.selection_criteria   'lowest energy' 
# 
_pdbx_nmr_sample_details.solution_id      1 
_pdbx_nmr_sample_details.contents         '5 mg/mL Design 7.2, 5 % v/v [U-2H] glycerol, 90% H2O/10% D2O' 
_pdbx_nmr_sample_details.solvent_system   '90% H2O/10% D2O' 
_pdbx_nmr_sample_details.label            binos_1 
_pdbx_nmr_sample_details.type             solution 
_pdbx_nmr_sample_details.details          ? 
# 
loop_
_pdbx_nmr_exptl_sample.solution_id 
_pdbx_nmr_exptl_sample.component 
_pdbx_nmr_exptl_sample.concentration 
_pdbx_nmr_exptl_sample.concentration_range 
_pdbx_nmr_exptl_sample.concentration_units 
_pdbx_nmr_exptl_sample.isotopic_labeling 
1 'Design 7.2' 5 ? mg/mL   'natural abundance' 
1 glycerol     5 ? '% v/v' '[U-2H]'            
# 
_pdbx_nmr_exptl_sample_conditions.conditions_id          1 
_pdbx_nmr_exptl_sample_conditions.temperature            278 
_pdbx_nmr_exptl_sample_conditions.pressure_units         atm 
_pdbx_nmr_exptl_sample_conditions.pressure               1 
_pdbx_nmr_exptl_sample_conditions.pH                     5.5 
_pdbx_nmr_exptl_sample_conditions.ionic_strength         0 
_pdbx_nmr_exptl_sample_conditions.details                ? 
_pdbx_nmr_exptl_sample_conditions.ionic_strength_err     ? 
_pdbx_nmr_exptl_sample_conditions.ionic_strength_units   'Not defined' 
_pdbx_nmr_exptl_sample_conditions.label                  conds_1 
_pdbx_nmr_exptl_sample_conditions.pH_err                 ? 
_pdbx_nmr_exptl_sample_conditions.pH_units               pH 
_pdbx_nmr_exptl_sample_conditions.pressure_err           ? 
_pdbx_nmr_exptl_sample_conditions.temperature_err        ? 
_pdbx_nmr_exptl_sample_conditions.temperature_units      K 
# 
loop_
_pdbx_nmr_exptl.experiment_id 
_pdbx_nmr_exptl.conditions_id 
_pdbx_nmr_exptl.solution_id 
_pdbx_nmr_exptl.type 
_pdbx_nmr_exptl.spectrometer_id 
_pdbx_nmr_exptl.sample_state 
1 1 1 '2D 1H-15N HSQC' 2 isotropic 
2 1 1 '2D 1H-1H TOCSY' 2 isotropic 
3 1 1 '2D 1H-1H NOESY' 2 isotropic 
4 1 1 '2D 1H-1H NOESY' 1 isotropic 
5 1 1 '2D 1H-1H TOCSY' 1 isotropic 
# 
_pdbx_nmr_refine.entry_id           6BEW 
_pdbx_nmr_refine.method             'molecular dynamics' 
_pdbx_nmr_refine.details            ? 
_pdbx_nmr_refine.software_ordinal   1 
# 
loop_
_pdbx_nmr_software.ordinal 
_pdbx_nmr_software.classification 
_pdbx_nmr_software.name 
_pdbx_nmr_software.version 
_pdbx_nmr_software.authors 
1 refinement                  GROMACS      2016.1 Abraham                                    
2 'structure calculation'     'X-PLOR NIH' ?      'Schwieters, Kuszewski, Tjandra and Clore' 
3 'chemical shift assignment' Sparky       ?      Goddard                                    
4 'peak picking'              Sparky       ?      Goddard                                    
# 
loop_
_chem_comp_atom.comp_id 
_chem_comp_atom.atom_id 
_chem_comp_atom.type_symbol 
_chem_comp_atom.pdbx_aromatic_flag 
_chem_comp_atom.pdbx_stereo_config 
_chem_comp_atom.pdbx_ordinal 
DAS N    N N N 1   
DAS CA   C N R 2   
DAS C    C N N 3   
DAS O    O N N 4   
DAS CB   C N N 5   
DAS CG   C N N 6   
DAS OD1  O N N 7   
DAS OD2  O N N 8   
DAS OXT  O N N 9   
DAS H    H N N 10  
DAS H2   H N N 11  
DAS HA   H N N 12  
DAS HB2  H N N 13  
DAS HB3  H N N 14  
DAS HD2  H N N 15  
DAS HXT  H N N 16  
DGL N    N N N 17  
DGL CA   C N R 18  
DGL C    C N N 19  
DGL O    O N N 20  
DGL CB   C N N 21  
DGL CG   C N N 22  
DGL CD   C N N 23  
DGL OE1  O N N 24  
DGL OE2  O N N 25  
DGL OXT  O N N 26  
DGL H    H N N 27  
DGL H2   H N N 28  
DGL HA   H N N 29  
DGL HB2  H N N 30  
DGL HB3  H N N 31  
DGL HG2  H N N 32  
DGL HG3  H N N 33  
DGL HE2  H N N 34  
DGL HXT  H N N 35  
DGN N    N N N 36  
DGN CA   C N R 37  
DGN C    C N N 38  
DGN O    O N N 39  
DGN OXT  O N N 40  
DGN CB   C N N 41  
DGN CG   C N N 42  
DGN CD   C N N 43  
DGN OE1  O N N 44  
DGN NE2  N N N 45  
DGN H    H N N 46  
DGN H2   H N N 47  
DGN HA   H N N 48  
DGN HXT  H N N 49  
DGN HB2  H N N 50  
DGN HB3  H N N 51  
DGN HG2  H N N 52  
DGN HG3  H N N 53  
DGN HE21 H N N 54  
DGN HE22 H N N 55  
DHI N    N N N 56  
DHI CA   C N R 57  
DHI C    C N N 58  
DHI O    O N N 59  
DHI CB   C N N 60  
DHI CG   C Y N 61  
DHI ND1  N Y N 62  
DHI CD2  C Y N 63  
DHI CE1  C Y N 64  
DHI NE2  N Y N 65  
DHI OXT  O N N 66  
DHI H    H N N 67  
DHI H2   H N N 68  
DHI HA   H N N 69  
DHI HB2  H N N 70  
DHI HB3  H N N 71  
DHI HD1  H N N 72  
DHI HD2  H N N 73  
DHI HE1  H N N 74  
DHI HE2  H N N 75  
DHI HXT  H N N 76  
DSN N    N N N 77  
DSN CA   C N R 78  
DSN C    C N N 79  
DSN O    O N N 80  
DSN OXT  O N N 81  
DSN CB   C N N 82  
DSN OG   O N N 83  
DSN H    H N N 84  
DSN H2   H N N 85  
DSN HA   H N N 86  
DSN HXT  H N N 87  
DSN HB2  H N N 88  
DSN HB3  H N N 89  
DSN HG   H N N 90  
PRO N    N N N 91  
PRO CA   C N S 92  
PRO C    C N N 93  
PRO O    O N N 94  
PRO CB   C N N 95  
PRO CG   C N N 96  
PRO CD   C N N 97  
PRO OXT  O N N 98  
PRO H    H N N 99  
PRO HA   H N N 100 
PRO HB2  H N N 101 
PRO HB3  H N N 102 
PRO HG2  H N N 103 
PRO HG3  H N N 104 
PRO HD2  H N N 105 
PRO HD3  H N N 106 
PRO HXT  H N N 107 
# 
loop_
_chem_comp_bond.comp_id 
_chem_comp_bond.atom_id_1 
_chem_comp_bond.atom_id_2 
_chem_comp_bond.value_order 
_chem_comp_bond.pdbx_aromatic_flag 
_chem_comp_bond.pdbx_stereo_config 
_chem_comp_bond.pdbx_ordinal 
DAS N   CA   sing N N 1   
DAS N   H    sing N N 2   
DAS N   H2   sing N N 3   
DAS CA  C    sing N N 4   
DAS CA  CB   sing N N 5   
DAS CA  HA   sing N N 6   
DAS C   O    doub N N 7   
DAS C   OXT  sing N N 8   
DAS CB  CG   sing N N 9   
DAS CB  HB2  sing N N 10  
DAS CB  HB3  sing N N 11  
DAS CG  OD1  doub N N 12  
DAS CG  OD2  sing N N 13  
DAS OD2 HD2  sing N N 14  
DAS OXT HXT  sing N N 15  
DGL N   CA   sing N N 16  
DGL N   H    sing N N 17  
DGL N   H2   sing N N 18  
DGL CA  C    sing N N 19  
DGL CA  CB   sing N N 20  
DGL CA  HA   sing N N 21  
DGL C   O    doub N N 22  
DGL C   OXT  sing N N 23  
DGL CB  CG   sing N N 24  
DGL CB  HB2  sing N N 25  
DGL CB  HB3  sing N N 26  
DGL CG  CD   sing N N 27  
DGL CG  HG2  sing N N 28  
DGL CG  HG3  sing N N 29  
DGL CD  OE1  doub N N 30  
DGL CD  OE2  sing N N 31  
DGL OE2 HE2  sing N N 32  
DGL OXT HXT  sing N N 33  
DGN N   CA   sing N N 34  
DGN N   H    sing N N 35  
DGN N   H2   sing N N 36  
DGN CA  C    sing N N 37  
DGN CA  CB   sing N N 38  
DGN CA  HA   sing N N 39  
DGN C   O    doub N N 40  
DGN C   OXT  sing N N 41  
DGN OXT HXT  sing N N 42  
DGN CB  CG   sing N N 43  
DGN CB  HB2  sing N N 44  
DGN CB  HB3  sing N N 45  
DGN CG  CD   sing N N 46  
DGN CG  HG2  sing N N 47  
DGN CG  HG3  sing N N 48  
DGN CD  OE1  doub N N 49  
DGN CD  NE2  sing N N 50  
DGN NE2 HE21 sing N N 51  
DGN NE2 HE22 sing N N 52  
DHI N   CA   sing N N 53  
DHI N   H    sing N N 54  
DHI N   H2   sing N N 55  
DHI CA  C    sing N N 56  
DHI CA  CB   sing N N 57  
DHI CA  HA   sing N N 58  
DHI C   O    doub N N 59  
DHI C   OXT  sing N N 60  
DHI CB  CG   sing N N 61  
DHI CB  HB2  sing N N 62  
DHI CB  HB3  sing N N 63  
DHI CG  ND1  sing Y N 64  
DHI CG  CD2  doub Y N 65  
DHI ND1 CE1  doub Y N 66  
DHI ND1 HD1  sing N N 67  
DHI CD2 NE2  sing Y N 68  
DHI CD2 HD2  sing N N 69  
DHI CE1 NE2  sing Y N 70  
DHI CE1 HE1  sing N N 71  
DHI NE2 HE2  sing N N 72  
DHI OXT HXT  sing N N 73  
DSN N   CA   sing N N 74  
DSN N   H    sing N N 75  
DSN N   H2   sing N N 76  
DSN CA  C    sing N N 77  
DSN CA  CB   sing N N 78  
DSN CA  HA   sing N N 79  
DSN C   O    doub N N 80  
DSN C   OXT  sing N N 81  
DSN OXT HXT  sing N N 82  
DSN CB  OG   sing N N 83  
DSN CB  HB2  sing N N 84  
DSN CB  HB3  sing N N 85  
DSN OG  HG   sing N N 86  
PRO N   CA   sing N N 87  
PRO N   CD   sing N N 88  
PRO N   H    sing N N 89  
PRO CA  C    sing N N 90  
PRO CA  CB   sing N N 91  
PRO CA  HA   sing N N 92  
PRO C   O    doub N N 93  
PRO C   OXT  sing N N 94  
PRO CB  CG   sing N N 95  
PRO CB  HB2  sing N N 96  
PRO CB  HB3  sing N N 97  
PRO CG  CD   sing N N 98  
PRO CG  HG2  sing N N 99  
PRO CG  HG3  sing N N 100 
PRO CD  HD2  sing N N 101 
PRO CD  HD3  sing N N 102 
PRO OXT HXT  sing N N 103 
# 
_pdbx_audit_support.funding_organization   'Department of Health & Human Services (HHS)' 
_pdbx_audit_support.country                'United States' 
_pdbx_audit_support.grant_number           5R01GM103834 
_pdbx_audit_support.ordinal                1 
# 
loop_
_pdbx_nmr_spectrometer.spectrometer_id 
_pdbx_nmr_spectrometer.model 
_pdbx_nmr_spectrometer.type 
_pdbx_nmr_spectrometer.manufacturer 
_pdbx_nmr_spectrometer.field_strength 
_pdbx_nmr_spectrometer.details 
1 DRX          ? Bruker 500 ? 
2 'AVANCE III' ? Bruker 800 ? 
# 
_atom_sites.entry_id                    6BEW 
_atom_sites.fract_transf_matrix[1][1]   1.000000 
_atom_sites.fract_transf_matrix[1][2]   0.000000 
_atom_sites.fract_transf_matrix[1][3]   0.000000 
_atom_sites.fract_transf_matrix[2][1]   0.000000 
_atom_sites.fract_transf_matrix[2][2]   1.000000 
_atom_sites.fract_transf_matrix[2][3]   0.000000 
_atom_sites.fract_transf_matrix[3][1]   0.000000 
_atom_sites.fract_transf_matrix[3][2]   0.000000 
_atom_sites.fract_transf_matrix[3][3]   1.000000 
_atom_sites.fract_transf_vector[1]      0.00000 
_atom_sites.fract_transf_vector[2]      0.00000 
_atom_sites.fract_transf_vector[3]      0.00000 
# 
loop_
_atom_type.symbol 
C 
H 
N 
O 
# 
loop_
_atom_site.group_PDB 
_atom_site.id 
_atom_site.type_symbol 
_atom_site.label_atom_id 
_atom_site.label_alt_id 
_atom_site.label_comp_id 
_atom_site.label_asym_id 
_atom_site.label_entity_id 
_atom_site.label_seq_id 
_atom_site.pdbx_PDB_ins_code 
_atom_site.Cartn_x 
_atom_site.Cartn_y 
_atom_site.Cartn_z 
_atom_site.occupancy 
_atom_site.B_iso_or_equiv 
_atom_site.pdbx_formal_charge 
_atom_site.auth_seq_id 
_atom_site.auth_comp_id 
_atom_site.auth_asym_id 
_atom_site.auth_atom_id 
_atom_site.pdbx_PDB_model_num 
HETATM 1    N N    . DHI A 1 1 ? 2.258  0.869  0.562  1.00 0.00 ?  1 DHI A N    1  
HETATM 2    C CA   . DHI A 1 1 ? 2.319  1.139  -0.857 1.00 0.00 ?  1 DHI A CA   1  
HETATM 3    C C    . DHI A 1 1 ? 1.575  0.020  -1.584 1.00 0.00 ?  1 DHI A C    1  
HETATM 4    O O    . DHI A 1 1 ? 0.353  0.084  -1.742 1.00 0.00 ?  1 DHI A O    1  
HETATM 5    C CB   . DHI A 1 1 ? 1.672  2.490  -1.122 1.00 0.00 ?  1 DHI A CB   1  
HETATM 6    C CG   . DHI A 1 1 ? 2.370  3.650  -0.466 1.00 0.00 ?  1 DHI A CG   1  
HETATM 7    N ND1  . DHI A 1 1 ? 2.201  4.113  0.827  1.00 0.00 ?  1 DHI A ND1  1  
HETATM 8    C CD2  . DHI A 1 1 ? 3.308  4.455  -1.078 1.00 0.00 ?  1 DHI A CD2  1  
HETATM 9    C CE1  . DHI A 1 1 ? 2.999  5.187  0.932  1.00 0.00 ?  1 DHI A CE1  1  
HETATM 10   N NE2  . DHI A 1 1 ? 3.684  5.447  -0.194 1.00 0.00 ?  1 DHI A NE2  1  
HETATM 11   H H1   . DHI A 1 1 ? 1.514  1.267  1.118  1.00 0.00 ?  1 DHI A H1   1  
HETATM 12   H HA   . DHI A 1 1 ? 3.346  1.121  -1.226 1.00 0.00 ?  1 DHI A HA   1  
HETATM 13   H HB2  . DHI A 1 1 ? 0.664  2.356  -0.732 1.00 0.00 ?  1 DHI A HB2  1  
HETATM 14   H HB3  . DHI A 1 1 ? 1.534  2.711  -2.176 1.00 0.00 ?  1 DHI A HB3  1  
HETATM 15   H HD1  . DHI A 1 1 ? 1.499  3.727  1.452  1.00 0.00 ?  1 DHI A HD1  1  
HETATM 16   H HD2  . DHI A 1 1 ? 3.601  4.482  -2.117 1.00 0.00 ?  1 DHI A HD2  1  
HETATM 17   H HE1  . DHI A 1 1 ? 2.928  5.751  1.845  1.00 0.00 ?  1 DHI A HE1  1  
HETATM 18   H HE2  . DHI A 1 1 ? 4.227  6.287  -0.362 1.00 0.00 ?  1 DHI A HE2  1  
ATOM   19   N N    . PRO A 1 2 ? 2.273  -1.018 -2.029 1.00 0.00 ?  2 PRO A N    1  
ATOM   20   C CA   . PRO A 1 2 ? 1.870  -1.959 -3.062 1.00 0.00 ?  2 PRO A CA   1  
ATOM   21   C C    . PRO A 1 2 ? 0.500  -2.609 -2.941 1.00 0.00 ?  2 PRO A C    1  
ATOM   22   O O    . PRO A 1 2 ? -0.202 -2.726 -3.948 1.00 0.00 ?  2 PRO A O    1  
ATOM   23   C CB   . PRO A 1 2 ? 2.991  -2.971 -3.276 1.00 0.00 ?  2 PRO A CB   1  
ATOM   24   C CG   . PRO A 1 2 ? 3.847  -2.875 -2.008 1.00 0.00 ?  2 PRO A CG   1  
ATOM   25   C CD   . PRO A 1 2 ? 3.609  -1.421 -1.643 1.00 0.00 ?  2 PRO A CD   1  
ATOM   26   H HA   . PRO A 1 2 ? 1.771  -1.367 -3.974 1.00 0.00 ?  2 PRO A HA   1  
ATOM   27   H HB2  . PRO A 1 2 ? 2.610  -3.966 -3.498 1.00 0.00 ?  2 PRO A HB2  1  
ATOM   28   H HB3  . PRO A 1 2 ? 3.567  -2.741 -4.176 1.00 0.00 ?  2 PRO A HB3  1  
ATOM   29   H HG2  . PRO A 1 2 ? 3.460  -3.584 -1.279 1.00 0.00 ?  2 PRO A HG2  1  
ATOM   30   H HG3  . PRO A 1 2 ? 4.852  -3.208 -2.265 1.00 0.00 ?  2 PRO A HG3  1  
ATOM   31   H HD2  . PRO A 1 2 ? 3.696  -1.224 -0.571 1.00 0.00 ?  2 PRO A HD2  1  
ATOM   32   H HD3  . PRO A 1 2 ? 4.313  -0.774 -2.177 1.00 0.00 ?  2 PRO A HD3  1  
HETATM 33   N N    . DAS A 1 3 ? -0.008 -2.981 -1.769 1.00 0.00 ?  3 DAS A N    1  
HETATM 34   C CA   . DAS A 1 3 ? -1.367 -3.475 -1.663 1.00 0.00 ?  3 DAS A CA   1  
HETATM 35   C C    . DAS A 1 3 ? -2.515 -2.569 -2.112 1.00 0.00 ?  3 DAS A C    1  
HETATM 36   O O    . DAS A 1 3 ? -3.511 -3.050 -2.631 1.00 0.00 ?  3 DAS A O    1  
HETATM 37   C CB   . DAS A 1 3 ? -1.451 -4.940 -2.103 1.00 0.00 ?  3 DAS A CB   1  
HETATM 38   C CG   . DAS A 1 3 ? -0.425 -5.818 -1.400 1.00 0.00 ?  3 DAS A CG   1  
HETATM 39   O OD1  . DAS A 1 3 ? 0.134  -5.468 -0.336 1.00 0.00 -1 3 DAS A OD1  1  
HETATM 40   O OD2  . DAS A 1 3 ? -0.427 -7.020 -1.717 1.00 0.00 ?  3 DAS A OD2  1  
HETATM 41   H H    . DAS A 1 3 ? 0.466  -2.789 -0.893 1.00 0.00 ?  3 DAS A H    1  
HETATM 42   H HA   . DAS A 1 3 ? -1.499 -3.558 -0.592 1.00 0.00 ?  3 DAS A HA   1  
HETATM 43   H HB2  . DAS A 1 3 ? -1.375 -4.836 -3.178 1.00 0.00 ?  3 DAS A HB2  1  
HETATM 44   H HB3  . DAS A 1 3 ? -2.390 -5.459 -1.936 1.00 0.00 ?  3 DAS A HB3  1  
HETATM 45   N N    . DGN A 1 4 ? -2.385 -1.255 -1.914 1.00 0.00 ?  4 DGN A N    1  
HETATM 46   C CA   . DGN A 1 4 ? -3.371 -0.212 -2.076 1.00 0.00 ?  4 DGN A CA   1  
HETATM 47   C C    . DGN A 1 4 ? -3.427 0.895  -1.047 1.00 0.00 ?  4 DGN A C    1  
HETATM 48   O O    . DGN A 1 4 ? -4.445 1.576  -0.881 1.00 0.00 ?  4 DGN A O    1  
HETATM 49   C CB   . DGN A 1 4 ? -3.393 0.294  -3.521 1.00 0.00 ?  4 DGN A CB   1  
HETATM 50   C CG   . DGN A 1 4 ? -2.199 1.127  -3.973 1.00 0.00 ?  4 DGN A CG   1  
HETATM 51   C CD   . DGN A 1 4 ? -1.604 0.676  -5.301 1.00 0.00 ?  4 DGN A CD   1  
HETATM 52   O OE1  . DGN A 1 4 ? -1.645 1.349  -6.326 1.00 0.00 ?  4 DGN A OE1  1  
HETATM 53   N NE2  . DGN A 1 4 ? -1.058 -0.533 -5.385 1.00 0.00 ?  4 DGN A NE2  1  
HETATM 54   H H    . DGN A 1 4 ? -1.467 -0.933 -1.644 1.00 0.00 ?  4 DGN A H    1  
HETATM 55   H HA   . DGN A 1 4 ? -4.324 -0.728 -1.973 1.00 0.00 ?  4 DGN A HA   1  
HETATM 56   H HB2  . DGN A 1 4 ? -4.338 0.793  -3.741 1.00 0.00 ?  4 DGN A HB2  1  
HETATM 57   H HB3  . DGN A 1 4 ? -3.417 -0.601 -4.151 1.00 0.00 ?  4 DGN A HB3  1  
HETATM 58   H HG2  . DGN A 1 4 ? -1.414 1.224  -3.225 1.00 0.00 ?  4 DGN A HG2  1  
HETATM 59   H HG3  . DGN A 1 4 ? -2.562 2.114  -4.226 1.00 0.00 ?  4 DGN A HG3  1  
HETATM 60   H HE21 . DGN A 1 4 ? -0.985 -1.078 -4.531 1.00 0.00 ?  4 DGN A HE21 1  
HETATM 61   H HE22 . DGN A 1 4 ? -1.042 -0.874 -6.333 1.00 0.00 ?  4 DGN A HE22 1  
HETATM 62   N N    . DSN A 1 5 ? -2.329 1.237  -0.373 1.00 0.00 ?  5 DSN A N    1  
HETATM 63   C CA   . DSN A 1 5 ? -2.268 2.116  0.779  1.00 0.00 ?  5 DSN A CA   1  
HETATM 64   C C    . DSN A 1 5 ? -1.217 1.667  1.775  1.00 0.00 ?  5 DSN A C    1  
HETATM 65   O O    . DSN A 1 5 ? -0.439 0.800  1.386  1.00 0.00 ?  5 DSN A O    1  
HETATM 66   C CB   . DSN A 1 5 ? -2.091 3.571  0.362  1.00 0.00 ?  5 DSN A CB   1  
HETATM 67   O OG   . DSN A 1 5 ? -0.764 4.038  0.207  1.00 0.00 ?  5 DSN A OG   1  
HETATM 68   H H    . DSN A 1 5 ? -1.471 0.779  -0.648 1.00 0.00 ?  5 DSN A H    1  
HETATM 69   H HA   . DSN A 1 5 ? -3.214 1.999  1.302  1.00 0.00 ?  5 DSN A HA   1  
HETATM 70   H HB2  . DSN A 1 5 ? -2.612 4.198  1.084  1.00 0.00 ?  5 DSN A HB2  1  
HETATM 71   H HB3  . DSN A 1 5 ? -2.566 3.744  -0.601 1.00 0.00 ?  5 DSN A HB3  1  
HETATM 72   H HG   . DSN A 1 5 ? -0.810 4.808  -0.364 1.00 0.00 ?  5 DSN A HG   1  
HETATM 73   N N    . DGL A 1 6 ? -1.160 2.248  2.983  1.00 0.00 ?  6 DGL A N    1  
HETATM 74   C CA   . DGL A 1 6 ? -0.389 1.586  4.011  1.00 0.00 ?  6 DGL A CA   1  
HETATM 75   C C    . DGL A 1 6 ? 1.053  1.765  3.562  1.00 0.00 ?  6 DGL A C    1  
HETATM 76   O O    . DGL A 1 6 ? 1.460  2.858  3.201  1.00 0.00 ?  6 DGL A O    1  
HETATM 77   C CB   . DGL A 1 6 ? -0.707 2.129  5.410  1.00 0.00 ?  6 DGL A CB   1  
HETATM 78   C CG   . DGL A 1 6 ? -0.065 1.248  6.470  1.00 0.00 ?  6 DGL A CG   1  
HETATM 79   C CD   . DGL A 1 6 ? -0.129 1.996  7.790  1.00 0.00 ?  6 DGL A CD   1  
HETATM 80   O OE1  . DGL A 1 6 ? 0.707  2.915  7.916  1.00 0.00 ?  6 DGL A OE1  1  
HETATM 81   O OE2  . DGL A 1 6 ? -1.028 1.695  8.606  1.00 0.00 -1 6 DGL A OE2  1  
HETATM 82   H H    . DGL A 1 6 ? -1.592 3.143  3.145  1.00 0.00 ?  6 DGL A H    1  
HETATM 83   H HA   . DGL A 1 6 ? -0.655 0.532  4.060  1.00 0.00 ?  6 DGL A HA   1  
HETATM 84   H HB2  . DGL A 1 6 ? -1.785 2.127  5.535  1.00 0.00 ?  6 DGL A HB2  1  
HETATM 85   H HB3  . DGL A 1 6 ? -0.344 3.156  5.471  1.00 0.00 ?  6 DGL A HB3  1  
HETATM 86   H HG2  . DGL A 1 6 ? 0.982  1.118  6.188  1.00 0.00 ?  6 DGL A HG2  1  
HETATM 87   H HG3  . DGL A 1 6 ? -0.500 0.254  6.587  1.00 0.00 ?  6 DGL A HG3  1  
ATOM   88   N N    . PRO A 1 7 ? 1.840  0.714  3.330  1.00 0.00 ?  7 PRO A N    1  
ATOM   89   C CA   . PRO A 1 7 ? 3.205  0.806  2.868  1.00 0.00 ?  7 PRO A CA   1  
ATOM   90   C C    . PRO A 1 7 ? 3.267  1.149  1.389  1.00 0.00 ?  7 PRO A C    1  
ATOM   91   O O    . PRO A 1 7 ? 4.263  1.701  0.919  1.00 0.00 ?  7 PRO A O    1  
ATOM   92   C CB   . PRO A 1 7 ? 3.848  -0.528 3.216  1.00 0.00 ?  7 PRO A CB   1  
ATOM   93   C CG   . PRO A 1 7 ? 2.887  -1.315 4.104  1.00 0.00 ?  7 PRO A CG   1  
ATOM   94   C CD   . PRO A 1 7 ? 1.558  -0.650 3.748  1.00 0.00 ?  7 PRO A CD   1  
ATOM   95   H HA   . PRO A 1 7 ? 3.706  1.595  3.431  1.00 0.00 ?  7 PRO A HA   1  
ATOM   96   H HB2  . PRO A 1 7 ? 4.087  -1.150 2.346  1.00 0.00 ?  7 PRO A HB2  1  
ATOM   97   H HB3  . PRO A 1 7 ? 4.742  -0.373 3.815  1.00 0.00 ?  7 PRO A HB3  1  
ATOM   98   H HG2  . PRO A 1 7 ? 2.827  -2.348 3.764  1.00 0.00 ?  7 PRO A HG2  1  
ATOM   99   H HG3  . PRO A 1 7 ? 3.202  -1.033 5.105  1.00 0.00 ?  7 PRO A HG3  1  
ATOM   100  H HD2  . PRO A 1 7 ? 1.121  -1.199 2.924  1.00 0.00 ?  7 PRO A HD2  1  
ATOM   101  H HD3  . PRO A 1 7 ? 0.867  -0.664 4.594  1.00 0.00 ?  7 PRO A HD3  1  
HETATM 102  N N    . DHI A 1 1 ? 2.641  0.599  0.930  1.00 0.00 ?  1 DHI A N    2  
HETATM 103  C CA   . DHI A 1 1 ? 2.908  0.656  -0.499 1.00 0.00 ?  1 DHI A CA   2  
HETATM 104  C C    . DHI A 1 1 ? 1.838  -0.033 -1.326 1.00 0.00 ?  1 DHI A C    2  
HETATM 105  O O    . DHI A 1 1 ? 0.665  0.203  -1.048 1.00 0.00 ?  1 DHI A O    2  
HETATM 106  C CB   . DHI A 1 1 ? 3.111  2.096  -0.969 1.00 0.00 ?  1 DHI A CB   2  
HETATM 107  C CG   . DHI A 1 1 ? 4.220  2.777  -0.222 1.00 0.00 ?  1 DHI A CG   2  
HETATM 108  N ND1  . DHI A 1 1 ? 5.571  2.513  -0.453 1.00 0.00 ?  1 DHI A ND1  2  
HETATM 109  C CD2  . DHI A 1 1 ? 4.175  3.761  0.737  1.00 0.00 ?  1 DHI A CD2  2  
HETATM 110  C CE1  . DHI A 1 1 ? 6.272  3.232  0.437  1.00 0.00 ?  1 DHI A CE1  2  
HETATM 111  N NE2  . DHI A 1 1 ? 5.462  3.994  1.187  1.00 0.00 ?  1 DHI A NE2  2  
HETATM 112  H H1   . DHI A 1 1 ? 1.794  0.965  1.338  1.00 0.00 ?  1 DHI A H1   2  
HETATM 113  H HA   . DHI A 1 1 ? 3.874  0.231  -0.793 1.00 0.00 ?  1 DHI A HA   2  
HETATM 114  H HB2  . DHI A 1 1 ? 2.224  2.711  -0.921 1.00 0.00 ?  1 DHI A HB2  2  
HETATM 115  H HB3  . DHI A 1 1 ? 3.408  2.109  -2.017 1.00 0.00 ?  1 DHI A HB3  2  
HETATM 116  H HD1  . DHI A 1 1 ? 6.025  1.939  -1.139 1.00 0.00 ?  1 DHI A HD1  2  
HETATM 117  H HD2  . DHI A 1 1 ? 3.256  4.202  1.069  1.00 0.00 ?  1 DHI A HD2  2  
HETATM 118  H HE1  . DHI A 1 1 ? 7.344  3.178  0.501  1.00 0.00 ?  1 DHI A HE1  2  
HETATM 119  H HE2  . DHI A 1 1 ? 5.690  4.670  1.903  1.00 0.00 ?  1 DHI A HE2  2  
ATOM   120  N N    . PRO A 1 2 ? 2.172  -0.722 -2.421 1.00 0.00 ?  2 PRO A N    2  
ATOM   121  C CA   . PRO A 1 2 ? 1.290  -1.117 -3.506 1.00 0.00 ?  2 PRO A CA   2  
ATOM   122  C C    . PRO A 1 2 ? 0.182  -2.112 -3.182 1.00 0.00 ?  2 PRO A C    2  
ATOM   123  O O    . PRO A 1 2 ? -0.463 -2.454 -4.173 1.00 0.00 ?  2 PRO A O    2  
ATOM   124  C CB   . PRO A 1 2 ? 2.269  -1.522 -4.602 1.00 0.00 ?  2 PRO A CB   2  
ATOM   125  C CG   . PRO A 1 2 ? 3.434  -2.188 -3.877 1.00 0.00 ?  2 PRO A CG   2  
ATOM   126  C CD   . PRO A 1 2 ? 3.498  -1.252 -2.667 1.00 0.00 ?  2 PRO A CD   2  
ATOM   127  H HA   . PRO A 1 2 ? 0.774  -0.211 -3.830 1.00 0.00 ?  2 PRO A HA   2  
ATOM   128  H HB2  . PRO A 1 2 ? 1.761  -2.267 -5.213 1.00 0.00 ?  2 PRO A HB2  2  
ATOM   129  H HB3  . PRO A 1 2 ? 2.657  -0.644 -5.120 1.00 0.00 ?  2 PRO A HB3  2  
ATOM   130  H HG2  . PRO A 1 2 ? 3.147  -3.193 -3.554 1.00 0.00 ?  2 PRO A HG2  2  
ATOM   131  H HG3  . PRO A 1 2 ? 4.350  -2.165 -4.457 1.00 0.00 ?  2 PRO A HG3  2  
ATOM   132  H HD2  . PRO A 1 2 ? 3.837  -1.707 -1.735 1.00 0.00 ?  2 PRO A HD2  2  
ATOM   133  H HD3  . PRO A 1 2 ? 4.191  -0.475 -2.986 1.00 0.00 ?  2 PRO A HD3  2  
HETATM 134  N N    . DAS A 1 3 ? 0.038  -2.692 -1.990 1.00 0.00 ?  3 DAS A N    2  
HETATM 135  C CA   . DAS A 1 3 ? -1.071 -3.529 -1.595 1.00 0.00 ?  3 DAS A CA   2  
HETATM 136  C C    . DAS A 1 3 ? -2.402 -2.788 -1.682 1.00 0.00 ?  3 DAS A C    2  
HETATM 137  O O    . DAS A 1 3 ? -3.386 -3.481 -1.437 1.00 0.00 ?  3 DAS A O    2  
HETATM 138  C CB   . DAS A 1 3 ? -1.124 -4.897 -2.266 1.00 0.00 ?  3 DAS A CB   2  
HETATM 139  C CG   . DAS A 1 3 ? 0.153  -5.707 -2.096 1.00 0.00 ?  3 DAS A CG   2  
HETATM 140  O OD1  . DAS A 1 3 ? 0.575  -5.885 -0.923 1.00 0.00 -1 3 DAS A OD1  2  
HETATM 141  O OD2  . DAS A 1 3 ? 0.779  -6.209 -3.045 1.00 0.00 ?  3 DAS A OD2  2  
HETATM 142  H H    . DAS A 1 3 ? 0.728  -2.386 -1.321 1.00 0.00 ?  3 DAS A H    2  
HETATM 143  H HA   . DAS A 1 3 ? -0.969 -3.677 -0.524 1.00 0.00 ?  3 DAS A HA   2  
HETATM 144  H HB2  . DAS A 1 3 ? -1.359 -4.836 -3.324 1.00 0.00 ?  3 DAS A HB2  2  
HETATM 145  H HB3  . DAS A 1 3 ? -1.895 -5.522 -1.807 1.00 0.00 ?  3 DAS A HB3  2  
HETATM 146  N N    . DGN A 1 4 ? -2.510 -1.479 -1.945 1.00 0.00 ?  4 DGN A N    2  
HETATM 147  C CA   . DGN A 1 4 ? -3.717 -0.680 -1.896 1.00 0.00 ?  4 DGN A CA   2  
HETATM 148  C C    . DGN A 1 4 ? -3.608 0.560  -1.010 1.00 0.00 ?  4 DGN A C    2  
HETATM 149  O O    . DGN A 1 4 ? -4.593 1.229  -0.725 1.00 0.00 ?  4 DGN A O    2  
HETATM 150  C CB   . DGN A 1 4 ? -4.146 -0.381 -3.329 1.00 0.00 ?  4 DGN A CB   2  
HETATM 151  C CG   . DGN A 1 4 ? -3.765 0.936  -3.999 1.00 0.00 ?  4 DGN A CG   2  
HETATM 152  C CD   . DGN A 1 4 ? -2.278 1.079  -4.304 1.00 0.00 ?  4 DGN A CD   2  
HETATM 153  O OE1  . DGN A 1 4 ? -1.735 0.528  -5.258 1.00 0.00 ?  4 DGN A OE1  2  
HETATM 154  N NE2  . DGN A 1 4 ? -1.546 1.630  -3.343 1.00 0.00 ?  4 DGN A NE2  2  
HETATM 155  H H    . DGN A 1 4 ? -1.650 -0.999 -2.142 1.00 0.00 ?  4 DGN A H    2  
HETATM 156  H HA   . DGN A 1 4 ? -4.502 -1.300 -1.465 1.00 0.00 ?  4 DGN A HA   2  
HETATM 157  H HB2  . DGN A 1 4 ? -5.231 -0.393 -3.273 1.00 0.00 ?  4 DGN A HB2  2  
HETATM 158  H HB3  . DGN A 1 4 ? -3.855 -1.251 -3.919 1.00 0.00 ?  4 DGN A HB3  2  
HETATM 159  H HG2  . DGN A 1 4 ? -4.128 1.846  -3.516 1.00 0.00 ?  4 DGN A HG2  2  
HETATM 160  H HG3  . DGN A 1 4 ? -4.262 0.950  -4.959 1.00 0.00 ?  4 DGN A HG3  2  
HETATM 161  H HE21 . DGN A 1 4 ? -1.966 2.104  -2.560 1.00 0.00 ?  4 DGN A HE21 2  
HETATM 162  H HE22 . DGN A 1 4 ? -0.578 1.771  -3.595 1.00 0.00 ?  4 DGN A HE22 2  
HETATM 163  N N    . DSN A 1 5 ? -2.441 0.919  -0.468 1.00 0.00 ?  5 DSN A N    2  
HETATM 164  C CA   . DSN A 1 5 ? -2.229 2.028  0.437  1.00 0.00 ?  5 DSN A CA   2  
HETATM 165  C C    . DSN A 1 5 ? -1.504 1.584  1.695  1.00 0.00 ?  5 DSN A C    2  
HETATM 166  O O    . DSN A 1 5 ? -1.077 0.431  1.773  1.00 0.00 ?  5 DSN A O    2  
HETATM 167  C CB   . DSN A 1 5 ? -1.583 3.263  -0.180 1.00 0.00 ?  5 DSN A CB   2  
HETATM 168  O OG   . DSN A 1 5 ? -2.084 3.671  -1.425 1.00 0.00 ?  5 DSN A OG   2  
HETATM 169  H H    . DSN A 1 5 ? -1.642 0.402  -0.806 1.00 0.00 ?  5 DSN A H    2  
HETATM 170  H HA   . DSN A 1 5 ? -3.183 2.487  0.733  1.00 0.00 ?  5 DSN A HA   2  
HETATM 171  H HB2  . DSN A 1 5 ? -0.514 3.058  -0.274 1.00 0.00 ?  5 DSN A HB2  2  
HETATM 172  H HB3  . DSN A 1 5 ? -1.627 4.037  0.587  1.00 0.00 ?  5 DSN A HB3  2  
HETATM 173  H HG   . DSN A 1 5 ? -1.616 4.491  -1.597 1.00 0.00 ?  5 DSN A HG   2  
HETATM 174  N N    . DGL A 1 6 ? -1.233 2.466  2.665  1.00 0.00 ?  6 DGL A N    2  
HETATM 175  C CA   . DGL A 1 6 ? -0.322 2.173  3.743  1.00 0.00 ?  6 DGL A CA   2  
HETATM 176  C C    . DGL A 1 6 ? 1.076  1.840  3.236  1.00 0.00 ?  6 DGL A C    2  
HETATM 177  O O    . DGL A 1 6 ? 1.598  2.703  2.533  1.00 0.00 ?  6 DGL A O    2  
HETATM 178  C CB   . DGL A 1 6 ? -0.274 3.239  4.837  1.00 0.00 ?  6 DGL A CB   2  
HETATM 179  C CG   . DGL A 1 6 ? -1.492 3.172  5.749  1.00 0.00 ?  6 DGL A CG   2  
HETATM 180  C CD   . DGL A 1 6 ? -1.455 4.173  6.898  1.00 0.00 ?  6 DGL A CD   2  
HETATM 181  O OE1  . DGL A 1 6 ? -2.449 4.785  7.347  1.00 0.00 ?  6 DGL A OE1  2  
HETATM 182  O OE2  . DGL A 1 6 ? -0.384 4.321  7.532  1.00 0.00 -1 6 DGL A OE2  2  
HETATM 183  H H    . DGL A 1 6 ? -1.568 3.422  2.597  1.00 0.00 ?  6 DGL A H    2  
HETATM 184  H HA   . DGL A 1 6 ? -0.625 1.228  4.192  1.00 0.00 ?  6 DGL A HA   2  
HETATM 185  H HB2  . DGL A 1 6 ? -0.113 4.201  4.343  1.00 0.00 ?  6 DGL A HB2  2  
HETATM 186  H HB3  . DGL A 1 6 ? 0.662  3.107  5.382  1.00 0.00 ?  6 DGL A HB3  2  
HETATM 187  H HG2  . DGL A 1 6 ? -1.459 2.182  6.211  1.00 0.00 ?  6 DGL A HG2  2  
HETATM 188  H HG3  . DGL A 1 6 ? -2.372 3.355  5.134  1.00 0.00 ?  6 DGL A HG3  2  
ATOM   189  N N    . PRO A 1 7 ? 1.752  0.748  3.617  1.00 0.00 ?  7 PRO A N    2  
ATOM   190  C CA   . PRO A 1 7 ? 3.141  0.469  3.316  1.00 0.00 ?  7 PRO A CA   2  
ATOM   191  C C    . PRO A 1 7 ? 3.579  0.410  1.857  1.00 0.00 ?  7 PRO A C    2  
ATOM   192  O O    . PRO A 1 7 ? 4.754  0.279  1.527  1.00 0.00 ?  7 PRO A O    2  
ATOM   193  C CB   . PRO A 1 7 ? 3.490  -0.855 3.993  1.00 0.00 ?  7 PRO A CB   2  
ATOM   194  C CG   . PRO A 1 7 ? 2.600  -0.861 5.236  1.00 0.00 ?  7 PRO A CG   2  
ATOM   195  C CD   . PRO A 1 7 ? 1.371  -0.198 4.637  1.00 0.00 ?  7 PRO A CD   2  
ATOM   196  H HA   . PRO A 1 7 ? 3.752  1.234  3.804  1.00 0.00 ?  7 PRO A HA   2  
ATOM   197  H HB2  . PRO A 1 7 ? 3.379  -1.656 3.256  1.00 0.00 ?  7 PRO A HB2  2  
ATOM   198  H HB3  . PRO A 1 7 ? 4.544  -0.906 4.264  1.00 0.00 ?  7 PRO A HB3  2  
ATOM   199  H HG2  . PRO A 1 7 ? 2.387  -1.880 5.577  1.00 0.00 ?  7 PRO A HG2  2  
ATOM   200  H HG3  . PRO A 1 7 ? 3.079  -0.214 5.975  1.00 0.00 ?  7 PRO A HG3  2  
ATOM   201  H HD2  . PRO A 1 7 ? 0.773  -0.971 4.144  1.00 0.00 ?  7 PRO A HD2  2  
ATOM   202  H HD3  . PRO A 1 7 ? 0.777  0.272  5.421  1.00 0.00 ?  7 PRO A HD3  2  
HETATM 203  N N    . DHI A 1 1 ? 2.591  0.731  0.577  1.00 0.00 ?  1 DHI A N    3  
HETATM 204  C CA   . DHI A 1 1 ? 2.757  1.085  -0.816 1.00 0.00 ?  1 DHI A CA   3  
HETATM 205  C C    . DHI A 1 1 ? 1.786  0.206  -1.595 1.00 0.00 ?  1 DHI A C    3  
HETATM 206  O O    . DHI A 1 1 ? 0.660  0.662  -1.800 1.00 0.00 ?  1 DHI A O    3  
HETATM 207  C CB   . DHI A 1 1 ? 2.488  2.579  -0.967 1.00 0.00 ?  1 DHI A CB   3  
HETATM 208  C CG   . DHI A 1 1 ? 3.482  3.444  -0.253 1.00 0.00 ?  1 DHI A CG   3  
HETATM 209  N ND1  . DHI A 1 1 ? 4.855  3.306  -0.340 1.00 0.00 ?  1 DHI A ND1  3  
HETATM 210  C CD2  . DHI A 1 1 ? 3.182  4.436  0.649  1.00 0.00 ?  1 DHI A CD2  3  
HETATM 211  C CE1  . DHI A 1 1 ? 5.380  4.204  0.506  1.00 0.00 ?  1 DHI A CE1  3  
HETATM 212  N NE2  . DHI A 1 1 ? 4.396  4.926  1.076  1.00 0.00 ?  1 DHI A NE2  3  
HETATM 213  H H1   . DHI A 1 1 ? 2.208  -0.158 0.873  1.00 0.00 ?  1 DHI A H1   3  
HETATM 214  H HA   . DHI A 1 1 ? 3.807  0.997  -1.090 1.00 0.00 ?  1 DHI A HA   3  
HETATM 215  H HB2  . DHI A 1 1 ? 1.489  2.787  -0.577 1.00 0.00 ?  1 DHI A HB2  3  
HETATM 216  H HB3  . DHI A 1 1 ? 2.448  2.789  -2.034 1.00 0.00 ?  1 DHI A HB3  3  
HETATM 217  H HD1  . DHI A 1 1 ? 5.324  2.552  -0.818 1.00 0.00 ?  1 DHI A HD1  3  
HETATM 218  H HD2  . DHI A 1 1 ? 2.220  4.738  1.047  1.00 0.00 ?  1 DHI A HD2  3  
HETATM 219  H HE1  . DHI A 1 1 ? 6.434  4.290  0.732  1.00 0.00 ?  1 DHI A HE1  3  
HETATM 220  H HE2  . DHI A 1 1 ? 4.613  5.611  1.781  1.00 0.00 ?  1 DHI A HE2  3  
ATOM   221  N N    . PRO A 1 2 ? 2.296  -0.922 -2.102 1.00 0.00 ?  2 PRO A N    3  
ATOM   222  C CA   . PRO A 1 2 ? 1.578  -1.683 -3.099 1.00 0.00 ?  2 PRO A CA   3  
ATOM   223  C C    . PRO A 1 2 ? 0.329  -2.430 -2.659 1.00 0.00 ?  2 PRO A C    3  
ATOM   224  O O    . PRO A 1 2 ? -0.332 -3.086 -3.459 1.00 0.00 ?  2 PRO A O    3  
ATOM   225  C CB   . PRO A 1 2 ? 2.616  -2.587 -3.748 1.00 0.00 ?  2 PRO A CB   3  
ATOM   226  C CG   . PRO A 1 2 ? 3.659  -2.750 -2.640 1.00 0.00 ?  2 PRO A CG   3  
ATOM   227  C CD   . PRO A 1 2 ? 3.660  -1.380 -1.973 1.00 0.00 ?  2 PRO A CD   3  
ATOM   228  H HA   . PRO A 1 2 ? 1.167  -1.022 -3.874 1.00 0.00 ?  2 PRO A HA   3  
ATOM   229  H HB2  . PRO A 1 2 ? 2.206  -3.588 -3.921 1.00 0.00 ?  2 PRO A HB2  3  
ATOM   230  H HB3  . PRO A 1 2 ? 3.102  -2.120 -4.593 1.00 0.00 ?  2 PRO A HB3  3  
ATOM   231  H HG2  . PRO A 1 2 ? 3.276  -3.487 -1.933 1.00 0.00 ?  2 PRO A HG2  3  
ATOM   232  H HG3  . PRO A 1 2 ? 4.603  -3.065 -3.088 1.00 0.00 ?  2 PRO A HG3  3  
ATOM   233  H HD2  . PRO A 1 2 ? 3.956  -1.530 -0.940 1.00 0.00 ?  2 PRO A HD2  3  
ATOM   234  H HD3  . PRO A 1 2 ? 4.312  -0.592 -2.343 1.00 0.00 ?  2 PRO A HD3  3  
HETATM 235  N N    . DAS A 1 3 ? -0.113 -2.354 -1.401 1.00 0.00 ?  3 DAS A N    3  
HETATM 236  C CA   . DAS A 1 3 ? -1.349 -2.842 -0.834 1.00 0.00 ?  3 DAS A CA   3  
HETATM 237  C C    . DAS A 1 3 ? -2.607 -2.285 -1.490 1.00 0.00 ?  3 DAS A C    3  
HETATM 238  O O    . DAS A 1 3 ? -3.726 -2.692 -1.197 1.00 0.00 ?  3 DAS A O    3  
HETATM 239  C CB   . DAS A 1 3 ? -1.341 -4.358 -0.626 1.00 0.00 ?  3 DAS A CB   3  
HETATM 240  C CG   . DAS A 1 3 ? -0.112 -4.886 0.089  1.00 0.00 ?  3 DAS A CG   3  
HETATM 241  O OD1  . DAS A 1 3 ? 0.349  -4.148 1.001  1.00 0.00 -1 3 DAS A OD1  3  
HETATM 242  O OD2  . DAS A 1 3 ? 0.328  -6.007 -0.229 1.00 0.00 ?  3 DAS A OD2  3  
HETATM 243  H H    . DAS A 1 3 ? 0.557  -1.960 -0.757 1.00 0.00 ?  3 DAS A H    3  
HETATM 244  H HA   . DAS A 1 3 ? -1.296 -2.420 0.167  1.00 0.00 ?  3 DAS A HA   3  
HETATM 245  H HB2  . DAS A 1 3 ? -1.527 -4.864 -1.565 1.00 0.00 ?  3 DAS A HB2  3  
HETATM 246  H HB3  . DAS A 1 3 ? -2.256 -4.595 -0.067 1.00 0.00 ?  3 DAS A HB3  3  
HETATM 247  N N    . DGN A 1 4 ? -2.450 -1.264 -2.338 1.00 0.00 ?  4 DGN A N    3  
HETATM 248  C CA   . DGN A 1 4 ? -3.494 -0.274 -2.535 1.00 0.00 ?  4 DGN A CA   3  
HETATM 249  C C    . DGN A 1 4 ? -3.569 0.701  -1.383 1.00 0.00 ?  4 DGN A C    3  
HETATM 250  O O    . DGN A 1 4 ? -4.647 1.257  -1.171 1.00 0.00 ?  4 DGN A O    3  
HETATM 251  C CB   . DGN A 1 4 ? -3.360 0.296  -3.947 1.00 0.00 ?  4 DGN A CB   3  
HETATM 252  C CG   . DGN A 1 4 ? -2.076 1.129  -4.079 1.00 0.00 ?  4 DGN A CG   3  
HETATM 253  C CD   . DGN A 1 4 ? -0.902 0.410  -4.727 1.00 0.00 ?  4 DGN A CD   3  
HETATM 254  O OE1  . DGN A 1 4 ? -0.870 -0.759 -5.104 1.00 0.00 ?  4 DGN A OE1  3  
HETATM 255  N NE2  . DGN A 1 4 ? 0.204  1.127  -4.906 1.00 0.00 ?  4 DGN A NE2  3  
HETATM 256  H H    . DGN A 1 4 ? -1.499 -1.035 -2.577 1.00 0.00 ?  4 DGN A H    3  
HETATM 257  H HA   . DGN A 1 4 ? -4.439 -0.830 -2.586 1.00 0.00 ?  4 DGN A HA   3  
HETATM 258  H HB2  . DGN A 1 4 ? -4.207 0.959  -4.089 1.00 0.00 ?  4 DGN A HB2  3  
HETATM 259  H HB3  . DGN A 1 4 ? -3.292 -0.454 -4.735 1.00 0.00 ?  4 DGN A HB3  3  
HETATM 260  H HG2  . DGN A 1 4 ? -1.763 1.501  -3.106 1.00 0.00 ?  4 DGN A HG2  3  
HETATM 261  H HG3  . DGN A 1 4 ? -2.397 2.049  -4.571 1.00 0.00 ?  4 DGN A HG3  3  
HETATM 262  H HE21 . DGN A 1 4 ? 0.022  2.118  -4.805 1.00 0.00 ?  4 DGN A HE21 3  
HETATM 263  H HE22 . DGN A 1 4 ? 1.043  0.770  -5.336 1.00 0.00 ?  4 DGN A HE22 3  
HETATM 264  N N    . DSN A 1 5 ? -2.483 0.907  -0.634 1.00 0.00 ?  5 DSN A N    3  
HETATM 265  C CA   . DSN A 1 5 ? -2.480 1.662  0.608  1.00 0.00 ?  5 DSN A CA   3  
HETATM 266  C C    . DSN A 1 5 ? -1.501 1.013  1.582  1.00 0.00 ?  5 DSN A C    3  
HETATM 267  O O    . DSN A 1 5 ? -0.994 -0.077 1.332  1.00 0.00 ?  5 DSN A O    3  
HETATM 268  C CB   . DSN A 1 5 ? -2.109 3.114  0.325  1.00 0.00 ?  5 DSN A CB   3  
HETATM 269  O OG   . DSN A 1 5 ? -2.261 3.972  1.437  1.00 0.00 ?  5 DSN A OG   3  
HETATM 270  H H    . DSN A 1 5 ? -1.625 0.457  -0.916 1.00 0.00 ?  5 DSN A H    3  
HETATM 271  H HA   . DSN A 1 5 ? -3.467 1.642  1.064  1.00 0.00 ?  5 DSN A HA   3  
HETATM 272  H HB2  . DSN A 1 5 ? -2.617 3.566  -0.523 1.00 0.00 ?  5 DSN A HB2  3  
HETATM 273  H HB3  . DSN A 1 5 ? -1.043 3.135  0.111  1.00 0.00 ?  5 DSN A HB3  3  
HETATM 274  H HG   . DSN A 1 5 ? -3.067 4.495  1.393  1.00 0.00 ?  5 DSN A HG   3  
HETATM 275  N N    . DGL A 1 6 ? -1.245 1.711  2.687  1.00 0.00 ?  6 DGL A N    3  
HETATM 276  C CA   . DGL A 1 6 ? -0.345 1.284  3.748  1.00 0.00 ?  6 DGL A CA   3  
HETATM 277  C C    . DGL A 1 6 ? 1.076  1.513  3.255  1.00 0.00 ?  6 DGL A C    3  
HETATM 278  O O    . DGL A 1 6 ? 1.365  2.631  2.825  1.00 0.00 ?  6 DGL A O    3  
HETATM 279  C CB   . DGL A 1 6 ? -0.687 1.963  5.075  1.00 0.00 ?  6 DGL A CB   3  
HETATM 280  C CG   . DGL A 1 6 ? -2.065 1.675  5.648  1.00 0.00 ?  6 DGL A CG   3  
HETATM 281  C CD   . DGL A 1 6 ? -2.036 2.042  7.133  1.00 0.00 ?  6 DGL A CD   3  
HETATM 282  O OE1  . DGL A 1 6 ? -2.536 3.117  7.518  1.00 0.00 ?  6 DGL A OE1  3  
HETATM 283  O OE2  . DGL A 1 6 ? -1.636 1.215  7.986  1.00 0.00 -1 6 DGL A OE2  3  
HETATM 284  H H    . DGL A 1 6 ? -1.447 2.701  2.622  1.00 0.00 ?  6 DGL A H    3  
HETATM 285  H HA   . DGL A 1 6 ? -0.570 0.232  3.920  1.00 0.00 ?  6 DGL A HA   3  
HETATM 286  H HB2  . DGL A 1 6 ? -0.479 3.026  5.062  1.00 0.00 ?  6 DGL A HB2  3  
HETATM 287  H HB3  . DGL A 1 6 ? 0.069  1.574  5.762  1.00 0.00 ?  6 DGL A HB3  3  
HETATM 288  H HG2  . DGL A 1 6 ? -2.384 0.632  5.585  1.00 0.00 ?  6 DGL A HG2  3  
HETATM 289  H HG3  . DGL A 1 6 ? -2.839 2.202  5.094  1.00 0.00 ?  6 DGL A HG3  3  
ATOM   290  N N    . PRO A 1 7 ? 1.963  0.524  3.335  1.00 0.00 ?  7 PRO A N    3  
ATOM   291  C CA   . PRO A 1 7 ? 3.334  0.769  2.929  1.00 0.00 ?  7 PRO A CA   3  
ATOM   292  C C    . PRO A 1 7 ? 3.611  0.627  1.436  1.00 0.00 ?  7 PRO A C    3  
ATOM   293  O O    . PRO A 1 7 ? 4.733  0.428  0.981  1.00 0.00 ?  7 PRO A O    3  
ATOM   294  C CB   . PRO A 1 7 ? 4.175  -0.134 3.824  1.00 0.00 ?  7 PRO A CB   3  
ATOM   295  C CG   . PRO A 1 7 ? 3.203  -1.279 4.126  1.00 0.00 ?  7 PRO A CG   3  
ATOM   296  C CD   . PRO A 1 7 ? 1.796  -0.691 4.114  1.00 0.00 ?  7 PRO A CD   3  
ATOM   297  H HA   . PRO A 1 7 ? 3.589  1.804  3.153  1.00 0.00 ?  7 PRO A HA   3  
ATOM   298  H HB2  . PRO A 1 7 ? 5.063  -0.532 3.335  1.00 0.00 ?  7 PRO A HB2  3  
ATOM   299  H HB3  . PRO A 1 7 ? 4.392  0.388  4.755  1.00 0.00 ?  7 PRO A HB3  3  
ATOM   300  H HG2  . PRO A 1 7 ? 3.406  -2.119 3.464  1.00 0.00 ?  7 PRO A HG2  3  
ATOM   301  H HG3  . PRO A 1 7 ? 3.563  -1.676 5.071  1.00 0.00 ?  7 PRO A HG3  3  
ATOM   302  H HD2  . PRO A 1 7 ? 1.150  -1.412 3.608  1.00 0.00 ?  7 PRO A HD2  3  
ATOM   303  H HD3  . PRO A 1 7 ? 1.375  -0.372 5.068  1.00 0.00 ?  7 PRO A HD3  3  
HETATM 304  N N    . DHI A 1 1 ? 2.382  0.651  0.696  1.00 0.00 ?  1 DHI A N    4  
HETATM 305  C CA   . DHI A 1 1 ? 2.555  0.964  -0.698 1.00 0.00 ?  1 DHI A CA   4  
HETATM 306  C C    . DHI A 1 1 ? 1.630  0.098  -1.542 1.00 0.00 ?  1 DHI A C    4  
HETATM 307  O O    . DHI A 1 1 ? 0.410  0.237  -1.454 1.00 0.00 ?  1 DHI A O    4  
HETATM 308  C CB   . DHI A 1 1 ? 2.336  2.466  -0.825 1.00 0.00 ?  1 DHI A CB   4  
HETATM 309  C CG   . DHI A 1 1 ? 3.655  3.195  -0.698 1.00 0.00 ?  1 DHI A CG   4  
HETATM 310  N ND1  . DHI A 1 1 ? 4.514  3.439  -1.757 1.00 0.00 ?  1 DHI A ND1  4  
HETATM 311  C CD2  . DHI A 1 1 ? 4.262  3.621  0.453  1.00 0.00 ?  1 DHI A CD2  4  
HETATM 312  C CE1  . DHI A 1 1 ? 5.556  4.142  -1.294 1.00 0.00 ?  1 DHI A CE1  4  
HETATM 313  N NE2  . DHI A 1 1 ? 5.435  4.230  0.039  1.00 0.00 ?  1 DHI A NE2  4  
HETATM 314  H H1   . DHI A 1 1 ? 1.498  0.304  1.054  1.00 0.00 ?  1 DHI A H1   4  
HETATM 315  H HA   . DHI A 1 1 ? 3.567  0.750  -1.036 1.00 0.00 ?  1 DHI A HA   4  
HETATM 316  H HB2  . DHI A 1 1 ? 1.558  2.831  -0.147 1.00 0.00 ?  1 DHI A HB2  4  
HETATM 317  H HB3  . DHI A 1 1 ? 2.063  2.741  -1.839 1.00 0.00 ?  1 DHI A HB3  4  
HETATM 318  H HD1  . DHI A 1 1 ? 4.368  3.162  -2.718 1.00 0.00 ?  1 DHI A HD1  4  
HETATM 319  H HD2  . DHI A 1 1 ? 3.717  3.611  1.383  1.00 0.00 ?  1 DHI A HD2  4  
HETATM 320  H HE1  . DHI A 1 1 ? 6.464  4.357  -1.836 1.00 0.00 ?  1 DHI A HE1  4  
HETATM 321  H HE2  . DHI A 1 1 ? 6.131  4.565  0.693  1.00 0.00 ?  1 DHI A HE2  4  
ATOM   322  N N    . PRO A 1 2 ? 2.155  -0.834 -2.336 1.00 0.00 ?  2 PRO A N    4  
ATOM   323  C CA   . PRO A 1 2 ? 1.534  -1.551 -3.440 1.00 0.00 ?  2 PRO A CA   4  
ATOM   324  C C    . PRO A 1 2 ? 0.254  -2.349 -3.227 1.00 0.00 ?  2 PRO A C    4  
ATOM   325  O O    . PRO A 1 2 ? -0.476 -2.613 -4.170 1.00 0.00 ?  2 PRO A O    4  
ATOM   326  C CB   . PRO A 1 2 ? 2.566  -2.518 -4.010 1.00 0.00 ?  2 PRO A CB   4  
ATOM   327  C CG   . PRO A 1 2 ? 3.356  -2.846 -2.753 1.00 0.00 ?  2 PRO A CG   4  
ATOM   328  C CD   . PRO A 1 2 ? 3.397  -1.507 -2.027 1.00 0.00 ?  2 PRO A CD   4  
ATOM   329  H HA   . PRO A 1 2 ? 1.403  -0.794 -4.206 1.00 0.00 ?  2 PRO A HA   4  
ATOM   330  H HB2  . PRO A 1 2 ? 2.217  -3.417 -4.523 1.00 0.00 ?  2 PRO A HB2  4  
ATOM   331  H HB3  . PRO A 1 2 ? 3.307  -1.971 -4.600 1.00 0.00 ?  2 PRO A HB3  4  
ATOM   332  H HG2  . PRO A 1 2 ? 2.779  -3.583 -2.189 1.00 0.00 ?  2 PRO A HG2  4  
ATOM   333  H HG3  . PRO A 1 2 ? 4.335  -3.238 -3.033 1.00 0.00 ?  2 PRO A HG3  4  
ATOM   334  H HD2  . PRO A 1 2 ? 3.623  -1.627 -0.960 1.00 0.00 ?  2 PRO A HD2  4  
ATOM   335  H HD3  . PRO A 1 2 ? 4.147  -0.827 -2.410 1.00 0.00 ?  2 PRO A HD3  4  
HETATM 336  N N    . DAS A 1 3 ? 0.110  -2.765 -1.963 1.00 0.00 ?  3 DAS A N    4  
HETATM 337  C CA   . DAS A 1 3 ? -1.058 -3.415 -1.391 1.00 0.00 ?  3 DAS A CA   4  
HETATM 338  C C    . DAS A 1 3 ? -2.350 -2.680 -1.718 1.00 0.00 ?  3 DAS A C    4  
HETATM 339  O O    . DAS A 1 3 ? -3.428 -3.268 -1.787 1.00 0.00 ?  3 DAS A O    4  
HETATM 340  C CB   . DAS A 1 3 ? -1.054 -4.870 -1.833 1.00 0.00 ?  3 DAS A CB   4  
HETATM 341  C CG   . DAS A 1 3 ? 0.089  -5.665 -1.203 1.00 0.00 ?  3 DAS A CG   4  
HETATM 342  O OD1  . DAS A 1 3 ? 0.125  -5.757 0.042  1.00 0.00 -1 3 DAS A OD1  4  
HETATM 343  O OD2  . DAS A 1 3 ? 0.956  -6.149 -1.968 1.00 0.00 ?  3 DAS A OD2  4  
HETATM 344  H H    . DAS A 1 3 ? 0.767  -2.439 -1.272 1.00 0.00 ?  3 DAS A H    4  
HETATM 345  H HA   . DAS A 1 3 ? -1.021 -3.380 -0.303 1.00 0.00 ?  3 DAS A HA   4  
HETATM 346  H HB2  . DAS A 1 3 ? -0.892 -4.906 -2.914 1.00 0.00 ?  3 DAS A HB2  4  
HETATM 347  H HB3  . DAS A 1 3 ? -1.984 -5.384 -1.599 1.00 0.00 ?  3 DAS A HB3  4  
HETATM 348  N N    . DGN A 1 4 ? -2.365 -1.349 -1.724 1.00 0.00 ?  4 DGN A N    4  
HETATM 349  C CA   . DGN A 1 4 ? -3.461 -0.459 -2.036 1.00 0.00 ?  4 DGN A CA   4  
HETATM 350  C C    . DGN A 1 4 ? -3.485 0.807  -1.182 1.00 0.00 ?  4 DGN A C    4  
HETATM 351  O O    . DGN A 1 4 ? -4.496 1.498  -1.256 1.00 0.00 ?  4 DGN A O    4  
HETATM 352  C CB   . DGN A 1 4 ? -3.461 -0.197 -3.543 1.00 0.00 ?  4 DGN A CB   4  
HETATM 353  C CG   . DGN A 1 4 ? -2.372 0.726  -4.082 1.00 0.00 ?  4 DGN A CG   4  
HETATM 354  C CD   . DGN A 1 4 ? -2.255 0.522  -5.588 1.00 0.00 ?  4 DGN A CD   4  
HETATM 355  O OE1  . DGN A 1 4 ? -2.889 1.191  -6.389 1.00 0.00 ?  4 DGN A OE1  4  
HETATM 356  N NE2  . DGN A 1 4 ? -1.553 -0.549 -5.987 1.00 0.00 ?  4 DGN A NE2  4  
HETATM 357  H H    . DGN A 1 4 ? -1.479 -0.986 -1.382 1.00 0.00 ?  4 DGN A H    4  
HETATM 358  H HA   . DGN A 1 4 ? -4.403 -0.982 -1.844 1.00 0.00 ?  4 DGN A HA   4  
HETATM 359  H HB2  . DGN A 1 4 ? -4.397 0.326  -3.750 1.00 0.00 ?  4 DGN A HB2  4  
HETATM 360  H HB3  . DGN A 1 4 ? -3.509 -1.183 -3.999 1.00 0.00 ?  4 DGN A HB3  4  
HETATM 361  H HG2  . DGN A 1 4 ? -1.412 0.583  -3.598 1.00 0.00 ?  4 DGN A HG2  4  
HETATM 362  H HG3  . DGN A 1 4 ? -2.655 1.767  -3.891 1.00 0.00 ?  4 DGN A HG3  4  
HETATM 363  H HE21 . DGN A 1 4 ? -1.310 -1.285 -5.339 1.00 0.00 ?  4 DGN A HE21 4  
HETATM 364  H HE22 . DGN A 1 4 ? -1.259 -0.673 -6.944 1.00 0.00 ?  4 DGN A HE22 4  
HETATM 365  N N    . DSN A 1 5 ? -2.434 1.086  -0.411 1.00 0.00 ?  5 DSN A N    4  
HETATM 366  C CA   . DSN A 1 5 ? -2.299 2.115  0.602  1.00 0.00 ?  5 DSN A CA   4  
HETATM 367  C C    . DSN A 1 5 ? -1.283 1.645  1.641  1.00 0.00 ?  5 DSN A C    4  
HETATM 368  O O    . DSN A 1 5 ? -0.684 0.584  1.477  1.00 0.00 ?  5 DSN A O    4  
HETATM 369  C CB   . DSN A 1 5 ? -1.992 3.464  -0.029 1.00 0.00 ?  5 DSN A CB   4  
HETATM 370  O OG   . DSN A 1 5 ? -1.874 4.453  0.969  1.00 0.00 ?  5 DSN A OG   4  
HETATM 371  H H    . DSN A 1 5 ? -1.635 0.484  -0.538 1.00 0.00 ?  5 DSN A H    4  
HETATM 372  H HA   . DSN A 1 5 ? -3.214 2.194  1.187  1.00 0.00 ?  5 DSN A HA   4  
HETATM 373  H HB2  . DSN A 1 5 ? -2.877 3.637  -0.624 1.00 0.00 ?  5 DSN A HB2  4  
HETATM 374  H HB3  . DSN A 1 5 ? -1.067 3.485  -0.621 1.00 0.00 ?  5 DSN A HB3  4  
HETATM 375  H HG   . DSN A 1 5 ? -1.845 5.320  0.552  1.00 0.00 ?  5 DSN A HG   4  
HETATM 376  N N    . DGL A 1 6 ? -1.109 2.375  2.737  1.00 0.00 ?  6 DGL A N    4  
HETATM 377  C CA   . DGL A 1 6 ? -0.349 1.919  3.886  1.00 0.00 ?  6 DGL A CA   4  
HETATM 378  C C    . DGL A 1 6 ? 1.119  1.898  3.488  1.00 0.00 ?  6 DGL A C    4  
HETATM 379  O O    . DGL A 1 6 ? 1.676  2.865  2.978  1.00 0.00 ?  6 DGL A O    4  
HETATM 380  C CB   . DGL A 1 6 ? -0.637 2.883  5.047  1.00 0.00 ?  6 DGL A CB   4  
HETATM 381  C CG   . DGL A 1 6 ? -2.064 2.934  5.592  1.00 0.00 ?  6 DGL A CG   4  
HETATM 382  C CD   . DGL A 1 6 ? -2.161 3.581  6.967  1.00 0.00 ?  6 DGL A CD   4  
HETATM 383  O OE1  . DGL A 1 6 ? -1.650 4.710  7.117  1.00 0.00 ?  6 DGL A OE1  4  
HETATM 384  O OE2  . DGL A 1 6 ? -2.664 2.858  7.853  1.00 0.00 -1 6 DGL A OE2  4  
HETATM 385  H H    . DGL A 1 6 ? -1.451 3.321  2.680  1.00 0.00 ?  6 DGL A H    4  
HETATM 386  H HA   . DGL A 1 6 ? -0.652 0.901  4.110  1.00 0.00 ?  6 DGL A HA   4  
HETATM 387  H HB2  . DGL A 1 6 ? -0.372 3.895  4.768  1.00 0.00 ?  6 DGL A HB2  4  
HETATM 388  H HB3  . DGL A 1 6 ? 0.029  2.609  5.864  1.00 0.00 ?  6 DGL A HB3  4  
HETATM 389  H HG2  . DGL A 1 6 ? -2.300 1.886  5.738  1.00 0.00 ?  6 DGL A HG2  4  
HETATM 390  H HG3  . DGL A 1 6 ? -2.698 3.418  4.851  1.00 0.00 ?  6 DGL A HG3  4  
ATOM   391  N N    . PRO A 1 7 ? 1.778  0.744  3.642  1.00 0.00 ?  7 PRO A N    4  
ATOM   392  C CA   . PRO A 1 7 ? 3.078  0.427  3.076  1.00 0.00 ?  7 PRO A CA   4  
ATOM   393  C C    . PRO A 1 7 ? 3.371  0.570  1.593  1.00 0.00 ?  7 PRO A C    4  
ATOM   394  O O    . PRO A 1 7 ? 4.551  0.668  1.274  1.00 0.00 ?  7 PRO A O    4  
ATOM   395  C CB   . PRO A 1 7 ? 3.416  -1.008 3.463  1.00 0.00 ?  7 PRO A CB   4  
ATOM   396  C CG   . PRO A 1 7 ? 2.467  -1.293 4.621  1.00 0.00 ?  7 PRO A CG   4  
ATOM   397  C CD   . PRO A 1 7 ? 1.237  -0.463 4.239  1.00 0.00 ?  7 PRO A CD   4  
ATOM   398  H HA   . PRO A 1 7 ? 3.788  1.070  3.594  1.00 0.00 ?  7 PRO A HA   4  
ATOM   399  H HB2  . PRO A 1 7 ? 3.209  -1.656 2.606  1.00 0.00 ?  7 PRO A HB2  4  
ATOM   400  H HB3  . PRO A 1 7 ? 4.467  -1.105 3.748  1.00 0.00 ?  7 PRO A HB3  4  
ATOM   401  H HG2  . PRO A 1 7 ? 2.257  -2.356 4.697  1.00 0.00 ?  7 PRO A HG2  4  
ATOM   402  H HG3  . PRO A 1 7 ? 2.947  -0.966 5.548  1.00 0.00 ?  7 PRO A HG3  4  
ATOM   403  H HD2  . PRO A 1 7 ? 0.698  -1.001 3.455  1.00 0.00 ?  7 PRO A HD2  4  
ATOM   404  H HD3  . PRO A 1 7 ? 0.679  -0.099 5.098  1.00 0.00 ?  7 PRO A HD3  4  
HETATM 405  N N    . DHI A 1 1 ? 2.362  0.459  0.752  1.00 0.00 ?  1 DHI A N    5  
HETATM 406  C CA   . DHI A 1 1 ? 2.522  0.873  -0.627 1.00 0.00 ?  1 DHI A CA   5  
HETATM 407  C C    . DHI A 1 1 ? 1.661  -0.052 -1.468 1.00 0.00 ?  1 DHI A C    5  
HETATM 408  O O    . DHI A 1 1 ? 0.443  0.033  -1.413 1.00 0.00 ?  1 DHI A O    5  
HETATM 409  C CB   . DHI A 1 1 ? 2.131  2.345  -0.786 1.00 0.00 ?  1 DHI A CB   5  
HETATM 410  C CG   . DHI A 1 1 ? 2.193  2.878  -2.190 1.00 0.00 ?  1 DHI A CG   5  
HETATM 411  N ND1  . DHI A 1 1 ? 3.239  2.745  -3.074 1.00 0.00 ?  1 DHI A ND1  5  
HETATM 412  C CD2  . DHI A 1 1 ? 1.267  3.694  -2.789 1.00 0.00 ?  1 DHI A CD2  5  
HETATM 413  C CE1  . DHI A 1 1 ? 3.013  3.501  -4.164 1.00 0.00 ?  1 DHI A CE1  5  
HETATM 414  N NE2  . DHI A 1 1 ? 1.824  4.100  -3.990 1.00 0.00 ?  1 DHI A NE2  5  
HETATM 415  H H1   . DHI A 1 1 ? 1.510  0.003  1.046  1.00 0.00 ?  1 DHI A H1   5  
HETATM 416  H HA   . DHI A 1 1 ? 3.549  0.840  -0.987 1.00 0.00 ?  1 DHI A HA   5  
HETATM 417  H HB2  . DHI A 1 1 ? 2.783  2.927  -0.128 1.00 0.00 ?  1 DHI A HB2  5  
HETATM 418  H HB3  . DHI A 1 1 ? 1.104  2.399  -0.435 1.00 0.00 ?  1 DHI A HB3  5  
HETATM 419  H HD1  . DHI A 1 1 ? 4.054  2.160  -2.962 1.00 0.00 ?  1 DHI A HD1  5  
HETATM 420  H HD2  . DHI A 1 1 ? 0.396  4.068  -2.278 1.00 0.00 ?  1 DHI A HD2  5  
HETATM 421  H HE1  . DHI A 1 1 ? 3.607  3.537  -5.067 1.00 0.00 ?  1 DHI A HE1  5  
HETATM 422  H HE2  . DHI A 1 1 ? 1.376  4.647  -4.712 1.00 0.00 ?  1 DHI A HE2  5  
ATOM   423  N N    . PRO A 1 2 ? 2.355  -0.886 -2.254 1.00 0.00 ?  2 PRO A N    5  
ATOM   424  C CA   . PRO A 1 2 ? 1.768  -1.508 -3.420 1.00 0.00 ?  2 PRO A CA   5  
ATOM   425  C C    . PRO A 1 2 ? 0.532  -2.375 -3.262 1.00 0.00 ?  2 PRO A C    5  
ATOM   426  O O    . PRO A 1 2 ? -0.026 -2.808 -4.267 1.00 0.00 ?  2 PRO A O    5  
ATOM   427  C CB   . PRO A 1 2 ? 2.915  -2.243 -4.103 1.00 0.00 ?  2 PRO A CB   5  
ATOM   428  C CG   . PRO A 1 2 ? 3.858  -2.536 -2.930 1.00 0.00 ?  2 PRO A CG   5  
ATOM   429  C CD   . PRO A 1 2 ? 3.758  -1.238 -2.138 1.00 0.00 ?  2 PRO A CD   5  
ATOM   430  H HA   . PRO A 1 2 ? 1.428  -0.684 -4.044 1.00 0.00 ?  2 PRO A HA   5  
ATOM   431  H HB2  . PRO A 1 2 ? 2.576  -3.088 -4.689 1.00 0.00 ?  2 PRO A HB2  5  
ATOM   432  H HB3  . PRO A 1 2 ? 3.406  -1.602 -4.831 1.00 0.00 ?  2 PRO A HB3  5  
ATOM   433  H HG2  . PRO A 1 2 ? 3.506  -3.397 -2.357 1.00 0.00 ?  2 PRO A HG2  5  
ATOM   434  H HG3  . PRO A 1 2 ? 4.864  -2.706 -3.306 1.00 0.00 ?  2 PRO A HG3  5  
ATOM   435  H HD2  . PRO A 1 2 ? 4.029  -1.400 -1.089 1.00 0.00 ?  2 PRO A HD2  5  
ATOM   436  H HD3  . PRO A 1 2 ? 4.343  -0.473 -2.647 1.00 0.00 ?  2 PRO A HD3  5  
HETATM 437  N N    . DAS A 1 3 ? 0.074  -2.667 -2.036 1.00 0.00 ?  3 DAS A N    5  
HETATM 438  C CA   . DAS A 1 3 ? -1.144 -3.371 -1.699 1.00 0.00 ?  3 DAS A CA   5  
HETATM 439  C C    . DAS A 1 3 ? -2.405 -2.616 -2.092 1.00 0.00 ?  3 DAS A C    5  
HETATM 440  O O    . DAS A 1 3 ? -3.413 -3.233 -2.442 1.00 0.00 ?  3 DAS A O    5  
HETATM 441  C CB   . DAS A 1 3 ? -1.102 -4.816 -2.174 1.00 0.00 ?  3 DAS A CB   5  
HETATM 442  C CG   . DAS A 1 3 ? 0.254  -5.487 -2.036 1.00 0.00 ?  3 DAS A CG   5  
HETATM 443  O OD1  . DAS A 1 3 ? 0.665  -5.867 -0.906 1.00 0.00 -1 3 DAS A OD1  5  
HETATM 444  O OD2  . DAS A 1 3 ? 0.860  -5.864 -3.065 1.00 0.00 ?  3 DAS A OD2  5  
HETATM 445  H H    . DAS A 1 3 ? 0.658  -2.382 -1.266 1.00 0.00 ?  3 DAS A H    5  
HETATM 446  H HA   . DAS A 1 3 ? -1.233 -3.454 -0.623 1.00 0.00 ?  3 DAS A HA   5  
HETATM 447  H HB2  . DAS A 1 3 ? -1.352 -4.833 -3.243 1.00 0.00 ?  3 DAS A HB2  5  
HETATM 448  H HB3  . DAS A 1 3 ? -1.782 -5.452 -1.605 1.00 0.00 ?  3 DAS A HB3  5  
HETATM 449  N N    . DGN A 1 4 ? -2.393 -1.285 -1.987 1.00 0.00 ?  4 DGN A N    5  
HETATM 450  C CA   . DGN A 1 4 ? -3.616 -0.519 -1.970 1.00 0.00 ?  4 DGN A CA   5  
HETATM 451  C C    . DGN A 1 4 ? -3.710 0.544  -0.883 1.00 0.00 ?  4 DGN A C    5  
HETATM 452  O O    . DGN A 1 4 ? -4.692 1.269  -0.721 1.00 0.00 ?  4 DGN A O    5  
HETATM 453  C CB   . DGN A 1 4 ? -3.922 -0.020 -3.387 1.00 0.00 ?  4 DGN A CB   5  
HETATM 454  C CG   . DGN A 1 4 ? -2.983 1.059  -3.913 1.00 0.00 ?  4 DGN A CG   5  
HETATM 455  C CD   . DGN A 1 4 ? -1.636 0.493  -4.343 1.00 0.00 ?  4 DGN A CD   5  
HETATM 456  O OE1  . DGN A 1 4 ? -1.443 -0.490 -5.051 1.00 0.00 ?  4 DGN A OE1  5  
HETATM 457  N NE2  . DGN A 1 4 ? -0.540 1.166  -4.014 1.00 0.00 ?  4 DGN A NE2  5  
HETATM 458  H H    . DGN A 1 4 ? -1.495 -0.823 -1.952 1.00 0.00 ?  4 DGN A H    5  
HETATM 459  H HA   . DGN A 1 4 ? -4.425 -1.169 -1.664 1.00 0.00 ?  4 DGN A HA   5  
HETATM 460  H HB2  . DGN A 1 4 ? -4.917 0.393  -3.274 1.00 0.00 ?  4 DGN A HB2  5  
HETATM 461  H HB3  . DGN A 1 4 ? -3.946 -0.869 -4.077 1.00 0.00 ?  4 DGN A HB3  5  
HETATM 462  H HG2  . DGN A 1 4 ? -2.895 1.910  -3.236 1.00 0.00 ?  4 DGN A HG2  5  
HETATM 463  H HG3  . DGN A 1 4 ? -3.390 1.433  -4.848 1.00 0.00 ?  4 DGN A HG3  5  
HETATM 464  H HE21 . DGN A 1 4 ? -0.480 1.682  -3.142 1.00 0.00 ?  4 DGN A HE21 5  
HETATM 465  H HE22 . DGN A 1 4 ? 0.306  0.978  -4.546 1.00 0.00 ?  4 DGN A HE22 5  
HETATM 466  N N    . DSN A 1 5 ? -2.668 0.662  -0.065 1.00 0.00 ?  5 DSN A N    5  
HETATM 467  C CA   . DSN A 1 5 ? -2.377 1.829  0.739  1.00 0.00 ?  5 DSN A CA   5  
HETATM 468  C C    . DSN A 1 5 ? -1.258 1.598  1.745  1.00 0.00 ?  5 DSN A C    5  
HETATM 469  O O    . DSN A 1 5 ? -0.552 0.603  1.604  1.00 0.00 ?  5 DSN A O    5  
HETATM 470  C CB   . DSN A 1 5 ? -2.059 3.049  -0.124 1.00 0.00 ?  5 DSN A CB   5  
HETATM 471  O OG   . DSN A 1 5 ? -1.215 2.690  -1.200 1.00 0.00 ?  5 DSN A OG   5  
HETATM 472  H H    . DSN A 1 5 ? -1.910 0.002  -0.182 1.00 0.00 ?  5 DSN A H    5  
HETATM 473  H HA   . DSN A 1 5 ? -3.256 2.022  1.350  1.00 0.00 ?  5 DSN A HA   5  
HETATM 474  H HB2  . DSN A 1 5 ? -1.710 3.900  0.452  1.00 0.00 ?  5 DSN A HB2  5  
HETATM 475  H HB3  . DSN A 1 5 ? -2.971 3.448  -0.582 1.00 0.00 ?  5 DSN A HB3  5  
HETATM 476  H HG   . DSN A 1 5 ? -1.537 3.287  -1.877 1.00 0.00 ?  5 DSN A HG   5  
HETATM 477  N N    . DGL A 1 6 ? -1.129 2.430  2.784  1.00 0.00 ?  6 DGL A N    5  
HETATM 478  C CA   . DGL A 1 6 ? -0.142 2.433  3.842  1.00 0.00 ?  6 DGL A CA   5  
HETATM 479  C C    . DGL A 1 6 ? 1.242  1.954  3.435  1.00 0.00 ?  6 DGL A C    5  
HETATM 480  O O    . DGL A 1 6 ? 2.035  2.763  2.963  1.00 0.00 ?  6 DGL A O    5  
HETATM 481  C CB   . DGL A 1 6 ? -0.066 3.791  4.531  1.00 0.00 ?  6 DGL A CB   5  
HETATM 482  C CG   . DGL A 1 6 ? 0.801  3.856  5.790  1.00 0.00 ?  6 DGL A CG   5  
HETATM 483  C CD   . DGL A 1 6 ? 0.307  4.812  6.875  1.00 0.00 ?  6 DGL A CD   5  
HETATM 484  O OE1  . DGL A 1 6 ? 0.165  4.331  8.016  1.00 0.00 ?  6 DGL A OE1  5  
HETATM 485  O OE2  . DGL A 1 6 ? -0.144 5.950  6.597  1.00 0.00 -1 6 DGL A OE2  5  
HETATM 486  H H    . DGL A 1 6 ? -1.829 3.155  2.834  1.00 0.00 ?  6 DGL A H    5  
HETATM 487  H HA   . DGL A 1 6 ? -0.625 1.764  4.564  1.00 0.00 ?  6 DGL A HA   5  
HETATM 488  H HB2  . DGL A 1 6 ? -1.086 4.022  4.834  1.00 0.00 ?  6 DGL A HB2  5  
HETATM 489  H HB3  . DGL A 1 6 ? 0.306  4.617  3.936  1.00 0.00 ?  6 DGL A HB3  5  
HETATM 490  H HG2  . DGL A 1 6 ? 1.776  4.274  5.538  1.00 0.00 ?  6 DGL A HG2  5  
HETATM 491  H HG3  . DGL A 1 6 ? 1.025  2.894  6.251  1.00 0.00 ?  6 DGL A HG3  5  
ATOM   492  N N    . PRO A 1 7 ? 1.668  0.691  3.539  1.00 0.00 ?  7 PRO A N    5  
ATOM   493  C CA   . PRO A 1 7 ? 2.990  0.261  3.133  1.00 0.00 ?  7 PRO A CA   5  
ATOM   494  C C    . PRO A 1 7 ? 3.324  0.216  1.651  1.00 0.00 ?  7 PRO A C    5  
ATOM   495  O O    . PRO A 1 7 ? 4.460  -0.027 1.261  1.00 0.00 ?  7 PRO A O    5  
ATOM   496  C CB   . PRO A 1 7 ? 3.165  -1.107 3.768  1.00 0.00 ?  7 PRO A CB   5  
ATOM   497  C CG   . PRO A 1 7 ? 2.110  -1.214 4.865  1.00 0.00 ?  7 PRO A CG   5  
ATOM   498  C CD   . PRO A 1 7 ? 0.996  -0.315 4.326  1.00 0.00 ?  7 PRO A CD   5  
ATOM   499  H HA   . PRO A 1 7 ? 3.781  0.822  3.637  1.00 0.00 ?  7 PRO A HA   5  
ATOM   500  H HB2  . PRO A 1 7 ? 2.944  -1.816 2.970  1.00 0.00 ?  7 PRO A HB2  5  
ATOM   501  H HB3  . PRO A 1 7 ? 4.148  -1.127 4.231  1.00 0.00 ?  7 PRO A HB3  5  
ATOM   502  H HG2  . PRO A 1 7 ? 1.879  -2.279 4.972  1.00 0.00 ?  7 PRO A HG2  5  
ATOM   503  H HG3  . PRO A 1 7 ? 2.435  -0.703 5.765  1.00 0.00 ?  7 PRO A HG3  5  
ATOM   504  H HD2  . PRO A 1 7 ? 0.173  -0.847 3.841  1.00 0.00 ?  7 PRO A HD2  5  
ATOM   505  H HD3  . PRO A 1 7 ? 0.681  0.220  5.217  1.00 0.00 ?  7 PRO A HD3  5  
HETATM 506  N N    . DHI A 1 1 ? 2.636  0.843  0.846  1.00 0.00 ?  1 DHI A N    6  
HETATM 507  C CA   . DHI A 1 1 ? 2.887  0.826  -0.577 1.00 0.00 ?  1 DHI A CA   6  
HETATM 508  C C    . DHI A 1 1 ? 1.829  0.063  -1.356 1.00 0.00 ?  1 DHI A C    6  
HETATM 509  O O    . DHI A 1 1 ? 0.645  0.383  -1.230 1.00 0.00 ?  1 DHI A O    6  
HETATM 510  C CB   . DHI A 1 1 ? 2.930  2.259  -1.094 1.00 0.00 ?  1 DHI A CB   6  
HETATM 511  C CG   . DHI A 1 1 ? 4.000  3.176  -0.569 1.00 0.00 ?  1 DHI A CG   6  
HETATM 512  N ND1  . DHI A 1 1 ? 3.801  4.312  0.189  1.00 0.00 ?  1 DHI A ND1  6  
HETATM 513  C CD2  . DHI A 1 1 ? 5.360  3.076  -0.733 1.00 0.00 ?  1 DHI A CD2  6  
HETATM 514  C CE1  . DHI A 1 1 ? 4.990  4.879  0.448  1.00 0.00 ?  1 DHI A CE1  6  
HETATM 515  N NE2  . DHI A 1 1 ? 5.957  4.195  -0.180 1.00 0.00 ?  1 DHI A NE2  6  
HETATM 516  H H1   . DHI A 1 1 ? 1.784  0.327  1.003  1.00 0.00 ?  1 DHI A H1   6  
HETATM 517  H HA   . DHI A 1 1 ? 3.915  0.494  -0.762 1.00 0.00 ?  1 DHI A HA   6  
HETATM 518  H HB2  . DHI A 1 1 ? 1.948  2.738  -1.003 1.00 0.00 ?  1 DHI A HB2  6  
HETATM 519  H HB3  . DHI A 1 1 ? 3.131  2.129  -2.155 1.00 0.00 ?  1 DHI A HB3  6  
HETATM 520  H HD1  . DHI A 1 1 ? 2.847  4.629  0.297  1.00 0.00 ?  1 DHI A HD1  6  
HETATM 521  H HD2  . DHI A 1 1 ? 5.804  2.306  -1.348 1.00 0.00 ?  1 DHI A HD2  6  
HETATM 522  H HE1  . DHI A 1 1 ? 5.229  5.816  0.943  1.00 0.00 ?  1 DHI A HE1  6  
HETATM 523  H HE2  . DHI A 1 1 ? 6.942  4.428  -0.119 1.00 0.00 ?  1 DHI A HE2  6  
ATOM   524  N N    . PRO A 1 2 ? 2.162  -0.889 -2.227 1.00 0.00 ?  2 PRO A N    6  
ATOM   525  C CA   . PRO A 1 2 ? 1.407  -1.323 -3.383 1.00 0.00 ?  2 PRO A CA   6  
ATOM   526  C C    . PRO A 1 2 ? 0.208  -2.181 -3.007 1.00 0.00 ?  2 PRO A C    6  
ATOM   527  O O    . PRO A 1 2 ? -0.588 -2.526 -3.871 1.00 0.00 ?  2 PRO A O    6  
ATOM   528  C CB   . PRO A 1 2 ? 2.374  -2.015 -4.339 1.00 0.00 ?  2 PRO A CB   6  
ATOM   529  C CG   . PRO A 1 2 ? 3.407  -2.558 -3.371 1.00 0.00 ?  2 PRO A CG   6  
ATOM   530  C CD   . PRO A 1 2 ? 3.509  -1.388 -2.392 1.00 0.00 ?  2 PRO A CD   6  
ATOM   531  H HA   . PRO A 1 2 ? 1.031  -0.425 -3.877 1.00 0.00 ?  2 PRO A HA   6  
ATOM   532  H HB2  . PRO A 1 2 ? 1.860  -2.798 -4.895 1.00 0.00 ?  2 PRO A HB2  6  
ATOM   533  H HB3  . PRO A 1 2 ? 2.885  -1.274 -4.967 1.00 0.00 ?  2 PRO A HB3  6  
ATOM   534  H HG2  . PRO A 1 2 ? 3.043  -3.417 -2.800 1.00 0.00 ?  2 PRO A HG2  6  
ATOM   535  H HG3  . PRO A 1 2 ? 4.295  -2.818 -3.945 1.00 0.00 ?  2 PRO A HG3  6  
ATOM   536  H HD2  . PRO A 1 2 ? 3.853  -1.705 -1.404 1.00 0.00 ?  2 PRO A HD2  6  
ATOM   537  H HD3  . PRO A 1 2 ? 4.129  -0.627 -2.853 1.00 0.00 ?  2 PRO A HD3  6  
HETATM 538  N N    . DAS A 1 3 ? -0.027 -2.534 -1.746 1.00 0.00 ?  3 DAS A N    6  
HETATM 539  C CA   . DAS A 1 3 ? -1.229 -3.279 -1.416 1.00 0.00 ?  3 DAS A CA   6  
HETATM 540  C C    . DAS A 1 3 ? -2.566 -2.558 -1.537 1.00 0.00 ?  3 DAS A C    6  
HETATM 541  O O    . DAS A 1 3 ? -3.495 -2.979 -0.843 1.00 0.00 ?  3 DAS A O    6  
HETATM 542  C CB   . DAS A 1 3 ? -1.207 -4.676 -2.022 1.00 0.00 ?  3 DAS A CB   6  
HETATM 543  C CG   . DAS A 1 3 ? 0.057  -5.424 -1.647 1.00 0.00 ?  3 DAS A CG   6  
HETATM 544  O OD1  . DAS A 1 3 ? 0.193  -5.804 -0.464 1.00 0.00 -1 3 DAS A OD1  6  
HETATM 545  O OD2  . DAS A 1 3 ? 0.851  -5.773 -2.557 1.00 0.00 ?  3 DAS A OD2  6  
HETATM 546  H H    . DAS A 1 3 ? 0.460  -2.153 -0.947 1.00 0.00 ?  3 DAS A H    6  
HETATM 547  H HA   . DAS A 1 3 ? -1.141 -3.300 -0.332 1.00 0.00 ?  3 DAS A HA   6  
HETATM 548  H HB2  . DAS A 1 3 ? -1.272 -4.672 -3.118 1.00 0.00 ?  3 DAS A HB2  6  
HETATM 549  H HB3  . DAS A 1 3 ? -2.106 -5.247 -1.767 1.00 0.00 ?  3 DAS A HB3  6  
HETATM 550  N N    . DGN A 1 4 ? -2.644 -1.397 -2.188 1.00 0.00 ?  4 DGN A N    6  
HETATM 551  C CA   . DGN A 1 4 ? -3.831 -0.571 -2.113 1.00 0.00 ?  4 DGN A CA   6  
HETATM 552  C C    . DGN A 1 4 ? -3.635 0.560  -1.124 1.00 0.00 ?  4 DGN A C    6  
HETATM 553  O O    . DGN A 1 4 ? -4.562 1.363  -0.973 1.00 0.00 ?  4 DGN A O    6  
HETATM 554  C CB   . DGN A 1 4 ? -4.469 -0.329 -3.485 1.00 0.00 ?  4 DGN A CB   6  
HETATM 555  C CG   . DGN A 1 4 ? -3.978 0.865  -4.306 1.00 0.00 ?  4 DGN A CG   6  
HETATM 556  C CD   . DGN A 1 4 ? -2.494 0.845  -4.607 1.00 0.00 ?  4 DGN A CD   6  
HETATM 557  O OE1  . DGN A 1 4 ? -2.145 0.311  -5.658 1.00 0.00 ?  4 DGN A OE1  6  
HETATM 558  N NE2  . DGN A 1 4 ? -1.624 1.113  -3.631 1.00 0.00 ?  4 DGN A NE2  6  
HETATM 559  H H    . DGN A 1 4 ? -1.854 -1.058 -2.706 1.00 0.00 ?  4 DGN A H    6  
HETATM 560  H HA   . DGN A 1 4 ? -4.597 -1.175 -1.624 1.00 0.00 ?  4 DGN A HA   6  
HETATM 561  H HB2  . DGN A 1 4 ? -5.551 -0.245 -3.404 1.00 0.00 ?  4 DGN A HB2  6  
HETATM 562  H HB3  . DGN A 1 4 ? -4.327 -1.232 -4.085 1.00 0.00 ?  4 DGN A HB3  6  
HETATM 563  H HG2  . DGN A 1 4 ? -4.231 1.770  -3.749 1.00 0.00 ?  4 DGN A HG2  6  
HETATM 564  H HG3  . DGN A 1 4 ? -4.547 0.900  -5.236 1.00 0.00 ?  4 DGN A HG3  6  
HETATM 565  H HE21 . DGN A 1 4 ? -1.939 1.483  -2.749 1.00 0.00 ?  4 DGN A HE21 6  
HETATM 566  H HE22 . DGN A 1 4 ? -0.662 1.297  -3.873 1.00 0.00 ?  4 DGN A HE22 6  
HETATM 567  N N    . DSN A 1 5 ? -2.473 0.704  -0.494 1.00 0.00 ?  5 DSN A N    6  
HETATM 568  C CA   . DSN A 1 5 ? -2.155 1.794  0.407  1.00 0.00 ?  5 DSN A CA   6  
HETATM 569  C C    . DSN A 1 5 ? -1.479 1.309  1.671  1.00 0.00 ?  5 DSN A C    6  
HETATM 570  O O    . DSN A 1 5 ? -1.274 0.108  1.839  1.00 0.00 ?  5 DSN A O    6  
HETATM 571  C CB   . DSN A 1 5 ? -1.312 2.807  -0.368 1.00 0.00 ?  5 DSN A CB   6  
HETATM 572  O OG   . DSN A 1 5 ? -1.943 3.216  -1.564 1.00 0.00 ?  5 DSN A OG   6  
HETATM 573  H H    . DSN A 1 5 ? -1.680 0.104  -0.669 1.00 0.00 ?  5 DSN A H    6  
HETATM 574  H HA   . DSN A 1 5 ? -3.056 2.284  0.781  1.00 0.00 ?  5 DSN A HA   6  
HETATM 575  H HB2  . DSN A 1 5 ? -0.334 2.379  -0.602 1.00 0.00 ?  5 DSN A HB2  6  
HETATM 576  H HB3  . DSN A 1 5 ? -1.282 3.736  0.199  1.00 0.00 ?  5 DSN A HB3  6  
HETATM 577  H HG   . DSN A 1 5 ? -1.399 3.887  -1.987 1.00 0.00 ?  5 DSN A HG   6  
HETATM 578  N N    . DGL A 1 6 ? -1.192 2.166  2.646  1.00 0.00 ?  6 DGL A N    6  
HETATM 579  C CA   . DGL A 1 6 ? -0.340 1.895  3.796  1.00 0.00 ?  6 DGL A CA   6  
HETATM 580  C C    . DGL A 1 6 ? 1.127  1.813  3.427  1.00 0.00 ?  6 DGL A C    6  
HETATM 581  O O    . DGL A 1 6 ? 1.636  2.764  2.834  1.00 0.00 ?  6 DGL A O    6  
HETATM 582  C CB   . DGL A 1 6 ? -0.491 3.068  4.756  1.00 0.00 ?  6 DGL A CB   6  
HETATM 583  C CG   . DGL A 1 6 ? 0.533  3.165  5.893  1.00 0.00 ?  6 DGL A CG   6  
HETATM 584  C CD   . DGL A 1 6 ? 0.205  4.068  7.081  1.00 0.00 ?  6 DGL A CD   6  
HETATM 585  O OE1  . DGL A 1 6 ? 0.121  3.568  8.215  1.00 0.00 ?  6 DGL A OE1  6  
HETATM 586  O OE2  . DGL A 1 6 ? 0.122  5.287  6.812  1.00 0.00 -1 6 DGL A OE2  6  
HETATM 587  H H    . DGL A 1 6 ? -1.473 3.116  2.426  1.00 0.00 ?  6 DGL A H    6  
HETATM 588  H HA   . DGL A 1 6 ? -0.705 0.930  4.165  1.00 0.00 ?  6 DGL A HA   6  
HETATM 589  H HB2  . DGL A 1 6 ? -1.455 3.135  5.267  1.00 0.00 ?  6 DGL A HB2  6  
HETATM 590  H HB3  . DGL A 1 6 ? -0.535 4.000  4.187  1.00 0.00 ?  6 DGL A HB3  6  
HETATM 591  H HG2  . DGL A 1 6 ? 1.453  3.593  5.488  1.00 0.00 ?  6 DGL A HG2  6  
HETATM 592  H HG3  . DGL A 1 6 ? 0.741  2.188  6.312  1.00 0.00 ?  6 DGL A HG3  6  
ATOM   593  N N    . PRO A 1 7 ? 1.900  0.780  3.772  1.00 0.00 ?  7 PRO A N    6  
ATOM   594  C CA   . PRO A 1 7 ? 3.263  0.657  3.287  1.00 0.00 ?  7 PRO A CA   6  
ATOM   595  C C    . PRO A 1 7 ? 3.564  0.714  1.790  1.00 0.00 ?  7 PRO A C    6  
ATOM   596  O O    . PRO A 1 7 ? 4.750  0.649  1.495  1.00 0.00 ?  7 PRO A O    6  
ATOM   597  C CB   . PRO A 1 7 ? 3.737  -0.713 3.745  1.00 0.00 ?  7 PRO A CB   6  
ATOM   598  C CG   . PRO A 1 7 ? 2.943  -0.990 5.017  1.00 0.00 ?  7 PRO A CG   6  
ATOM   599  C CD   . PRO A 1 7 ? 1.640  -0.256 4.754  1.00 0.00 ?  7 PRO A CD   6  
ATOM   600  H HA   . PRO A 1 7 ? 3.890  1.434  3.730  1.00 0.00 ?  7 PRO A HA   6  
ATOM   601  H HB2  . PRO A 1 7 ? 3.423  -1.441 2.997  1.00 0.00 ?  7 PRO A HB2  6  
ATOM   602  H HB3  . PRO A 1 7 ? 4.805  -0.727 3.954  1.00 0.00 ?  7 PRO A HB3  6  
ATOM   603  H HG2  . PRO A 1 7 ? 2.726  -2.064 5.113  1.00 0.00 ?  7 PRO A HG2  6  
ATOM   604  H HG3  . PRO A 1 7 ? 3.434  -0.628 5.920  1.00 0.00 ?  7 PRO A HG3  6  
ATOM   605  H HD2  . PRO A 1 7 ? 0.870  -0.888 4.315  1.00 0.00 ?  7 PRO A HD2  6  
ATOM   606  H HD3  . PRO A 1 7 ? 1.251  0.137  5.692  1.00 0.00 ?  7 PRO A HD3  6  
HETATM 607  N N    . DHI A 1 1 ? 2.294  0.932  0.472  1.00 0.00 ?  1 DHI A N    7  
HETATM 608  C CA   . DHI A 1 1 ? 2.325  1.185  -0.951 1.00 0.00 ?  1 DHI A CA   7  
HETATM 609  C C    . DHI A 1 1 ? 1.667  0.025  -1.683 1.00 0.00 ?  1 DHI A C    7  
HETATM 610  O O    . DHI A 1 1 ? 0.438  0.092  -1.706 1.00 0.00 ?  1 DHI A O    7  
HETATM 611  C CB   . DHI A 1 1 ? 1.598  2.498  -1.255 1.00 0.00 ?  1 DHI A CB   7  
HETATM 612  C CG   . DHI A 1 1 ? 2.252  3.676  -0.585 1.00 0.00 ?  1 DHI A CG   7  
HETATM 613  N ND1  . DHI A 1 1 ? 2.126  4.131  0.720  1.00 0.00 ?  1 DHI A ND1  7  
HETATM 614  C CD2  . DHI A 1 1 ? 3.289  4.420  -1.079 1.00 0.00 ?  1 DHI A CD2  7  
HETATM 615  C CE1  . DHI A 1 1 ? 2.967  5.132  1.037  1.00 0.00 ?  1 DHI A CE1  7  
HETATM 616  N NE2  . DHI A 1 1 ? 3.727  5.259  -0.072 1.00 0.00 ?  1 DHI A NE2  7  
HETATM 617  H H1   . DHI A 1 1 ? 1.588  0.345  0.891  1.00 0.00 ?  1 DHI A H1   7  
HETATM 618  H HA   . DHI A 1 1 ? 3.376  1.243  -1.246 1.00 0.00 ?  1 DHI A HA   7  
HETATM 619  H HB2  . DHI A 1 1 ? 0.581  2.392  -0.897 1.00 0.00 ?  1 DHI A HB2  7  
HETATM 620  H HB3  . DHI A 1 1 ? 1.600  2.647  -2.340 1.00 0.00 ?  1 DHI A HB3  7  
HETATM 621  H HD1  . DHI A 1 1 ? 1.387  3.816  1.331  1.00 0.00 ?  1 DHI A HD1  7  
HETATM 622  H HD2  . DHI A 1 1 ? 3.825  4.137  -1.963 1.00 0.00 ?  1 DHI A HD2  7  
HETATM 623  H HE1  . DHI A 1 1 ? 3.149  5.594  1.987  1.00 0.00 ?  1 DHI A HE1  7  
HETATM 624  H HE2  . DHI A 1 1 ? 4.513  5.891  -0.059 1.00 0.00 ?  1 DHI A HE2  7  
ATOM   625  N N    . PRO A 1 2 ? 2.392  -1.002 -2.133 1.00 0.00 ?  2 PRO A N    7  
ATOM   626  C CA   . PRO A 1 2 ? 1.901  -2.046 -3.011 1.00 0.00 ?  2 PRO A CA   7  
ATOM   627  C C    . PRO A 1 2 ? 0.505  -2.620 -2.862 1.00 0.00 ?  2 PRO A C    7  
ATOM   628  O O    . PRO A 1 2 ? -0.111 -3.079 -3.816 1.00 0.00 ?  2 PRO A O    7  
ATOM   629  C CB   . PRO A 1 2 ? 2.966  -3.127 -3.092 1.00 0.00 ?  2 PRO A CB   7  
ATOM   630  C CG   . PRO A 1 2 ? 4.259  -2.369 -2.835 1.00 0.00 ?  2 PRO A CG   7  
ATOM   631  C CD   . PRO A 1 2 ? 3.778  -1.317 -1.848 1.00 0.00 ?  2 PRO A CD   7  
ATOM   632  H HA   . PRO A 1 2 ? 1.986  -1.619 -4.015 1.00 0.00 ?  2 PRO A HA   7  
ATOM   633  H HB2  . PRO A 1 2 ? 2.719  -3.806 -2.271 1.00 0.00 ?  2 PRO A HB2  7  
ATOM   634  H HB3  . PRO A 1 2 ? 2.957  -3.606 -4.075 1.00 0.00 ?  2 PRO A HB3  7  
ATOM   635  H HG2  . PRO A 1 2 ? 5.010  -3.051 -2.439 1.00 0.00 ?  2 PRO A HG2  7  
ATOM   636  H HG3  . PRO A 1 2 ? 4.626  -1.908 -3.756 1.00 0.00 ?  2 PRO A HG3  7  
ATOM   637  H HD2  . PRO A 1 2 ? 3.744  -1.770 -0.856 1.00 0.00 ?  2 PRO A HD2  7  
ATOM   638  H HD3  . PRO A 1 2 ? 4.347  -0.391 -1.927 1.00 0.00 ?  2 PRO A HD3  7  
HETATM 639  N N    . DAS A 1 3 ? 0.015  -2.622 -1.616 1.00 0.00 ?  3 DAS A N    7  
HETATM 640  C CA   . DAS A 1 3 ? -1.279 -3.153 -1.245 1.00 0.00 ?  3 DAS A CA   7  
HETATM 641  C C    . DAS A 1 3 ? -2.450 -2.251 -1.610 1.00 0.00 ?  3 DAS A C    7  
HETATM 642  O O    . DAS A 1 3 ? -3.588 -2.579 -1.301 1.00 0.00 ?  3 DAS A O    7  
HETATM 643  C CB   . DAS A 1 3 ? -1.419 -4.638 -1.516 1.00 0.00 ?  3 DAS A CB   7  
HETATM 644  C CG   . DAS A 1 3 ? -0.191 -5.450 -1.124 1.00 0.00 ?  3 DAS A CG   7  
HETATM 645  O OD1  . DAS A 1 3 ? 0.018  -6.556 -1.682 1.00 0.00 -1 3 DAS A OD1  7  
HETATM 646  O OD2  . DAS A 1 3 ? 0.541  -5.083 -0.188 1.00 0.00 ?  3 DAS A OD2  7  
HETATM 647  H H    . DAS A 1 3 ? 0.543  -2.110 -0.917 1.00 0.00 ?  3 DAS A H    7  
HETATM 648  H HA   . DAS A 1 3 ? -1.267 -2.994 -0.167 1.00 0.00 ?  3 DAS A HA   7  
HETATM 649  H HB2  . DAS A 1 3 ? -1.551 -4.765 -2.595 1.00 0.00 ?  3 DAS A HB2  7  
HETATM 650  H HB3  . DAS A 1 3 ? -2.308 -5.038 -1.041 1.00 0.00 ?  3 DAS A HB3  7  
HETATM 651  N N    . DGN A 1 4 ? -2.286 -1.063 -2.209 1.00 0.00 ?  4 DGN A N    7  
HETATM 652  C CA   . DGN A 1 4 ? -3.300 -0.043 -2.377 1.00 0.00 ?  4 DGN A CA   7  
HETATM 653  C C    . DGN A 1 4 ? -3.435 0.953  -1.239 1.00 0.00 ?  4 DGN A C    7  
HETATM 654  O O    . DGN A 1 4 ? -4.521 1.528  -1.116 1.00 0.00 ?  4 DGN A O    7  
HETATM 655  C CB   . DGN A 1 4 ? -3.214 0.606  -3.755 1.00 0.00 ?  4 DGN A CB   7  
HETATM 656  C CG   . DGN A 1 4 ? -2.105 1.607  -4.072 1.00 0.00 ?  4 DGN A CG   7  
HETATM 657  C CD   . DGN A 1 4 ? -0.733 0.969  -4.245 1.00 0.00 ?  4 DGN A CD   7  
HETATM 658  O OE1  . DGN A 1 4 ? -0.568 -0.244 -4.347 1.00 0.00 ?  4 DGN A OE1  7  
HETATM 659  N NE2  . DGN A 1 4 ? 0.380  1.696  -4.294 1.00 0.00 ?  4 DGN A NE2  7  
HETATM 660  H H    . DGN A 1 4 ? -1.348 -0.911 -2.559 1.00 0.00 ?  4 DGN A H    7  
HETATM 661  H HA   . DGN A 1 4 ? -4.272 -0.529 -2.396 1.00 0.00 ?  4 DGN A HA   7  
HETATM 662  H HB2  . DGN A 1 4 ? -4.151 1.134  -3.896 1.00 0.00 ?  4 DGN A HB2  7  
HETATM 663  H HB3  . DGN A 1 4 ? -3.198 -0.120 -4.566 1.00 0.00 ?  4 DGN A HB3  7  
HETATM 664  H HG2  . DGN A 1 4 ? -2.032 2.303  -3.232 1.00 0.00 ?  4 DGN A HG2  7  
HETATM 665  H HG3  . DGN A 1 4 ? -2.358 2.109  -5.003 1.00 0.00 ?  4 DGN A HG3  7  
HETATM 666  H HE21 . DGN A 1 4 ? 0.271  2.698  -4.379 1.00 0.00 ?  4 DGN A HE21 7  
HETATM 667  H HE22 . DGN A 1 4 ? 1.185  1.143  -4.542 1.00 0.00 ?  4 DGN A HE22 7  
HETATM 668  N N    . DSN A 1 5 ? -2.421 1.177  -0.391 1.00 0.00 ?  5 DSN A N    7  
HETATM 669  C CA   . DSN A 1 5 ? -2.503 1.867  0.880  1.00 0.00 ?  5 DSN A CA   7  
HETATM 670  C C    . DSN A 1 5 ? -1.435 1.392  1.854  1.00 0.00 ?  5 DSN A C    7  
HETATM 671  O O    . DSN A 1 5 ? -0.762 0.388  1.602  1.00 0.00 ?  5 DSN A O    7  
HETATM 672  C CB   . DSN A 1 5 ? -2.329 3.364  0.647  1.00 0.00 ?  5 DSN A CB   7  
HETATM 673  O OG   . DSN A 1 5 ? -1.141 3.794  0.026  1.00 0.00 ?  5 DSN A OG   7  
HETATM 674  H H    . DSN A 1 5 ? -1.588 0.639  -0.543 1.00 0.00 ?  5 DSN A H    7  
HETATM 675  H HA   . DSN A 1 5 ? -3.467 1.633  1.350  1.00 0.00 ?  5 DSN A HA   7  
HETATM 676  H HB2  . DSN A 1 5 ? -2.419 3.828  1.634  1.00 0.00 ?  5 DSN A HB2  7  
HETATM 677  H HB3  . DSN A 1 5 ? -3.164 3.726  0.049  1.00 0.00 ?  5 DSN A HB3  7  
HETATM 678  H HG   . DSN A 1 5 ? -1.355 4.088  -0.861 1.00 0.00 ?  5 DSN A HG   7  
HETATM 679  N N    . DGL A 1 6 ? -1.316 1.969  3.046  1.00 0.00 ?  6 DGL A N    7  
HETATM 680  C CA   . DGL A 1 6 ? -0.325 1.487  3.988  1.00 0.00 ?  6 DGL A CA   7  
HETATM 681  C C    . DGL A 1 6 ? 1.059  1.645  3.382  1.00 0.00 ?  6 DGL A C    7  
HETATM 682  O O    . DGL A 1 6 ? 1.314  2.742  2.906  1.00 0.00 ?  6 DGL A O    7  
HETATM 683  C CB   . DGL A 1 6 ? -0.303 2.231  5.326  1.00 0.00 ?  6 DGL A CB   7  
HETATM 684  C CG   . DGL A 1 6 ? -1.412 2.099  6.357  1.00 0.00 ?  6 DGL A CG   7  
HETATM 685  C CD   . DGL A 1 6 ? -1.795 0.693  6.776  1.00 0.00 ?  6 DGL A CD   7  
HETATM 686  O OE1  . DGL A 1 6 ? -2.955 0.401  7.142  1.00 0.00 ?  6 DGL A OE1  7  
HETATM 687  O OE2  . DGL A 1 6 ? -0.957 -0.229 6.750  1.00 0.00 -1 6 DGL A OE2  7  
HETATM 688  H H    . DGL A 1 6 ? -1.999 2.638  3.355  1.00 0.00 ?  6 DGL A H    7  
HETATM 689  H HA   . DGL A 1 6 ? -0.517 0.442  4.221  1.00 0.00 ?  6 DGL A HA   7  
HETATM 690  H HB2  . DGL A 1 6 ? -0.183 3.304  5.172  1.00 0.00 ?  6 DGL A HB2  7  
HETATM 691  H HB3  . DGL A 1 6 ? 0.619  1.849  5.779  1.00 0.00 ?  6 DGL A HB3  7  
HETATM 692  H HG2  . DGL A 1 6 ? -2.254 2.664  5.965  1.00 0.00 ?  6 DGL A HG2  7  
HETATM 693  H HG3  . DGL A 1 6 ? -1.098 2.639  7.252  1.00 0.00 ?  6 DGL A HG3  7  
ATOM   694  N N    . PRO A 1 7 ? 1.865  0.581  3.293  1.00 0.00 ?  7 PRO A N    7  
ATOM   695  C CA   . PRO A 1 7 ? 3.180  0.704  2.716  1.00 0.00 ?  7 PRO A CA   7  
ATOM   696  C C    . PRO A 1 7 ? 3.364  1.104  1.264  1.00 0.00 ?  7 PRO A C    7  
ATOM   697  O O    . PRO A 1 7 ? 4.435  1.452  0.786  1.00 0.00 ?  7 PRO A O    7  
ATOM   698  C CB   . PRO A 1 7 ? 3.826  -0.661 2.948  1.00 0.00 ?  7 PRO A CB   7  
ATOM   699  C CG   . PRO A 1 7 ? 3.177  -1.149 4.229  1.00 0.00 ?  7 PRO A CG   7  
ATOM   700  C CD   . PRO A 1 7 ? 1.749  -0.619 4.096  1.00 0.00 ?  7 PRO A CD   7  
ATOM   701  H HA   . PRO A 1 7 ? 3.696  1.492  3.269  1.00 0.00 ?  7 PRO A HA   7  
ATOM   702  H HB2  . PRO A 1 7 ? 3.551  -1.251 2.074  1.00 0.00 ?  7 PRO A HB2  7  
ATOM   703  H HB3  . PRO A 1 7 ? 4.900  -0.531 3.070  1.00 0.00 ?  7 PRO A HB3  7  
ATOM   704  H HG2  . PRO A 1 7 ? 3.196  -2.229 4.378  1.00 0.00 ?  7 PRO A HG2  7  
ATOM   705  H HG3  . PRO A 1 7 ? 3.587  -0.562 5.048  1.00 0.00 ?  7 PRO A HG3  7  
ATOM   706  H HD2  . PRO A 1 7 ? 1.123  -1.333 3.539  1.00 0.00 ?  7 PRO A HD2  7  
ATOM   707  H HD3  . PRO A 1 7 ? 1.219  -0.494 5.032  1.00 0.00 ?  7 PRO A HD3  7  
HETATM 708  N N    . DHI A 1 1 ? 2.374  0.522  0.899  1.00 0.00 ?  1 DHI A N    8  
HETATM 709  C CA   . DHI A 1 1 ? 2.707  0.803  -0.480 1.00 0.00 ?  1 DHI A CA   8  
HETATM 710  C C    . DHI A 1 1 ? 1.722  0.169  -1.445 1.00 0.00 ?  1 DHI A C    8  
HETATM 711  O O    . DHI A 1 1 ? 0.517  0.400  -1.307 1.00 0.00 ?  1 DHI A O    8  
HETATM 712  C CB   . DHI A 1 1 ? 2.693  2.303  -0.751 1.00 0.00 ?  1 DHI A CB   8  
HETATM 713  C CG   . DHI A 1 1 ? 3.776  3.131  -0.108 1.00 0.00 ?  1 DHI A CG   8  
HETATM 714  N ND1  . DHI A 1 1 ? 3.736  3.630  1.183  1.00 0.00 ?  1 DHI A ND1  8  
HETATM 715  C CD2  . DHI A 1 1 ? 5.017  3.402  -0.599 1.00 0.00 ?  1 DHI A CD2  8  
HETATM 716  C CE1  . DHI A 1 1 ? 4.894  4.267  1.461  1.00 0.00 ?  1 DHI A CE1  8  
HETATM 717  N NE2  . DHI A 1 1 ? 5.691  4.062  0.402  1.00 0.00 ?  1 DHI A NE2  8  
HETATM 718  H H1   . DHI A 1 1 ? 1.522  -0.003 1.069  1.00 0.00 ?  1 DHI A H1   8  
HETATM 719  H HA   . DHI A 1 1 ? 3.744  0.502  -0.665 1.00 0.00 ?  1 DHI A HA   8  
HETATM 720  H HB2  . DHI A 1 1 ? 1.783  2.745  -0.341 1.00 0.00 ?  1 DHI A HB2  8  
HETATM 721  H HB3  . DHI A 1 1 ? 2.666  2.475  -1.831 1.00 0.00 ?  1 DHI A HB3  8  
HETATM 722  H HD1  . DHI A 1 1 ? 2.977  3.482  1.833  1.00 0.00 ?  1 DHI A HD1  8  
HETATM 723  H HD2  . DHI A 1 1 ? 5.365  3.160  -1.598 1.00 0.00 ?  1 DHI A HD2  8  
HETATM 724  H HE1  . DHI A 1 1 ? 5.104  4.736  2.418  1.00 0.00 ?  1 DHI A HE1  8  
HETATM 725  H HE2  . DHI A 1 1 ? 6.648  4.379  0.304  1.00 0.00 ?  1 DHI A HE2  8  
ATOM   726  N N    . PRO A 1 2 ? 2.168  -0.647 -2.409 1.00 0.00 ?  2 PRO A N    8  
ATOM   727  C CA   . PRO A 1 2 ? 1.400  -1.149 -3.524 1.00 0.00 ?  2 PRO A CA   8  
ATOM   728  C C    . PRO A 1 2 ? 0.209  -2.046 -3.257 1.00 0.00 ?  2 PRO A C    8  
ATOM   729  O O    . PRO A 1 2 ? -0.650 -2.263 -4.103 1.00 0.00 ?  2 PRO A O    8  
ATOM   730  C CB   . PRO A 1 2 ? 2.383  -1.699 -4.559 1.00 0.00 ?  2 PRO A CB   8  
ATOM   731  C CG   . PRO A 1 2 ? 3.634  -2.059 -3.753 1.00 0.00 ?  2 PRO A CG   8  
ATOM   732  C CD   . PRO A 1 2 ? 3.544  -0.966 -2.693 1.00 0.00 ?  2 PRO A CD   8  
ATOM   733  H HA   . PRO A 1 2 ? 0.903  -0.336 -4.069 1.00 0.00 ?  2 PRO A HA   8  
ATOM   734  H HB2  . PRO A 1 2 ? 2.036  -2.563 -5.115 1.00 0.00 ?  2 PRO A HB2  8  
ATOM   735  H HB3  . PRO A 1 2 ? 2.583  -0.884 -5.255 1.00 0.00 ?  2 PRO A HB3  8  
ATOM   736  H HG2  . PRO A 1 2 ? 3.515  -3.086 -3.422 1.00 0.00 ?  2 PRO A HG2  8  
ATOM   737  H HG3  . PRO A 1 2 ? 4.547  -2.045 -4.338 1.00 0.00 ?  2 PRO A HG3  8  
ATOM   738  H HD2  . PRO A 1 2 ? 4.164  -1.302 -1.856 1.00 0.00 ?  2 PRO A HD2  8  
ATOM   739  H HD3  . PRO A 1 2 ? 4.109  -0.083 -3.013 1.00 0.00 ?  2 PRO A HD3  8  
HETATM 740  N N    . DAS A 1 3 ? 0.119  -2.594 -2.039 1.00 0.00 ?  3 DAS A N    8  
HETATM 741  C CA   . DAS A 1 3 ? -0.990 -3.305 -1.414 1.00 0.00 ?  3 DAS A CA   8  
HETATM 742  C C    . DAS A 1 3 ? -2.254 -2.476 -1.229 1.00 0.00 ?  3 DAS A C    8  
HETATM 743  O O    . DAS A 1 3 ? -2.954 -2.792 -0.267 1.00 0.00 ?  3 DAS A O    8  
HETATM 744  C CB   . DAS A 1 3 ? -1.291 -4.646 -2.063 1.00 0.00 ?  3 DAS A CB   8  
HETATM 745  C CG   . DAS A 1 3 ? -0.165 -5.643 -2.327 1.00 0.00 ?  3 DAS A CG   8  
HETATM 746  O OD1  . DAS A 1 3 ? -0.446 -6.747 -2.833 1.00 0.00 -1 3 DAS A OD1  8  
HETATM 747  O OD2  . DAS A 1 3 ? 1.004  -5.327 -2.000 1.00 0.00 ?  3 DAS A OD2  8  
HETATM 748  H H    . DAS A 1 3 ? 0.816  -2.295 -1.388 1.00 0.00 ?  3 DAS A H    8  
HETATM 749  H HA   . DAS A 1 3 ? -0.537 -3.479 -0.432 1.00 0.00 ?  3 DAS A HA   8  
HETATM 750  H HB2  . DAS A 1 3 ? -1.713 -4.344 -3.026 1.00 0.00 ?  3 DAS A HB2  8  
HETATM 751  H HB3  . DAS A 1 3 ? -2.099 -5.143 -1.535 1.00 0.00 ?  3 DAS A HB3  8  
HETATM 752  N N    . DGN A 1 4 ? -2.586 -1.495 -2.060 1.00 0.00 ?  4 DGN A N    8  
HETATM 753  C CA   . DGN A 1 4 ? -3.793 -0.718 -1.851 1.00 0.00 ?  4 DGN A CA   8  
HETATM 754  C C    . DGN A 1 4 ? -3.650 0.528  -0.976 1.00 0.00 ?  4 DGN A C    8  
HETATM 755  O O    . DGN A 1 4 ? -4.601 1.225  -0.631 1.00 0.00 ?  4 DGN A O    8  
HETATM 756  C CB   . DGN A 1 4 ? -4.446 -0.475 -3.208 1.00 0.00 ?  4 DGN A CB   8  
HETATM 757  C CG   . DGN A 1 4 ? -4.060 0.805  -3.941 1.00 0.00 ?  4 DGN A CG   8  
HETATM 758  C CD   . DGN A 1 4 ? -2.607 0.754  -4.382 1.00 0.00 ?  4 DGN A CD   8  
HETATM 759  O OE1  . DGN A 1 4 ? -2.248 0.332  -5.476 1.00 0.00 ?  4 DGN A OE1  8  
HETATM 760  N NE2  . DGN A 1 4 ? -1.636 1.266  -3.622 1.00 0.00 ?  4 DGN A NE2  8  
HETATM 761  H H    . DGN A 1 4 ? -1.963 -1.320 -2.829 1.00 0.00 ?  4 DGN A H    8  
HETATM 762  H HA   . DGN A 1 4 ? -4.529 -1.309 -1.302 1.00 0.00 ?  4 DGN A HA   8  
HETATM 763  H HB2  . DGN A 1 4 ? -5.522 -0.404 -3.053 1.00 0.00 ?  4 DGN A HB2  8  
HETATM 764  H HB3  . DGN A 1 4 ? -4.324 -1.361 -3.839 1.00 0.00 ?  4 DGN A HB3  8  
HETATM 765  H HG2  . DGN A 1 4 ? -4.399 1.712  -3.437 1.00 0.00 ?  4 DGN A HG2  8  
HETATM 766  H HG3  . DGN A 1 4 ? -4.638 0.691  -4.856 1.00 0.00 ?  4 DGN A HG3  8  
HETATM 767  H HE21 . DGN A 1 4 ? -1.722 1.915  -2.851 1.00 0.00 ?  4 DGN A HE21 8  
HETATM 768  H HE22 . DGN A 1 4 ? -0.786 1.332  -4.161 1.00 0.00 ?  4 DGN A HE22 8  
HETATM 769  N N    . DSN A 1 5 ? -2.409 0.910  -0.643 1.00 0.00 ?  5 DSN A N    8  
HETATM 770  C CA   . DSN A 1 5 ? -2.084 1.940  0.317  1.00 0.00 ?  5 DSN A CA   8  
HETATM 771  C C    . DSN A 1 5 ? -1.258 1.505  1.523  1.00 0.00 ?  5 DSN A C    8  
HETATM 772  O O    . DSN A 1 5 ? -0.852 0.345  1.560  1.00 0.00 ?  5 DSN A O    8  
HETATM 773  C CB   . DSN A 1 5 ? -1.509 3.127  -0.454 1.00 0.00 ?  5 DSN A CB   8  
HETATM 774  O OG   . DSN A 1 5 ? -2.006 3.347  -1.763 1.00 0.00 ?  5 DSN A OG   8  
HETATM 775  H H    . DSN A 1 5 ? -1.627 0.460  -1.102 1.00 0.00 ?  5 DSN A H    8  
HETATM 776  H HA   . DSN A 1 5 ? -3.018 2.253  0.772  1.00 0.00 ?  5 DSN A HA   8  
HETATM 777  H HB2  . DSN A 1 5 ? -0.451 2.916  -0.598 1.00 0.00 ?  5 DSN A HB2  8  
HETATM 778  H HB3  . DSN A 1 5 ? -1.484 4.044  0.124  1.00 0.00 ?  5 DSN A HB3  8  
HETATM 779  H HG   . DSN A 1 5 ? -1.443 4.007  -2.172 1.00 0.00 ?  5 DSN A HG   8  
HETATM 780  N N    . DGL A 1 6 ? -1.128 2.389  2.509  1.00 0.00 ?  6 DGL A N    8  
HETATM 781  C CA   . DGL A 1 6 ? -0.268 2.182  3.655  1.00 0.00 ?  6 DGL A CA   8  
HETATM 782  C C    . DGL A 1 6 ? 1.179  1.813  3.353  1.00 0.00 ?  6 DGL A C    8  
HETATM 783  O O    . DGL A 1 6 ? 1.888  2.732  2.966  1.00 0.00 ?  6 DGL A O    8  
HETATM 784  C CB   . DGL A 1 6 ? -0.446 3.333  4.648  1.00 0.00 ?  6 DGL A CB   8  
HETATM 785  C CG   . DGL A 1 6 ? 0.213  3.030  5.990  1.00 0.00 ?  6 DGL A CG   8  
HETATM 786  C CD   . DGL A 1 6 ? -0.064 4.031  7.108  1.00 0.00 ?  6 DGL A CD   8  
HETATM 787  O OE1  . DGL A 1 6 ? -0.673 3.704  8.152  1.00 0.00 ?  6 DGL A OE1  8  
HETATM 788  O OE2  . DGL A 1 6 ? 0.430  5.173  7.172  1.00 0.00 -1 6 DGL A OE2  8  
HETATM 789  H H    . DGL A 1 6 ? -1.530 3.317  2.470  1.00 0.00 ?  6 DGL A H    8  
HETATM 790  H HA   . DGL A 1 6 ? -0.716 1.320  4.146  1.00 0.00 ?  6 DGL A HA   8  
HETATM 791  H HB2  . DGL A 1 6 ? -1.515 3.386  4.825  1.00 0.00 ?  6 DGL A HB2  8  
HETATM 792  H HB3  . DGL A 1 6 ? -0.013 4.267  4.290  1.00 0.00 ?  6 DGL A HB3  8  
HETATM 793  H HG2  . DGL A 1 6 ? 1.284  3.018  5.787  1.00 0.00 ?  6 DGL A HG2  8  
HETATM 794  H HG3  . DGL A 1 6 ? -0.145 2.070  6.353  1.00 0.00 ?  6 DGL A HG3  8  
ATOM   795  N N    . PRO A 1 7 ? 1.655  0.590  3.604  1.00 0.00 ?  7 PRO A N    8  
ATOM   796  C CA   . PRO A 1 7 ? 3.027  0.247  3.298  1.00 0.00 ?  7 PRO A CA   8  
ATOM   797  C C    . PRO A 1 7 ? 3.270  0.127  1.806  1.00 0.00 ?  7 PRO A C    8  
ATOM   798  O O    . PRO A 1 7 ? 4.406  -0.216 1.476  1.00 0.00 ?  7 PRO A O    8  
ATOM   799  C CB   . PRO A 1 7 ? 3.278  -1.066 4.028  1.00 0.00 ?  7 PRO A CB   8  
ATOM   800  C CG   . PRO A 1 7 ? 1.913  -1.728 4.186  1.00 0.00 ?  7 PRO A CG   8  
ATOM   801  C CD   . PRO A 1 7 ? 0.941  -0.557 4.145  1.00 0.00 ?  7 PRO A CD   8  
ATOM   802  H HA   . PRO A 1 7 ? 3.738  0.998  3.655  1.00 0.00 ?  7 PRO A HA   8  
ATOM   803  H HB2  . PRO A 1 7 ? 4.036  -1.748 3.633  1.00 0.00 ?  7 PRO A HB2  8  
ATOM   804  H HB3  . PRO A 1 7 ? 3.578  -0.780 5.041  1.00 0.00 ?  7 PRO A HB3  8  
ATOM   805  H HG2  . PRO A 1 7 ? 1.749  -2.449 3.386  1.00 0.00 ?  7 PRO A HG2  8  
ATOM   806  H HG3  . PRO A 1 7 ? 1.797  -2.215 5.156  1.00 0.00 ?  7 PRO A HG3  8  
ATOM   807  H HD2  . PRO A 1 7 ? 0.061  -0.751 3.525  1.00 0.00 ?  7 PRO A HD2  8  
ATOM   808  H HD3  . PRO A 1 7 ? 0.607  -0.355 5.167  1.00 0.00 ?  7 PRO A HD3  8  
HETATM 809  N N    . DHI A 1 1 ? 2.202  0.372  0.841  1.00 0.00 ?  1 DHI A N    9  
HETATM 810  C CA   . DHI A 1 1 ? 2.588  0.651  -0.528 1.00 0.00 ?  1 DHI A CA   9  
HETATM 811  C C    . DHI A 1 1 ? 1.598  0.048  -1.505 1.00 0.00 ?  1 DHI A C    9  
HETATM 812  O O    . DHI A 1 1 ? 0.434  0.002  -1.120 1.00 0.00 ?  1 DHI A O    9  
HETATM 813  C CB   . DHI A 1 1 ? 2.696  2.167  -0.691 1.00 0.00 ?  1 DHI A CB   9  
HETATM 814  C CG   . DHI A 1 1 ? 4.016  2.737  -0.226 1.00 0.00 ?  1 DHI A CG   9  
HETATM 815  N ND1  . DHI A 1 1 ? 4.298  3.129  1.070  1.00 0.00 ?  1 DHI A ND1  9  
HETATM 816  C CD2  . DHI A 1 1 ? 4.941  3.258  -1.081 1.00 0.00 ?  1 DHI A CD2  9  
HETATM 817  C CE1  . DHI A 1 1 ? 5.393  3.905  1.020  1.00 0.00 ?  1 DHI A CE1  9  
HETATM 818  N NE2  . DHI A 1 1 ? 5.836  3.886  -0.246 1.00 0.00 ?  1 DHI A NE2  9  
HETATM 819  H H1   . DHI A 1 1 ? 1.211  0.308  1.012  1.00 0.00 ?  1 DHI A H1   9  
HETATM 820  H HA   . DHI A 1 1 ? 3.565  0.229  -0.709 1.00 0.00 ?  1 DHI A HA   9  
HETATM 821  H HB2  . DHI A 1 1 ? 1.880  2.693  -0.183 1.00 0.00 ?  1 DHI A HB2  9  
HETATM 822  H HB3  . DHI A 1 1 ? 2.623  2.339  -1.759 1.00 0.00 ?  1 DHI A HB3  9  
HETATM 823  H HD1  . DHI A 1 1 ? 3.746  2.932  1.893  1.00 0.00 ?  1 DHI A HD1  9  
HETATM 824  H HD2  . DHI A 1 1 ? 4.909  3.427  -2.153 1.00 0.00 ?  1 DHI A HD2  9  
HETATM 825  H HE1  . DHI A 1 1 ? 5.911  4.461  1.789  1.00 0.00 ?  1 DHI A HE1  9  
HETATM 826  H HE2  . DHI A 1 1 ? 6.509  4.539  -0.617 1.00 0.00 ?  1 DHI A HE2  9  
ATOM   827  N N    . PRO A 1 2 ? 1.977  -0.449 -2.693 1.00 0.00 ?  2 PRO A N    9  
ATOM   828  C CA   . PRO A 1 2 ? 1.130  -1.045 -3.698 1.00 0.00 ?  2 PRO A CA   9  
ATOM   829  C C    . PRO A 1 2 ? 0.149  -2.140 -3.307 1.00 0.00 ?  2 PRO A C    9  
ATOM   830  O O    . PRO A 1 2 ? -0.727 -2.384 -4.131 1.00 0.00 ?  2 PRO A O    9  
ATOM   831  C CB   . PRO A 1 2 ? 2.111  -1.727 -4.651 1.00 0.00 ?  2 PRO A CB   9  
ATOM   832  C CG   . PRO A 1 2 ? 3.380  -0.888 -4.644 1.00 0.00 ?  2 PRO A CG   9  
ATOM   833  C CD   . PRO A 1 2 ? 3.338  -0.468 -3.177 1.00 0.00 ?  2 PRO A CD   9  
ATOM   834  H HA   . PRO A 1 2 ? 0.582  -0.242 -4.186 1.00 0.00 ?  2 PRO A HA   9  
ATOM   835  H HB2  . PRO A 1 2 ? 2.320  -2.741 -4.293 1.00 0.00 ?  2 PRO A HB2  9  
ATOM   836  H HB3  . PRO A 1 2 ? 1.714  -1.687 -5.671 1.00 0.00 ?  2 PRO A HB3  9  
ATOM   837  H HG2  . PRO A 1 2 ? 4.280  -1.462 -4.849 1.00 0.00 ?  2 PRO A HG2  9  
ATOM   838  H HG3  . PRO A 1 2 ? 3.291  -0.019 -5.301 1.00 0.00 ?  2 PRO A HG3  9  
ATOM   839  H HD2  . PRO A 1 2 ? 3.969  -1.063 -2.507 1.00 0.00 ?  2 PRO A HD2  9  
ATOM   840  H HD3  . PRO A 1 2 ? 3.705  0.565  -3.142 1.00 0.00 ?  2 PRO A HD3  9  
HETATM 841  N N    . DAS A 1 3 ? 0.186  -2.750 -2.123 1.00 0.00 ?  3 DAS A N    9  
HETATM 842  C CA   . DAS A 1 3 ? -0.851 -3.639 -1.642 1.00 0.00 ?  3 DAS A CA   9  
HETATM 843  C C    . DAS A 1 3 ? -2.213 -2.943 -1.638 1.00 0.00 ?  3 DAS A C    9  
HETATM 844  O O    . DAS A 1 3 ? -3.225 -3.629 -1.632 1.00 0.00 ?  3 DAS A O    9  
HETATM 845  C CB   . DAS A 1 3 ? -0.856 -4.999 -2.327 1.00 0.00 ?  3 DAS A CB   9  
HETATM 846  C CG   . DAS A 1 3 ? 0.501  -5.686 -2.303 1.00 0.00 ?  3 DAS A CG   9  
HETATM 847  O OD1  . DAS A 1 3 ? 0.947  -6.326 -3.287 1.00 0.00 -1 3 DAS A OD1  9  
HETATM 848  O OD2  . DAS A 1 3 ? 1.149  -5.677 -1.240 1.00 0.00 ?  3 DAS A OD2  9  
HETATM 849  H H    . DAS A 1 3 ? 0.958  -2.596 -1.496 1.00 0.00 ?  3 DAS A H    9  
HETATM 850  H HA   . DAS A 1 3 ? -0.552 -3.781 -0.606 1.00 0.00 ?  3 DAS A HA   9  
HETATM 851  H HB2  . DAS A 1 3 ? -1.136 -4.839 -3.368 1.00 0.00 ?  3 DAS A HB2  9  
HETATM 852  H HB3  . DAS A 1 3 ? -1.590 -5.695 -1.912 1.00 0.00 ?  3 DAS A HB3  9  
HETATM 853  N N    . DGN A 1 4 ? -2.110 -1.610 -1.559 1.00 0.00 ?  4 DGN A N    9  
HETATM 854  C CA   . DGN A 1 4 ? -3.270 -0.769 -1.756 1.00 0.00 ?  4 DGN A CA   9  
HETATM 855  C C    . DGN A 1 4 ? -3.316 0.504  -0.930 1.00 0.00 ?  4 DGN A C    9  
HETATM 856  O O    . DGN A 1 4 ? -4.356 1.168  -0.961 1.00 0.00 ?  4 DGN A O    9  
HETATM 857  C CB   . DGN A 1 4 ? -3.322 -0.453 -3.243 1.00 0.00 ?  4 DGN A CB   9  
HETATM 858  C CG   . DGN A 1 4 ? -2.262 0.552  -3.713 1.00 0.00 ?  4 DGN A CG   9  
HETATM 859  C CD   . DGN A 1 4 ? -2.183 0.677  -5.226 1.00 0.00 ?  4 DGN A CD   9  
HETATM 860  O OE1  . DGN A 1 4 ? -2.410 1.704  -5.854 1.00 0.00 ?  4 DGN A OE1  9  
HETATM 861  N NE2  . DGN A 1 4 ? -1.661 -0.369 -5.886 1.00 0.00 ?  4 DGN A NE2  9  
HETATM 862  H H    . DGN A 1 4 ? -1.244 -1.137 -1.342 1.00 0.00 ?  4 DGN A H    9  
HETATM 863  H HA   . DGN A 1 4 ? -4.198 -1.273 -1.465 1.00 0.00 ?  4 DGN A HA   9  
HETATM 864  H HB2  . DGN A 1 4 ? -4.317 -0.057 -3.427 1.00 0.00 ?  4 DGN A HB2  9  
HETATM 865  H HB3  . DGN A 1 4 ? -3.312 -1.368 -3.836 1.00 0.00 ?  4 DGN A HB3  9  
HETATM 866  H HG2  . DGN A 1 4 ? -1.332 0.162  -3.308 1.00 0.00 ?  4 DGN A HG2  9  
HETATM 867  H HG3  . DGN A 1 4 ? -2.572 1.481  -3.221 1.00 0.00 ?  4 DGN A HG3  9  
HETATM 868  H HE21 . DGN A 1 4 ? -1.377 -1.168 -5.345 1.00 0.00 ?  4 DGN A HE21 9  
HETATM 869  H HE22 . DGN A 1 4 ? -1.639 -0.408 -6.897 1.00 0.00 ?  4 DGN A HE22 9  
HETATM 870  N N    . DSN A 1 5 ? -2.213 0.930  -0.299 1.00 0.00 ?  5 DSN A N    9  
HETATM 871  C CA   . DSN A 1 5 ? -2.100 2.118  0.510  1.00 0.00 ?  5 DSN A CA   9  
HETATM 872  C C    . DSN A 1 5 ? -1.164 1.795  1.664  1.00 0.00 ?  5 DSN A C    9  
HETATM 873  O O    . DSN A 1 5 ? -0.488 0.775  1.615  1.00 0.00 ?  5 DSN A O    9  
HETATM 874  C CB   . DSN A 1 5 ? -1.551 3.230  -0.376 1.00 0.00 ?  5 DSN A CB   9  
HETATM 875  O OG   . DSN A 1 5 ? -0.355 3.050  -1.103 1.00 0.00 ?  5 DSN A OG   9  
HETATM 876  H H    . DSN A 1 5 ? -1.431 0.301  -0.232 1.00 0.00 ?  5 DSN A H    9  
HETATM 877  H HA   . DSN A 1 5 ? -3.060 2.528  0.848  1.00 0.00 ?  5 DSN A HA   9  
HETATM 878  H HB2  . DSN A 1 5 ? -1.428 4.159  0.175  1.00 0.00 ?  5 DSN A HB2  9  
HETATM 879  H HB3  . DSN A 1 5 ? -2.334 3.471  -1.104 1.00 0.00 ?  5 DSN A HB3  9  
HETATM 880  H HG   . DSN A 1 5 ? -0.471 3.318  -2.017 1.00 0.00 ?  5 DSN A HG   9  
HETATM 881  N N    . DGL A 1 6 ? -1.088 2.652  2.695  1.00 0.00 ?  6 DGL A N    9  
HETATM 882  C CA   . DGL A 1 6 ? -0.229 2.542  3.854  1.00 0.00 ?  6 DGL A CA   9  
HETATM 883  C C    . DGL A 1 6 ? 1.169  2.016  3.556  1.00 0.00 ?  6 DGL A C    9  
HETATM 884  O O    . DGL A 1 6 ? 2.041  2.782  3.142  1.00 0.00 ?  6 DGL A O    9  
HETATM 885  C CB   . DGL A 1 6 ? -0.215 3.773  4.755  1.00 0.00 ?  6 DGL A CB   9  
HETATM 886  C CG   . DGL A 1 6 ? 0.194  3.672  6.219  1.00 0.00 ?  6 DGL A CG   9  
HETATM 887  C CD   . DGL A 1 6 ? -0.687 2.801  7.105  1.00 0.00 ?  6 DGL A CD   9  
HETATM 888  O OE1  . DGL A 1 6 ? -0.126 2.072  7.956  1.00 0.00 ?  6 DGL A OE1  9  
HETATM 889  O OE2  . DGL A 1 6 ? -1.929 2.850  7.013  1.00 0.00 -1 6 DGL A OE2  9  
HETATM 890  H H    . DGL A 1 6 ? -1.711 3.437  2.651  1.00 0.00 ?  6 DGL A H    9  
HETATM 891  H HA   . DGL A 1 6 ? -0.719 1.782  4.466  1.00 0.00 ?  6 DGL A HA   9  
HETATM 892  H HB2  . DGL A 1 6 ? -1.266 4.064  4.711  1.00 0.00 ?  6 DGL A HB2  9  
HETATM 893  H HB3  . DGL A 1 6 ? 0.377  4.529  4.227  1.00 0.00 ?  6 DGL A HB3  9  
HETATM 894  H HG2  . DGL A 1 6 ? 0.169  4.657  6.688  1.00 0.00 ?  6 DGL A HG2  9  
HETATM 895  H HG3  . DGL A 1 6 ? 1.252  3.415  6.260  1.00 0.00 ?  6 DGL A HG3  9  
ATOM   896  N N    . PRO A 1 7 ? 1.483  0.720  3.697  1.00 0.00 ?  7 PRO A N    9  
ATOM   897  C CA   . PRO A 1 7 ? 2.733  0.142  3.259  1.00 0.00 ?  7 PRO A CA   9  
ATOM   898  C C    . PRO A 1 7 ? 3.131  0.178  1.794  1.00 0.00 ?  7 PRO A C    9  
ATOM   899  O O    . PRO A 1 7 ? 4.299  0.025  1.445  1.00 0.00 ?  7 PRO A O    9  
ATOM   900  C CB   . PRO A 1 7 ? 2.759  -1.269 3.822  1.00 0.00 ?  7 PRO A CB   9  
ATOM   901  C CG   . PRO A 1 7 ? 1.664  -1.245 4.893  1.00 0.00 ?  7 PRO A CG   9  
ATOM   902  C CD   . PRO A 1 7 ? 0.638  -0.239 4.379  1.00 0.00 ?  7 PRO A CD   9  
ATOM   903  H HA   . PRO A 1 7 ? 3.467  0.720  3.835  1.00 0.00 ?  7 PRO A HA   9  
ATOM   904  H HB2  . PRO A 1 7 ? 2.293  -1.873 3.044  1.00 0.00 ?  7 PRO A HB2  9  
ATOM   905  H HB3  . PRO A 1 7 ? 3.709  -1.719 4.080  1.00 0.00 ?  7 PRO A HB3  9  
ATOM   906  H HG2  . PRO A 1 7 ? 1.193  -2.211 5.063  1.00 0.00 ?  7 PRO A HG2  9  
ATOM   907  H HG3  . PRO A 1 7 ? 2.006  -0.834 5.841  1.00 0.00 ?  7 PRO A HG3  9  
ATOM   908  H HD2  . PRO A 1 7 ? -0.091 -0.637 3.659  1.00 0.00 ?  7 PRO A HD2  9  
ATOM   909  H HD3  . PRO A 1 7 ? 0.065  0.084  5.249  1.00 0.00 ?  7 PRO A HD3  9  
HETATM 910  N N    . DHI A 1 1 ? 2.274  0.594  0.942  1.00 0.00 ?  1 DHI A N    10 
HETATM 911  C CA   . DHI A 1 1 ? 2.596  0.738  -0.458 1.00 0.00 ?  1 DHI A CA   10 
HETATM 912  C C    . DHI A 1 1 ? 1.637  -0.009 -1.378 1.00 0.00 ?  1 DHI A C    10 
HETATM 913  O O    . DHI A 1 1 ? 0.417  0.160  -1.299 1.00 0.00 ?  1 DHI A O    10 
HETATM 914  C CB   . DHI A 1 1 ? 2.808  2.217  -0.796 1.00 0.00 ?  1 DHI A CB   10 
HETATM 915  C CG   . DHI A 1 1 ? 3.910  2.904  -0.048 1.00 0.00 ?  1 DHI A CG   10 
HETATM 916  N ND1  . DHI A 1 1 ? 5.253  2.871  -0.371 1.00 0.00 ?  1 DHI A ND1  10 
HETATM 917  C CD2  . DHI A 1 1 ? 3.728  3.932  0.852  1.00 0.00 ?  1 DHI A CD2  10 
HETATM 918  C CE1  . DHI A 1 1 ? 5.904  3.754  0.403  1.00 0.00 ?  1 DHI A CE1  10 
HETATM 919  N NE2  . DHI A 1 1 ? 4.974  4.498  1.034  1.00 0.00 ?  1 DHI A NE2  10 
HETATM 920  H H1   . DHI A 1 1 ? 1.331  0.624  1.284  1.00 0.00 ?  1 DHI A H1   10 
HETATM 921  H HA   . DHI A 1 1 ? 3.562  0.253  -0.562 1.00 0.00 ?  1 DHI A HA   10 
HETATM 922  H HB2  . DHI A 1 1 ? 1.864  2.750  -0.846 1.00 0.00 ?  1 DHI A HB2  10 
HETATM 923  H HB3  . DHI A 1 1 ? 3.209  2.262  -1.813 1.00 0.00 ?  1 DHI A HB3  10 
HETATM 924  H HD1  . DHI A 1 1 ? 5.549  2.267  -1.122 1.00 0.00 ?  1 DHI A HD1  10 
HETATM 925  H HD2  . DHI A 1 1 ? 2.798  4.305  1.255  1.00 0.00 ?  1 DHI A HD2  10 
HETATM 926  H HE1  . DHI A 1 1 ? 6.904  4.098  0.191  1.00 0.00 ?  1 DHI A HE1  10 
HETATM 927  H HE2  . DHI A 1 1 ? 5.119  5.377  1.504  1.00 0.00 ?  1 DHI A HE2  10 
ATOM   928  N N    . PRO A 1 2 ? 2.108  -0.684 -2.422 1.00 0.00 ?  2 PRO A N    10 
ATOM   929  C CA   . PRO A 1 2 ? 1.344  -1.095 -3.578 1.00 0.00 ?  2 PRO A CA   10 
ATOM   930  C C    . PRO A 1 2 ? 0.179  -2.026 -3.233 1.00 0.00 ?  2 PRO A C    10 
ATOM   931  O O    . PRO A 1 2 ? -0.705 -2.113 -4.082 1.00 0.00 ?  2 PRO A O    10 
ATOM   932  C CB   . PRO A 1 2 ? 2.306  -1.816 -4.506 1.00 0.00 ?  2 PRO A CB   10 
ATOM   933  C CG   . PRO A 1 2 ? 3.347  -2.327 -3.501 1.00 0.00 ?  2 PRO A CG   10 
ATOM   934  C CD   . PRO A 1 2 ? 3.466  -1.181 -2.499 1.00 0.00 ?  2 PRO A CD   10 
ATOM   935  H HA   . PRO A 1 2 ? 0.905  -0.243 -4.100 1.00 0.00 ?  2 PRO A HA   10 
ATOM   936  H HB2  . PRO A 1 2 ? 1.888  -2.593 -5.134 1.00 0.00 ?  2 PRO A HB2  10 
ATOM   937  H HB3  . PRO A 1 2 ? 2.775  -1.036 -5.108 1.00 0.00 ?  2 PRO A HB3  10 
ATOM   938  H HG2  . PRO A 1 2 ? 2.976  -3.222 -3.001 1.00 0.00 ?  2 PRO A HG2  10 
ATOM   939  H HG3  . PRO A 1 2 ? 4.291  -2.437 -4.031 1.00 0.00 ?  2 PRO A HG3  10 
ATOM   940  H HD2  . PRO A 1 2 ? 3.692  -1.556 -1.497 1.00 0.00 ?  2 PRO A HD2  10 
ATOM   941  H HD3  . PRO A 1 2 ? 4.255  -0.515 -2.825 1.00 0.00 ?  2 PRO A HD3  10 
HETATM 942  N N    . DAS A 1 3 ? 0.223  -2.718 -2.095 1.00 0.00 ?  3 DAS A N    10 
HETATM 943  C CA   . DAS A 1 3 ? -0.881 -3.530 -1.629 1.00 0.00 ?  3 DAS A CA   10 
HETATM 944  C C    . DAS A 1 3 ? -2.245 -2.852 -1.628 1.00 0.00 ?  3 DAS A C    10 
HETATM 945  O O    . DAS A 1 3 ? -3.276 -3.513 -1.593 1.00 0.00 ?  3 DAS A O    10 
HETATM 946  C CB   . DAS A 1 3 ? -1.016 -4.902 -2.287 1.00 0.00 ?  3 DAS A CB   10 
HETATM 947  C CG   . DAS A 1 3 ? 0.235  -5.762 -2.257 1.00 0.00 ?  3 DAS A CG   10 
HETATM 948  O OD1  . DAS A 1 3 ? 1.294  -5.286 -2.719 1.00 0.00 -1 3 DAS A OD1  10 
HETATM 949  O OD2  . DAS A 1 3 ? 0.259  -6.861 -1.666 1.00 0.00 ?  3 DAS A OD2  10 
HETATM 950  H H    . DAS A 1 3 ? 0.985  -2.593 -1.455 1.00 0.00 ?  3 DAS A H    10 
HETATM 951  H HA   . DAS A 1 3 ? -0.738 -3.639 -0.547 1.00 0.00 ?  3 DAS A HA   10 
HETATM 952  H HB2  . DAS A 1 3 ? -1.241 -4.741 -3.338 1.00 0.00 ?  3 DAS A HB2  10 
HETATM 953  H HB3  . DAS A 1 3 ? -1.891 -5.440 -1.909 1.00 0.00 ?  3 DAS A HB3  10 
HETATM 954  N N    . DGN A 1 4 ? -2.352 -1.516 -1.595 1.00 0.00 ?  4 DGN A N    10 
HETATM 955  C CA   . DGN A 1 4 ? -3.599 -0.762 -1.561 1.00 0.00 ?  4 DGN A CA   10 
HETATM 956  C C    . DGN A 1 4 ? -3.537 0.526  -0.754 1.00 0.00 ?  4 DGN A C    10 
HETATM 957  O O    . DGN A 1 4 ? -4.571 1.051  -0.332 1.00 0.00 ?  4 DGN A O    10 
HETATM 958  C CB   . DGN A 1 4 ? -4.101 -0.487 -2.975 1.00 0.00 ?  4 DGN A CB   10 
HETATM 959  C CG   . DGN A 1 4 ? -3.250 0.487  -3.792 1.00 0.00 ?  4 DGN A CG   10 
HETATM 960  C CD   . DGN A 1 4 ? -3.385 0.130  -5.264 1.00 0.00 ?  4 DGN A CD   10 
HETATM 961  O OE1  . DGN A 1 4 ? -4.170 0.635  -6.062 1.00 0.00 ?  4 DGN A OE1  10 
HETATM 962  N NE2  . DGN A 1 4 ? -2.614 -0.863 -5.712 1.00 0.00 ?  4 DGN A NE2  10 
HETATM 963  H H    . DGN A 1 4 ? -1.455 -1.074 -1.512 1.00 0.00 ?  4 DGN A H    10 
HETATM 964  H HA   . DGN A 1 4 ? -4.392 -1.295 -1.053 1.00 0.00 ?  4 DGN A HA   10 
HETATM 965  H HB2  . DGN A 1 4 ? -5.116 -0.111 -3.031 1.00 0.00 ?  4 DGN A HB2  10 
HETATM 966  H HB3  . DGN A 1 4 ? -4.177 -1.448 -3.472 1.00 0.00 ?  4 DGN A HB3  10 
HETATM 967  H HG2  . DGN A 1 4 ? -2.184 0.384  -3.582 1.00 0.00 ?  4 DGN A HG2  10 
HETATM 968  H HG3  . DGN A 1 4 ? -3.609 1.499  -3.591 1.00 0.00 ?  4 DGN A HG3  10 
HETATM 969  H HE21 . DGN A 1 4 ? -1.966 -1.233 -5.021 1.00 0.00 ?  4 DGN A HE21 10 
HETATM 970  H HE22 . DGN A 1 4 ? -2.708 -1.078 -6.689 1.00 0.00 ?  4 DGN A HE22 10 
HETATM 971  N N    . DSN A 1 5 ? -2.331 1.040  -0.540 1.00 0.00 ?  5 DSN A N    10 
HETATM 972  C CA   . DSN A 1 5 ? -2.056 2.198  0.297  1.00 0.00 ?  5 DSN A CA   10 
HETATM 973  C C    . DSN A 1 5 ? -1.122 1.864  1.443  1.00 0.00 ?  5 DSN A C    10 
HETATM 974  O O    . DSN A 1 5 ? -0.547 0.782  1.475  1.00 0.00 ?  5 DSN A O    10 
HETATM 975  C CB   . DSN A 1 5 ? -1.419 3.301  -0.542 1.00 0.00 ?  5 DSN A CB   10 
HETATM 976  O OG   . DSN A 1 5 ? -2.237 3.593  -1.656 1.00 0.00 ?  5 DSN A OG   10 
HETATM 977  H H    . DSN A 1 5 ? -1.542 0.514  -0.903 1.00 0.00 ?  5 DSN A H    10 
HETATM 978  H HA   . DSN A 1 5 ? -2.983 2.562  0.729  1.00 0.00 ?  5 DSN A HA   10 
HETATM 979  H HB2  . DSN A 1 5 ? -0.505 2.997  -1.061 1.00 0.00 ?  5 DSN A HB2  10 
HETATM 980  H HB3  . DSN A 1 5 ? -1.110 4.159  0.043  1.00 0.00 ?  5 DSN A HB3  10 
HETATM 981  H HG   . DSN A 1 5 ? -2.108 4.451  -2.076 1.00 0.00 ?  5 DSN A HG   10 
HETATM 982  N N    . DGL A 1 6 ? -1.018 2.708  2.478  1.00 0.00 ?  6 DGL A N    10 
HETATM 983  C CA   . DGL A 1 6 ? -0.281 2.298  3.659  1.00 0.00 ?  6 DGL A CA   10 
HETATM 984  C C    . DGL A 1 6 ? 1.166  1.882  3.442  1.00 0.00 ?  6 DGL A C    10 
HETATM 985  O O    . DGL A 1 6 ? 1.983  2.757  3.182  1.00 0.00 ?  6 DGL A O    10 
HETATM 986  C CB   . DGL A 1 6 ? -0.388 3.304  4.797  1.00 0.00 ?  6 DGL A CB   10 
HETATM 987  C CG   . DGL A 1 6 ? -1.828 3.591  5.195  1.00 0.00 ?  6 DGL A CG   10 
HETATM 988  C CD   . DGL A 1 6 ? -2.491 2.367  5.805  1.00 0.00 ?  6 DGL A CD   10 
HETATM 989  O OE1  . DGL A 1 6 ? -3.222 1.647  5.082  1.00 0.00 ?  6 DGL A OE1  10 
HETATM 990  O OE2  . DGL A 1 6 ? -2.473 2.129  7.029  1.00 0.00 -1 6 DGL A OE2  10 
HETATM 991  H H    . DGL A 1 6 ? -1.569 3.558  2.432  1.00 0.00 ?  6 DGL A H    10 
HETATM 992  H HA   . DGL A 1 6 ? -0.853 1.422  3.951  1.00 0.00 ?  6 DGL A HA   10 
HETATM 993  H HB2  . DGL A 1 6 ? 0.067  4.230  4.443  1.00 0.00 ?  6 DGL A HB2  10 
HETATM 994  H HB3  . DGL A 1 6 ? 0.216  2.915  5.620  1.00 0.00 ?  6 DGL A HB3  10 
HETATM 995  H HG2  . DGL A 1 6 ? -2.525 3.923  4.427  1.00 0.00 ?  6 DGL A HG2  10 
HETATM 996  H HG3  . DGL A 1 6 ? -1.785 4.322  6.007  1.00 0.00 ?  6 DGL A HG3  10 
ATOM   997  N N    . PRO A 1 7 ? 1.550  0.616  3.657  1.00 0.00 ?  7 PRO A N    10 
ATOM   998  C CA   . PRO A 1 7 ? 2.877  0.153  3.270  1.00 0.00 ?  7 PRO A CA   10 
ATOM   999  C C    . PRO A 1 7 ? 3.258  0.347  1.817  1.00 0.00 ?  7 PRO A C    10 
ATOM   1000 O O    . PRO A 1 7 ? 4.434  0.311  1.444  1.00 0.00 ?  7 PRO A O    10 
ATOM   1001 C CB   . PRO A 1 7 ? 2.839  -1.342 3.569  1.00 0.00 ?  7 PRO A CB   10 
ATOM   1002 C CG   . PRO A 1 7 ? 1.846  -1.429 4.725  1.00 0.00 ?  7 PRO A CG   10 
ATOM   1003 C CD   . PRO A 1 7 ? 0.787  -0.409 4.329  1.00 0.00 ?  7 PRO A CD   10 
ATOM   1004 H HA   . PRO A 1 7 ? 3.630  0.686  3.846  1.00 0.00 ?  7 PRO A HA   10 
ATOM   1005 H HB2  . PRO A 1 7 ? 2.569  -1.869 2.655  1.00 0.00 ?  7 PRO A HB2  10 
ATOM   1006 H HB3  . PRO A 1 7 ? 3.827  -1.678 3.888  1.00 0.00 ?  7 PRO A HB3  10 
ATOM   1007 H HG2  . PRO A 1 7 ? 1.533  -2.460 4.914  1.00 0.00 ?  7 PRO A HG2  10 
ATOM   1008 H HG3  . PRO A 1 7 ? 2.291  -1.062 5.644  1.00 0.00 ?  7 PRO A HG3  10 
ATOM   1009 H HD2  . PRO A 1 7 ? 0.094  -0.861 3.615  1.00 0.00 ?  7 PRO A HD2  10 
ATOM   1010 H HD3  . PRO A 1 7 ? 0.183  -0.069 5.167  1.00 0.00 ?  7 PRO A HD3  10 
HETATM 1011 N N    . DHI A 1 1 ? 2.376  0.639  0.614  1.00 0.00 ?  1 DHI A N    11 
HETATM 1012 C CA   . DHI A 1 1 ? 2.365  1.038  -0.781 1.00 0.00 ?  1 DHI A CA   11 
HETATM 1013 C C    . DHI A 1 1 ? 1.613  0.033  -1.650 1.00 0.00 ?  1 DHI A C    11 
HETATM 1014 O O    . DHI A 1 1 ? 0.407  0.165  -1.842 1.00 0.00 ?  1 DHI A O    11 
HETATM 1015 C CB   . DHI A 1 1 ? 1.655  2.366  -1.002 1.00 0.00 ?  1 DHI A CB   11 
HETATM 1016 C CG   . DHI A 1 1 ? 2.560  3.502  -0.606 1.00 0.00 ?  1 DHI A CG   11 
HETATM 1017 N ND1  . DHI A 1 1 ? 2.472  4.246  0.565  1.00 0.00 ?  1 DHI A ND1  11 
HETATM 1018 C CD2  . DHI A 1 1 ? 3.701  3.843  -1.289 1.00 0.00 ?  1 DHI A CD2  11 
HETATM 1019 C CE1  . DHI A 1 1 ? 3.495  5.111  0.512  1.00 0.00 ?  1 DHI A CE1  11 
HETATM 1020 N NE2  . DHI A 1 1 ? 4.246  4.886  -0.566 1.00 0.00 ?  1 DHI A NE2  11 
HETATM 1021 H H1   . DHI A 1 1 ? 1.484  0.671  1.088  1.00 0.00 ?  1 DHI A H1   11 
HETATM 1022 H HA   . DHI A 1 1 ? 3.389  1.036  -1.157 1.00 0.00 ?  1 DHI A HA   11 
HETATM 1023 H HB2  . DHI A 1 1 ? 0.732  2.470  -0.441 1.00 0.00 ?  1 DHI A HB2  11 
HETATM 1024 H HB3  . DHI A 1 1 ? 1.529  2.482  -2.076 1.00 0.00 ?  1 DHI A HB3  11 
HETATM 1025 H HD1  . DHI A 1 1 ? 1.800  4.265  1.322  1.00 0.00 ?  1 DHI A HD1  11 
HETATM 1026 H HD2  . DHI A 1 1 ? 4.080  3.309  -2.147 1.00 0.00 ?  1 DHI A HD2  11 
HETATM 1027 H HE1  . DHI A 1 1 ? 3.658  5.856  1.284  1.00 0.00 ?  1 DHI A HE1  11 
HETATM 1028 H HE2  . DHI A 1 1 ? 5.136  5.317  -0.787 1.00 0.00 ?  1 DHI A HE2  11 
ATOM   1029 N N    . PRO A 1 2 ? 2.243  -1.020 -2.183 1.00 0.00 ?  2 PRO A N    11 
ATOM   1030 C CA   . PRO A 1 2 ? 1.717  -1.741 -3.321 1.00 0.00 ?  2 PRO A CA   11 
ATOM   1031 C C    . PRO A 1 2 ? 0.359  -2.360 -2.994 1.00 0.00 ?  2 PRO A C    11 
ATOM   1032 O O    . PRO A 1 2 ? -0.456 -2.442 -3.908 1.00 0.00 ?  2 PRO A O    11 
ATOM   1033 C CB   . PRO A 1 2 ? 2.728  -2.873 -3.463 1.00 0.00 ?  2 PRO A CB   11 
ATOM   1034 C CG   . PRO A 1 2 ? 4.057  -2.217 -3.123 1.00 0.00 ?  2 PRO A CG   11 
ATOM   1035 C CD   . PRO A 1 2 ? 3.579  -1.470 -1.878 1.00 0.00 ?  2 PRO A CD   11 
ATOM   1036 H HA   . PRO A 1 2 ? 1.682  -1.054 -4.169 1.00 0.00 ?  2 PRO A HA   11 
ATOM   1037 H HB2  . PRO A 1 2 ? 2.561  -3.572 -2.641 1.00 0.00 ?  2 PRO A HB2  11 
ATOM   1038 H HB3  . PRO A 1 2 ? 2.811  -3.366 -4.432 1.00 0.00 ?  2 PRO A HB3  11 
ATOM   1039 H HG2  . PRO A 1 2 ? 4.921  -2.843 -2.903 1.00 0.00 ?  2 PRO A HG2  11 
ATOM   1040 H HG3  . PRO A 1 2 ? 4.255  -1.500 -3.918 1.00 0.00 ?  2 PRO A HG3  11 
ATOM   1041 H HD2  . PRO A 1 2 ? 3.561  -2.016 -0.934 1.00 0.00 ?  2 PRO A HD2  11 
ATOM   1042 H HD3  . PRO A 1 2 ? 4.230  -0.627 -1.647 1.00 0.00 ?  2 PRO A HD3  11 
HETATM 1043 N N    . DAS A 1 3 ? 0.146  -2.807 -1.752 1.00 0.00 ?  3 DAS A N    11 
HETATM 1044 C CA   . DAS A 1 3 ? -1.126 -3.324 -1.275 1.00 0.00 ?  3 DAS A CA   11 
HETATM 1045 C C    . DAS A 1 3 ? -2.314 -2.378 -1.403 1.00 0.00 ?  3 DAS A C    11 
HETATM 1046 O O    . DAS A 1 3 ? -3.367 -2.715 -0.863 1.00 0.00 ?  3 DAS A O    11 
HETATM 1047 C CB   . DAS A 1 3 ? -1.388 -4.739 -1.762 1.00 0.00 ?  3 DAS A CB   11 
HETATM 1048 C CG   . DAS A 1 3 ? -0.133 -5.589 -1.572 1.00 0.00 ?  3 DAS A CG   11 
HETATM 1049 O OD1  . DAS A 1 3 ? 0.337  -5.615 -0.420 1.00 0.00 -1 3 DAS A OD1  11 
HETATM 1050 O OD2  . DAS A 1 3 ? 0.312  -6.232 -2.546 1.00 0.00 ?  3 DAS A OD2  11 
HETATM 1051 H H    . DAS A 1 3 ? 0.780  -2.561 -1.012 1.00 0.00 ?  3 DAS A H    11 
HETATM 1052 H HA   . DAS A 1 3 ? -0.983 -3.423 -0.209 1.00 0.00 ?  3 DAS A HA   11 
HETATM 1053 H HB2  . DAS A 1 3 ? -1.541 -4.854 -2.838 1.00 0.00 ?  3 DAS A HB2  11 
HETATM 1054 H HB3  . DAS A 1 3 ? -2.152 -5.206 -1.145 1.00 0.00 ?  3 DAS A HB3  11 
HETATM 1055 N N    . DGN A 1 4 ? -2.250 -1.183 -1.985 1.00 0.00 ?  4 DGN A N    11 
HETATM 1056 C CA   . DGN A 1 4 ? -3.364 -0.289 -2.233 1.00 0.00 ?  4 DGN A CA   11 
HETATM 1057 C C    . DGN A 1 4 ? -3.384 0.863  -1.234 1.00 0.00 ?  4 DGN A C    11 
HETATM 1058 O O    . DGN A 1 4 ? -4.389 1.574  -1.211 1.00 0.00 ?  4 DGN A O    11 
HETATM 1059 C CB   . DGN A 1 4 ? -3.380 0.220  -3.673 1.00 0.00 ?  4 DGN A CB   11 
HETATM 1060 C CG   . DGN A 1 4 ? -2.161 1.038  -4.082 1.00 0.00 ?  4 DGN A CG   11 
HETATM 1061 C CD   . DGN A 1 4 ? -1.969 0.795  -5.569 1.00 0.00 ?  4 DGN A CD   11 
HETATM 1062 O OE1  . DGN A 1 4 ? -2.181 1.637  -6.443 1.00 0.00 ?  4 DGN A OE1  11 
HETATM 1063 N NE2  . DGN A 1 4 ? -1.391 -0.354 -5.938 1.00 0.00 ?  4 DGN A NE2  11 
HETATM 1064 H H    . DGN A 1 4 ? -1.296 -0.884 -2.174 1.00 0.00 ?  4 DGN A H    11 
HETATM 1065 H HA   . DGN A 1 4 ? -4.274 -0.841 -2.025 1.00 0.00 ?  4 DGN A HA   11 
HETATM 1066 H HB2  . DGN A 1 4 ? -4.330 0.728  -3.822 1.00 0.00 ?  4 DGN A HB2  11 
HETATM 1067 H HB3  . DGN A 1 4 ? -3.423 -0.674 -4.289 1.00 0.00 ?  4 DGN A HB3  11 
HETATM 1068 H HG2  . DGN A 1 4 ? -1.243 0.792  -3.542 1.00 0.00 ?  4 DGN A HG2  11 
HETATM 1069 H HG3  . DGN A 1 4 ? -2.346 2.092  -3.862 1.00 0.00 ?  4 DGN A HG3  11 
HETATM 1070 H HE21 . DGN A 1 4 ? -0.940 -0.971 -5.273 1.00 0.00 ?  4 DGN A HE21 11 
HETATM 1071 H HE22 . DGN A 1 4 ? -1.338 -0.606 -6.910 1.00 0.00 ?  4 DGN A HE22 11 
HETATM 1072 N N    . DSN A 1 5 ? -2.381 1.167  -0.405 1.00 0.00 ?  5 DSN A N    11 
HETATM 1073 C CA   . DSN A 1 5 ? -2.427 2.054  0.741  1.00 0.00 ?  5 DSN A CA   11 
HETATM 1074 C C    . DSN A 1 5 ? -1.309 1.673  1.697  1.00 0.00 ?  5 DSN A C    11 
HETATM 1075 O O    . DSN A 1 5 ? -0.514 0.779  1.436  1.00 0.00 ?  5 DSN A O    11 
HETATM 1076 C CB   . DSN A 1 5 ? -2.422 3.538  0.372  1.00 0.00 ?  5 DSN A CB   11 
HETATM 1077 O OG   . DSN A 1 5 ? -1.101 4.033  0.299  1.00 0.00 ?  5 DSN A OG   11 
HETATM 1078 H H    . DSN A 1 5 ? -1.514 0.655  -0.468 1.00 0.00 ?  5 DSN A H    11 
HETATM 1079 H HA   . DSN A 1 5 ? -3.332 1.825  1.301  1.00 0.00 ?  5 DSN A HA   11 
HETATM 1080 H HB2  . DSN A 1 5 ? -2.839 4.057  1.232  1.00 0.00 ?  5 DSN A HB2  11 
HETATM 1081 H HB3  . DSN A 1 5 ? -2.987 3.722  -0.541 1.00 0.00 ?  5 DSN A HB3  11 
HETATM 1082 H HG   . DSN A 1 5 ? -1.154 4.976  0.129  1.00 0.00 ?  5 DSN A HG   11 
HETATM 1083 N N    . DGL A 1 6 ? -1.229 2.251  2.902  1.00 0.00 ?  6 DGL A N    11 
HETATM 1084 C CA   . DGL A 1 6 ? -0.338 1.785  3.939  1.00 0.00 ?  6 DGL A CA   11 
HETATM 1085 C C    . DGL A 1 6 ? 1.106  1.684  3.443  1.00 0.00 ?  6 DGL A C    11 
HETATM 1086 O O    . DGL A 1 6 ? 1.578  2.746  3.055  1.00 0.00 ?  6 DGL A O    11 
HETATM 1087 C CB   . DGL A 1 6 ? -0.456 2.693  5.156  1.00 0.00 ?  6 DGL A CB   11 
HETATM 1088 C CG   . DGL A 1 6 ? -1.455 2.217  6.208  1.00 0.00 ?  6 DGL A CG   11 
HETATM 1089 C CD   . DGL A 1 6 ? -1.287 3.148  7.410  1.00 0.00 ?  6 DGL A CD   11 
HETATM 1090 O OE1  . DGL A 1 6 ? -2.088 4.097  7.538  1.00 0.00 ?  6 DGL A OE1  11 
HETATM 1091 O OE2  . DGL A 1 6 ? -0.447 2.846  8.290  1.00 0.00 -1 6 DGL A OE2  11 
HETATM 1092 H H    . DGL A 1 6 ? -1.696 3.128  3.040  1.00 0.00 ?  6 DGL A H    11 
HETATM 1093 H HA   . DGL A 1 6 ? -0.702 0.801  4.234  1.00 0.00 ?  6 DGL A HA   11 
HETATM 1094 H HB2  . DGL A 1 6 ? -0.667 3.721  4.869  1.00 0.00 ?  6 DGL A HB2  11 
HETATM 1095 H HB3  . DGL A 1 6 ? 0.544  2.764  5.590  1.00 0.00 ?  6 DGL A HB3  11 
HETATM 1096 H HG2  . DGL A 1 6 ? -1.332 1.206  6.593  1.00 0.00 ?  6 DGL A HG2  11 
HETATM 1097 H HG3  . DGL A 1 6 ? -2.463 2.247  5.802  1.00 0.00 ?  6 DGL A HG3  11 
ATOM   1098 N N    . PRO A 1 7 ? 1.815  0.558  3.432  1.00 0.00 ?  7 PRO A N    11 
ATOM   1099 C CA   . PRO A 1 7 ? 3.173  0.477  2.930  1.00 0.00 ?  7 PRO A CA   11 
ATOM   1100 C C    . PRO A 1 7 ? 3.361  0.866  1.478  1.00 0.00 ?  7 PRO A C    11 
ATOM   1101 O O    . PRO A 1 7 ? 4.451  1.271  1.076  1.00 0.00 ?  7 PRO A O    11 
ATOM   1102 C CB   . PRO A 1 7 ? 3.457  -1.014 3.089  1.00 0.00 ?  7 PRO A CB   11 
ATOM   1103 C CG   . PRO A 1 7 ? 2.670  -1.575 4.264  1.00 0.00 ?  7 PRO A CG   11 
ATOM   1104 C CD   . PRO A 1 7 ? 1.487  -0.610 4.218  1.00 0.00 ?  7 PRO A CD   11 
ATOM   1105 H HA   . PRO A 1 7 ? 3.849  1.056  3.562  1.00 0.00 ?  7 PRO A HA   11 
ATOM   1106 H HB2  . PRO A 1 7 ? 3.019  -1.536 2.237  1.00 0.00 ?  7 PRO A HB2  11 
ATOM   1107 H HB3  . PRO A 1 7 ? 4.534  -1.177 3.174  1.00 0.00 ?  7 PRO A HB3  11 
ATOM   1108 H HG2  . PRO A 1 7 ? 2.389  -2.604 4.064  1.00 0.00 ?  7 PRO A HG2  11 
ATOM   1109 H HG3  . PRO A 1 7 ? 3.274  -1.363 5.156  1.00 0.00 ?  7 PRO A HG3  11 
ATOM   1110 H HD2  . PRO A 1 7 ? 0.709  -1.089 3.630  1.00 0.00 ?  7 PRO A HD2  11 
ATOM   1111 H HD3  . PRO A 1 7 ? 1.115  -0.391 5.228  1.00 0.00 ?  7 PRO A HD3  11 
HETATM 1112 N N    . DHI A 1 1 ? 2.541  0.960  0.509  1.00 0.00 ?  1 DHI A N    12 
HETATM 1113 C CA   . DHI A 1 1 ? 2.309  1.354  -0.861 1.00 0.00 ?  1 DHI A CA   12 
HETATM 1114 C C    . DHI A 1 1 ? 1.581  0.262  -1.637 1.00 0.00 ?  1 DHI A C    12 
HETATM 1115 O O    . DHI A 1 1 ? 0.459  0.445  -2.082 1.00 0.00 ?  1 DHI A O    12 
HETATM 1116 C CB   . DHI A 1 1 ? 1.499  2.645  -0.938 1.00 0.00 ?  1 DHI A CB   12 
HETATM 1117 C CG   . DHI A 1 1 ? 2.220  3.796  -0.303 1.00 0.00 ?  1 DHI A CG   12 
HETATM 1118 N ND1  . DHI A 1 1 ? 2.216  4.205  1.022  1.00 0.00 ?  1 DHI A ND1  12 
HETATM 1119 C CD2  . DHI A 1 1 ? 2.987  4.688  -1.012 1.00 0.00 ?  1 DHI A CD2  12 
HETATM 1120 C CE1  . DHI A 1 1 ? 2.891  5.361  1.138  1.00 0.00 ?  1 DHI A CE1  12 
HETATM 1121 N NE2  . DHI A 1 1 ? 3.411  5.602  -0.073 1.00 0.00 ?  1 DHI A NE2  12 
HETATM 1122 H H1   . DHI A 1 1 ? 1.782  0.594  1.066  1.00 0.00 ?  1 DHI A H1   12 
HETATM 1123 H HA   . DHI A 1 1 ? 3.263  1.615  -1.335 1.00 0.00 ?  1 DHI A HA   12 
HETATM 1124 H HB2  . DHI A 1 1 ? 0.533  2.519  -0.445 1.00 0.00 ?  1 DHI A HB2  12 
HETATM 1125 H HB3  . DHI A 1 1 ? 1.278  2.894  -1.974 1.00 0.00 ?  1 DHI A HB3  12 
HETATM 1126 H HD1  . DHI A 1 1 ? 1.889  3.579  1.741  1.00 0.00 ?  1 DHI A HD1  12 
HETATM 1127 H HD2  . DHI A 1 1 ? 3.220  4.680  -2.068 1.00 0.00 ?  1 DHI A HD2  12 
HETATM 1128 H HE1  . DHI A 1 1 ? 3.188  5.907  2.017  1.00 0.00 ?  1 DHI A HE1  12 
HETATM 1129 H HE2  . DHI A 1 1 ? 4.184  6.211  -0.300 1.00 0.00 ?  1 DHI A HE2  12 
ATOM   1130 N N    . PRO A 1 2 ? 2.260  -0.873 -1.827 1.00 0.00 ?  2 PRO A N    12 
ATOM   1131 C CA   . PRO A 1 2 ? 1.862  -1.953 -2.700 1.00 0.00 ?  2 PRO A CA   12 
ATOM   1132 C C    . PRO A 1 2 ? 0.441  -2.469 -2.504 1.00 0.00 ?  2 PRO A C    12 
ATOM   1133 O O    . PRO A 1 2 ? -0.227 -2.942 -3.417 1.00 0.00 ?  2 PRO A O    12 
ATOM   1134 C CB   . PRO A 1 2 ? 2.883  -3.083 -2.572 1.00 0.00 ?  2 PRO A CB   12 
ATOM   1135 C CG   . PRO A 1 2 ? 4.136  -2.297 -2.203 1.00 0.00 ?  2 PRO A CG   12 
ATOM   1136 C CD   . PRO A 1 2 ? 3.636  -1.083 -1.414 1.00 0.00 ?  2 PRO A CD   12 
ATOM   1137 H HA   . PRO A 1 2 ? 2.032  -1.657 -3.731 1.00 0.00 ?  2 PRO A HA   12 
ATOM   1138 H HB2  . PRO A 1 2 ? 2.608  -3.797 -1.792 1.00 0.00 ?  2 PRO A HB2  12 
ATOM   1139 H HB3  . PRO A 1 2 ? 3.028  -3.742 -3.432 1.00 0.00 ?  2 PRO A HB3  12 
ATOM   1140 H HG2  . PRO A 1 2 ? 4.834  -2.834 -1.575 1.00 0.00 ?  2 PRO A HG2  12 
ATOM   1141 H HG3  . PRO A 1 2 ? 4.598  -1.988 -3.143 1.00 0.00 ?  2 PRO A HG3  12 
ATOM   1142 H HD2  . PRO A 1 2 ? 3.620  -1.315 -0.358 1.00 0.00 ?  2 PRO A HD2  12 
ATOM   1143 H HD3  . PRO A 1 2 ? 4.284  -0.248 -1.711 1.00 0.00 ?  2 PRO A HD3  12 
HETATM 1144 N N    . DAS A 1 3 ? -0.169 -2.429 -1.306 1.00 0.00 ?  3 DAS A N    12 
HETATM 1145 C CA   . DAS A 1 3 ? -1.479 -2.875 -0.903 1.00 0.00 ?  3 DAS A CA   12 
HETATM 1146 C C    . DAS A 1 3 ? -2.664 -2.146 -1.521 1.00 0.00 ?  3 DAS A C    12 
HETATM 1147 O O    . DAS A 1 3 ? -3.796 -2.423 -1.144 1.00 0.00 ?  3 DAS A O    12 
HETATM 1148 C CB   . DAS A 1 3 ? -1.644 -4.392 -0.859 1.00 0.00 ?  3 DAS A CB   12 
HETATM 1149 C CG   . DAS A 1 3 ? -0.458 -5.107 -0.213 1.00 0.00 ?  3 DAS A CG   12 
HETATM 1150 O OD1  . DAS A 1 3 ? 0.046  -6.088 -0.796 1.00 0.00 -1 3 DAS A OD1  12 
HETATM 1151 O OD2  . DAS A 1 3 ? -0.123 -4.807 0.957  1.00 0.00 ?  3 DAS A OD2  12 
HETATM 1152 H H    . DAS A 1 3 ? 0.331  -1.948 -0.574 1.00 0.00 ?  3 DAS A H    12 
HETATM 1153 H HA   . DAS A 1 3 ? -1.594 -2.565 0.132  1.00 0.00 ?  3 DAS A HA   12 
HETATM 1154 H HB2  . DAS A 1 3 ? -1.981 -4.752 -1.821 1.00 0.00 ?  3 DAS A HB2  12 
HETATM 1155 H HB3  . DAS A 1 3 ? -2.499 -4.570 -0.204 1.00 0.00 ?  3 DAS A HB3  12 
HETATM 1156 N N    . DGN A 1 4 ? -2.481 -1.102 -2.344 1.00 0.00 ?  4 DGN A N    12 
HETATM 1157 C CA   . DGN A 1 4 ? -3.512 -0.098 -2.491 1.00 0.00 ?  4 DGN A CA   12 
HETATM 1158 C C    . DGN A 1 4 ? -3.535 0.911  -1.348 1.00 0.00 ?  4 DGN A C    12 
HETATM 1159 O O    . DGN A 1 4 ? -4.624 1.333  -0.967 1.00 0.00 ?  4 DGN A O    12 
HETATM 1160 C CB   . DGN A 1 4 ? -3.334 0.650  -3.810 1.00 0.00 ?  4 DGN A CB   12 
HETATM 1161 C CG   . DGN A 1 4 ? -1.988 1.260  -4.156 1.00 0.00 ?  4 DGN A CG   12 
HETATM 1162 C CD   . DGN A 1 4 ? -1.136 0.278  -4.942 1.00 0.00 ?  4 DGN A CD   12 
HETATM 1163 O OE1  . DGN A 1 4 ? -1.640 -0.505 -5.743 1.00 0.00 ?  4 DGN A OE1  12 
HETATM 1164 N NE2  . DGN A 1 4 ? 0.200  0.253  -4.849 1.00 0.00 ?  4 DGN A NE2  12 
HETATM 1165 H H    . DGN A 1 4 ? -1.574 -0.937 -2.765 1.00 0.00 ?  4 DGN A H    12 
HETATM 1166 H HA   . DGN A 1 4 ? -4.481 -0.573 -2.648 1.00 0.00 ?  4 DGN A HA   12 
HETATM 1167 H HB2  . DGN A 1 4 ? -4.013 1.499  -3.821 1.00 0.00 ?  4 DGN A HB2  12 
HETATM 1168 H HB3  . DGN A 1 4 ? -3.702 0.047  -4.646 1.00 0.00 ?  4 DGN A HB3  12 
HETATM 1169 H HG2  . DGN A 1 4 ? -1.525 1.669  -3.255 1.00 0.00 ?  4 DGN A HG2  12 
HETATM 1170 H HG3  . DGN A 1 4 ? -2.092 2.216  -4.676 1.00 0.00 ?  4 DGN A HG3  12 
HETATM 1171 H HE21 . DGN A 1 4 ? 0.748  0.765  -4.168 1.00 0.00 ?  4 DGN A HE21 12 
HETATM 1172 H HE22 . DGN A 1 4 ? 0.661  -0.419 -5.446 1.00 0.00 ?  4 DGN A HE22 12 
HETATM 1173 N N    . DSN A 1 5 ? -2.383 1.305  -0.801 1.00 0.00 ?  5 DSN A N    12 
HETATM 1174 C CA   . DSN A 1 5 ? -2.306 1.840  0.544  1.00 0.00 ?  5 DSN A CA   12 
HETATM 1175 C C    . DSN A 1 5 ? -1.279 1.113  1.398  1.00 0.00 ?  5 DSN A C    12 
HETATM 1176 O O    . DSN A 1 5 ? -0.396 0.441  0.868  1.00 0.00 ?  5 DSN A O    12 
HETATM 1177 C CB   . DSN A 1 5 ? -2.244 3.364  0.562  1.00 0.00 ?  5 DSN A CB   12 
HETATM 1178 O OG   . DSN A 1 5 ? -1.473 3.890  -0.492 1.00 0.00 ?  5 DSN A OG   12 
HETATM 1179 H H    . DSN A 1 5 ? -1.531 1.047  -1.272 1.00 0.00 ?  5 DSN A H    12 
HETATM 1180 H HA   . DSN A 1 5 ? -3.251 1.689  1.063  1.00 0.00 ?  5 DSN A HA   12 
HETATM 1181 H HB2  . DSN A 1 5 ? -2.074 3.715  1.582  1.00 0.00 ?  5 DSN A HB2  12 
HETATM 1182 H HB3  . DSN A 1 5 ? -3.261 3.734  0.412  1.00 0.00 ?  5 DSN A HB3  12 
HETATM 1183 H HG   . DSN A 1 5 ? -1.362 4.835  -0.329 1.00 0.00 ?  5 DSN A HG   12 
HETATM 1184 N N    . DGL A 1 6 ? -1.360 1.257  2.722  1.00 0.00 ?  6 DGL A N    12 
HETATM 1185 C CA   . DGL A 1 6 ? -0.322 0.798  3.623  1.00 0.00 ?  6 DGL A CA   12 
HETATM 1186 C C    . DGL A 1 6 ? 1.034  1.301  3.156  1.00 0.00 ?  6 DGL A C    12 
HETATM 1187 O O    . DGL A 1 6 ? 1.036  2.421  2.660  1.00 0.00 ?  6 DGL A O    12 
HETATM 1188 C CB   . DGL A 1 6 ? -0.404 1.100  5.119  1.00 0.00 ?  6 DGL A CB   12 
HETATM 1189 C CG   . DGL A 1 6 ? -1.746 0.586  5.652  1.00 0.00 ?  6 DGL A CG   12 
HETATM 1190 C CD   . DGL A 1 6 ? -2.995 1.353  5.236  1.00 0.00 ?  6 DGL A CD   12 
HETATM 1191 O OE1  . DGL A 1 6 ? -3.778 0.782  4.439  1.00 0.00 ?  6 DGL A OE1  12 
HETATM 1192 O OE2  . DGL A 1 6 ? -3.323 2.390  5.844  1.00 0.00 -1 6 DGL A OE2  12 
HETATM 1193 H H    . DGL A 1 6 ? -2.167 1.701  3.129  1.00 0.00 ?  6 DGL A H    12 
HETATM 1194 H HA   . DGL A 1 6 ? -0.327 -0.289 3.591  1.00 0.00 ?  6 DGL A HA   12 
HETATM 1195 H HB2  . DGL A 1 6 ? -0.345 2.181  5.277  1.00 0.00 ?  6 DGL A HB2  12 
HETATM 1196 H HB3  . DGL A 1 6 ? 0.332  0.558  5.696  1.00 0.00 ?  6 DGL A HB3  12 
HETATM 1197 H HG2  . DGL A 1 6 ? -1.894 0.574  6.730  1.00 0.00 ?  6 DGL A HG2  12 
HETATM 1198 H HG3  . DGL A 1 6 ? -1.918 -0.413 5.268  1.00 0.00 ?  6 DGL A HG3  12 
ATOM   1199 N N    . PRO A 1 7 ? 2.145  0.574  3.307  1.00 0.00 ?  7 PRO A N    12 
ATOM   1200 C CA   . PRO A 1 7 ? 3.447  0.934  2.787  1.00 0.00 ?  7 PRO A CA   12 
ATOM   1201 C C    . PRO A 1 7 ? 3.575  1.237  1.305  1.00 0.00 ?  7 PRO A C    12 
ATOM   1202 O O    . PRO A 1 7 ? 4.599  1.683  0.789  1.00 0.00 ?  7 PRO A O    12 
ATOM   1203 C CB   . PRO A 1 7 ? 4.407  -0.179 3.203  1.00 0.00 ?  7 PRO A CB   12 
ATOM   1204 C CG   . PRO A 1 7 ? 3.703  -0.900 4.354  1.00 0.00 ?  7 PRO A CG   12 
ATOM   1205 C CD   . PRO A 1 7 ? 2.231  -0.689 4.008  1.00 0.00 ?  7 PRO A CD   12 
ATOM   1206 H HA   . PRO A 1 7 ? 3.658  1.821  3.390  1.00 0.00 ?  7 PRO A HA   12 
ATOM   1207 H HB2  . PRO A 1 7 ? 4.417  -0.826 2.326  1.00 0.00 ?  7 PRO A HB2  12 
ATOM   1208 H HB3  . PRO A 1 7 ? 5.376  0.238  3.512  1.00 0.00 ?  7 PRO A HB3  12 
ATOM   1209 H HG2  . PRO A 1 7 ? 3.920  -1.958 4.446  1.00 0.00 ?  7 PRO A HG2  12 
ATOM   1210 H HG3  . PRO A 1 7 ? 3.836  -0.400 5.309  1.00 0.00 ?  7 PRO A HG3  12 
ATOM   1211 H HD2  . PRO A 1 7 ? 1.922  -1.418 3.263  1.00 0.00 ?  7 PRO A HD2  12 
ATOM   1212 H HD3  . PRO A 1 7 ? 1.760  -0.697 4.990  1.00 0.00 ?  7 PRO A HD3  12 
HETATM 1213 N N    . DHI A 1 1 ? 2.593  0.677  0.646  1.00 0.00 ?  1 DHI A N    13 
HETATM 1214 C CA   . DHI A 1 1 ? 2.551  1.077  -0.745 1.00 0.00 ?  1 DHI A CA   13 
HETATM 1215 C C    . DHI A 1 1 ? 1.695  0.091  -1.528 1.00 0.00 ?  1 DHI A C    13 
HETATM 1216 O O    . DHI A 1 1 ? 0.509  0.317  -1.774 1.00 0.00 ?  1 DHI A O    13 
HETATM 1217 C CB   . DHI A 1 1 ? 2.007  2.508  -0.790 1.00 0.00 ?  1 DHI A CB   13 
HETATM 1218 C CG   . DHI A 1 1 ? 2.952  3.585  -0.366 1.00 0.00 ?  1 DHI A CG   13 
HETATM 1219 N ND1  . DHI A 1 1 ? 2.802  4.289  0.820  1.00 0.00 ?  1 DHI A ND1  13 
HETATM 1220 C CD2  . DHI A 1 1 ? 4.059  4.123  -0.970 1.00 0.00 ?  1 DHI A CD2  13 
HETATM 1221 C CE1  . DHI A 1 1 ? 3.798  5.182  0.937  1.00 0.00 ?  1 DHI A CE1  13 
HETATM 1222 N NE2  . DHI A 1 1 ? 4.549  5.142  -0.177 1.00 0.00 ?  1 DHI A NE2  13 
HETATM 1223 H H1   . DHI A 1 1 ? 1.821  0.969  1.237  1.00 0.00 ?  1 DHI A H1   13 
HETATM 1224 H HA   . DHI A 1 1 ? 3.509  1.167  -1.241 1.00 0.00 ?  1 DHI A HA   13 
HETATM 1225 H HB2  . DHI A 1 1 ? 1.086  2.578  -0.203 1.00 0.00 ?  1 DHI A HB2  13 
HETATM 1226 H HB3  . DHI A 1 1 ? 1.637  2.721  -1.793 1.00 0.00 ?  1 DHI A HB3  13 
HETATM 1227 H HD1  . DHI A 1 1 ? 2.111  4.082  1.529  1.00 0.00 ?  1 DHI A HD1  13 
HETATM 1228 H HD2  . DHI A 1 1 ? 4.428  3.793  -1.929 1.00 0.00 ?  1 DHI A HD2  13 
HETATM 1229 H HE1  . DHI A 1 1 ? 3.899  5.944  1.700  1.00 0.00 ?  1 DHI A HE1  13 
HETATM 1230 H HE2  . DHI A 1 1 ? 5.378  5.688  -0.387 1.00 0.00 ?  1 DHI A HE2  13 
ATOM   1231 N N    . PRO A 1 2 ? 2.328  -0.983 -1.985 1.00 0.00 ?  2 PRO A N    13 
ATOM   1232 C CA   . PRO A 1 2 ? 1.791  -1.809 -3.051 1.00 0.00 ?  2 PRO A CA   13 
ATOM   1233 C C    . PRO A 1 2 ? 0.501  -2.559 -2.758 1.00 0.00 ?  2 PRO A C    13 
ATOM   1234 O O    . PRO A 1 2 ? -0.086 -3.221 -3.611 1.00 0.00 ?  2 PRO A O    13 
ATOM   1235 C CB   . PRO A 1 2 ? 2.991  -2.601 -3.558 1.00 0.00 ?  2 PRO A CB   13 
ATOM   1236 C CG   . PRO A 1 2 ? 3.865  -2.688 -2.316 1.00 0.00 ?  2 PRO A CG   13 
ATOM   1237 C CD   . PRO A 1 2 ? 3.698  -1.319 -1.670 1.00 0.00 ?  2 PRO A CD   13 
ATOM   1238 H HA   . PRO A 1 2 ? 1.441  -1.271 -3.933 1.00 0.00 ?  2 PRO A HA   13 
ATOM   1239 H HB2  . PRO A 1 2 ? 2.705  -3.568 -3.978 1.00 0.00 ?  2 PRO A HB2  13 
ATOM   1240 H HB3  . PRO A 1 2 ? 3.512  -2.062 -4.353 1.00 0.00 ?  2 PRO A HB3  13 
ATOM   1241 H HG2  . PRO A 1 2 ? 3.522  -3.550 -1.732 1.00 0.00 ?  2 PRO A HG2  13 
ATOM   1242 H HG3  . PRO A 1 2 ? 4.905  -2.920 -2.553 1.00 0.00 ?  2 PRO A HG3  13 
ATOM   1243 H HD2  . PRO A 1 2 ? 3.814  -1.449 -0.592 1.00 0.00 ?  2 PRO A HD2  13 
ATOM   1244 H HD3  . PRO A 1 2 ? 4.443  -0.603 -2.022 1.00 0.00 ?  2 PRO A HD3  13 
HETATM 1245 N N    . DAS A 1 3 ? -0.076 -2.409 -1.558 1.00 0.00 ?  3 DAS A N    13 
HETATM 1246 C CA   . DAS A 1 3 ? -1.337 -2.959 -1.087 1.00 0.00 ?  3 DAS A CA   13 
HETATM 1247 C C    . DAS A 1 3 ? -2.593 -2.193 -1.467 1.00 0.00 ?  3 DAS A C    13 
HETATM 1248 O O    . DAS A 1 3 ? -3.591 -2.398 -0.777 1.00 0.00 ?  3 DAS A O    13 
HETATM 1249 C CB   . DAS A 1 3 ? -1.485 -4.478 -1.134 1.00 0.00 ?  3 DAS A CB   13 
HETATM 1250 C CG   . DAS A 1 3 ? -0.258 -5.109 -0.489 1.00 0.00 ?  3 DAS A CG   13 
HETATM 1251 O OD1  . DAS A 1 3 ? 0.365  -6.035 -1.052 1.00 0.00 -1 3 DAS A OD1  13 
HETATM 1252 O OD2  . DAS A 1 3 ? 0.120  -4.621 0.599  1.00 0.00 ?  3 DAS A OD2  13 
HETATM 1253 H H    . DAS A 1 3 ? 0.364  -1.837 -0.850 1.00 0.00 ?  3 DAS A H    13 
HETATM 1254 H HA   . DAS A 1 3 ? -1.281 -2.853 0.000  1.00 0.00 ?  3 DAS A HA   13 
HETATM 1255 H HB2  . DAS A 1 3 ? -1.598 -4.653 -2.198 1.00 0.00 ?  3 DAS A HB2  13 
HETATM 1256 H HB3  . DAS A 1 3 ? -2.407 -4.748 -0.630 1.00 0.00 ?  3 DAS A HB3  13 
HETATM 1257 N N    . DGN A 1 4 ? -2.583 -1.176 -2.327 1.00 0.00 ?  4 DGN A N    13 
HETATM 1258 C CA   . DGN A 1 4 ? -3.627 -0.196 -2.499 1.00 0.00 ?  4 DGN A CA   13 
HETATM 1259 C C    . DGN A 1 4 ? -3.678 0.759  -1.315 1.00 0.00 ?  4 DGN A C    13 
HETATM 1260 O O    . DGN A 1 4 ? -4.755 1.261  -1.020 1.00 0.00 ?  4 DGN A O    13 
HETATM 1261 C CB   . DGN A 1 4 ? -3.480 0.515  -3.844 1.00 0.00 ?  4 DGN A CB   13 
HETATM 1262 C CG   . DGN A 1 4 ? -2.228 1.375  -4.013 1.00 0.00 ?  4 DGN A CG   13 
HETATM 1263 C CD   . DGN A 1 4 ? -0.945 0.676  -4.434 1.00 0.00 ?  4 DGN A CD   13 
HETATM 1264 O OE1  . DGN A 1 4 ? -0.911 -0.530 -4.708 1.00 0.00 ?  4 DGN A OE1  13 
HETATM 1265 N NE2  . DGN A 1 4 ? 0.161  1.382  -4.638 1.00 0.00 ?  4 DGN A NE2  13 
HETATM 1266 H H    . DGN A 1 4 ? -1.698 -0.942 -2.745 1.00 0.00 ?  4 DGN A H    13 
HETATM 1267 H HA   . DGN A 1 4 ? -4.548 -0.775 -2.487 1.00 0.00 ?  4 DGN A HA   13 
HETATM 1268 H HB2  . DGN A 1 4 ? -4.341 1.169  -4.013 1.00 0.00 ?  4 DGN A HB2  13 
HETATM 1269 H HB3  . DGN A 1 4 ? -3.505 -0.305 -4.564 1.00 0.00 ?  4 DGN A HB3  13 
HETATM 1270 H HG2  . DGN A 1 4 ? -2.127 2.006  -3.137 1.00 0.00 ?  4 DGN A HG2  13 
HETATM 1271 H HG3  . DGN A 1 4 ? -2.559 2.073  -4.771 1.00 0.00 ?  4 DGN A HG3  13 
HETATM 1272 H HE21 . DGN A 1 4 ? 0.138  2.378  -4.457 1.00 0.00 ?  4 DGN A HE21 13 
HETATM 1273 H HE22 . DGN A 1 4 ? 1.035  0.905  -4.811 1.00 0.00 ?  4 DGN A HE22 13 
HETATM 1274 N N    . DSN A 1 5 ? -2.587 0.996  -0.574 1.00 0.00 ?  5 DSN A N    13 
HETATM 1275 C CA   . DSN A 1 5 ? -2.592 1.703  0.693  1.00 0.00 ?  5 DSN A CA   13 
HETATM 1276 C C    . DSN A 1 5 ? -1.430 1.237  1.570  1.00 0.00 ?  5 DSN A C    13 
HETATM 1277 O O    . DSN A 1 5 ? -0.683 0.349  1.201  1.00 0.00 ?  5 DSN A O    13 
HETATM 1278 C CB   . DSN A 1 5 ? -2.679 3.209  0.473  1.00 0.00 ?  5 DSN A CB   13 
HETATM 1279 O OG   . DSN A 1 5 ? -1.501 3.798  -0.031 1.00 0.00 ?  5 DSN A OG   13 
HETATM 1280 H H    . DSN A 1 5 ? -1.713 0.667  -0.958 1.00 0.00 ?  5 DSN A H    13 
HETATM 1281 H HA   . DSN A 1 5 ? -3.514 1.410  1.187  1.00 0.00 ?  5 DSN A HA   13 
HETATM 1282 H HB2  . DSN A 1 5 ? -2.796 3.668  1.452  1.00 0.00 ?  5 DSN A HB2  13 
HETATM 1283 H HB3  . DSN A 1 5 ? -3.602 3.367  -0.097 1.00 0.00 ?  5 DSN A HB3  13 
HETATM 1284 H HG   . DSN A 1 5 ? -1.799 3.929  -0.929 1.00 0.00 ?  5 DSN A HG   13 
HETATM 1285 N N    . DGL A 1 6 ? -1.312 1.792  2.786  1.00 0.00 ?  6 DGL A N    13 
HETATM 1286 C CA   . DGL A 1 6 ? -0.255 1.454  3.715  1.00 0.00 ?  6 DGL A CA   13 
HETATM 1287 C C    . DGL A 1 6 ? 1.193  1.574  3.238  1.00 0.00 ?  6 DGL A C    13 
HETATM 1288 O O    . DGL A 1 6 ? 1.496  2.616  2.663  1.00 0.00 ?  6 DGL A O    13 
HETATM 1289 C CB   . DGL A 1 6 ? -0.456 2.364  4.923  1.00 0.00 ?  6 DGL A CB   13 
HETATM 1290 C CG   . DGL A 1 6 ? -1.706 2.243  5.788  1.00 0.00 ?  6 DGL A CG   13 
HETATM 1291 C CD   . DGL A 1 6 ? -3.031 2.521  5.094  1.00 0.00 ?  6 DGL A CD   13 
HETATM 1292 O OE1  . DGL A 1 6 ? -3.832 1.566  5.010  1.00 0.00 ?  6 DGL A OE1  13 
HETATM 1293 O OE2  . DGL A 1 6 ? -3.187 3.625  4.517  1.00 0.00 -1 6 DGL A OE2  13 
HETATM 1294 H H    . DGL A 1 6 ? -2.028 2.415  3.118  1.00 0.00 ?  6 DGL A H    13 
HETATM 1295 H HA   . DGL A 1 6 ? -0.470 0.407  3.872  1.00 0.00 ?  6 DGL A HA   13 
HETATM 1296 H HB2  . DGL A 1 6 ? -0.365 3.381  4.563  1.00 0.00 ?  6 DGL A HB2  13 
HETATM 1297 H HB3  . DGL A 1 6 ? 0.387  2.251  5.613  1.00 0.00 ?  6 DGL A HB3  13 
HETATM 1298 H HG2  . DGL A 1 6 ? -1.652 3.002  6.573  1.00 0.00 ?  6 DGL A HG2  13 
HETATM 1299 H HG3  . DGL A 1 6 ? -1.635 1.326  6.375  1.00 0.00 ?  6 DGL A HG3  13 
ATOM   1300 N N    . PRO A 1 7 ? 2.113  0.639  3.481  1.00 0.00 ?  7 PRO A N    13 
ATOM   1301 C CA   . PRO A 1 7 ? 3.468  0.729  2.974  1.00 0.00 ?  7 PRO A CA   13 
ATOM   1302 C C    . PRO A 1 7 ? 3.625  0.886  1.468  1.00 0.00 ?  7 PRO A C    13 
ATOM   1303 O O    . PRO A 1 7 ? 4.764  1.115  1.075  1.00 0.00 ?  7 PRO A O    13 
ATOM   1304 C CB   . PRO A 1 7 ? 4.228  -0.526 3.390  1.00 0.00 ?  7 PRO A CB   13 
ATOM   1305 C CG   . PRO A 1 7 ? 3.284  -1.212 4.368  1.00 0.00 ?  7 PRO A CG   13 
ATOM   1306 C CD   . PRO A 1 7 ? 1.895  -0.652 4.101  1.00 0.00 ?  7 PRO A CD   13 
ATOM   1307 H HA   . PRO A 1 7 ? 3.911  1.628  3.428  1.00 0.00 ?  7 PRO A HA   13 
ATOM   1308 H HB2  . PRO A 1 7 ? 4.409  -1.252 2.602  1.00 0.00 ?  7 PRO A HB2  13 
ATOM   1309 H HB3  . PRO A 1 7 ? 5.171  -0.250 3.874  1.00 0.00 ?  7 PRO A HB3  13 
ATOM   1310 H HG2  . PRO A 1 7 ? 3.282  -2.294 4.306  1.00 0.00 ?  7 PRO A HG2  13 
ATOM   1311 H HG3  . PRO A 1 7 ? 3.565  -1.017 5.410  1.00 0.00 ?  7 PRO A HG3  13 
ATOM   1312 H HD2  . PRO A 1 7 ? 1.278  -1.208 3.396  1.00 0.00 ?  7 PRO A HD2  13 
ATOM   1313 H HD3  . PRO A 1 7 ? 1.460  -0.390 5.073  1.00 0.00 ?  7 PRO A HD3  13 
HETATM 1314 N N    . DHI A 1 1 ? 2.278  0.246  0.982  1.00 0.00 ?  1 DHI A N    14 
HETATM 1315 C CA   . DHI A 1 1 ? 2.554  0.598  -0.391 1.00 0.00 ?  1 DHI A CA   14 
HETATM 1316 C C    . DHI A 1 1 ? 1.600  -0.043 -1.386 1.00 0.00 ?  1 DHI A C    14 
HETATM 1317 O O    . DHI A 1 1 ? 0.385  -0.039 -1.188 1.00 0.00 ?  1 DHI A O    14 
HETATM 1318 C CB   . DHI A 1 1 ? 2.667  2.124  -0.507 1.00 0.00 ?  1 DHI A CB   14 
HETATM 1319 C CG   . DHI A 1 1 ? 3.953  2.648  0.057  1.00 0.00 ?  1 DHI A CG   14 
HETATM 1320 N ND1  . DHI A 1 1 ? 4.191  3.099  1.348  1.00 0.00 ?  1 DHI A ND1  14 
HETATM 1321 C CD2  . DHI A 1 1 ? 5.103  2.746  -0.684 1.00 0.00 ?  1 DHI A CD2  14 
HETATM 1322 C CE1  . DHI A 1 1 ? 5.506  3.374  1.418  1.00 0.00 ?  1 DHI A CE1  14 
HETATM 1323 N NE2  . DHI A 1 1 ? 6.076  3.133  0.226  1.00 0.00 ?  1 DHI A NE2  14 
HETATM 1324 H H1   . DHI A 1 1 ? 1.332  -0.103 1.092  1.00 0.00 ?  1 DHI A H1   14 
HETATM 1325 H HA   . DHI A 1 1 ? 3.561  0.204  -0.526 1.00 0.00 ?  1 DHI A HA   14 
HETATM 1326 H HB2  . DHI A 1 1 ? 1.919  2.552  0.169  1.00 0.00 ?  1 DHI A HB2  14 
HETATM 1327 H HB3  . DHI A 1 1 ? 2.563  2.591  -1.479 1.00 0.00 ?  1 DHI A HB3  14 
HETATM 1328 H HD1  . DHI A 1 1 ? 3.501  3.309  2.049  1.00 0.00 ?  1 DHI A HD1  14 
HETATM 1329 H HD2  . DHI A 1 1 ? 5.243  2.510  -1.728 1.00 0.00 ?  1 DHI A HD2  14 
HETATM 1330 H HE1  . DHI A 1 1 ? 6.057  3.574  2.318  1.00 0.00 ?  1 DHI A HE1  14 
HETATM 1331 H HE2  . DHI A 1 1 ? 7.010  3.398  -0.036 1.00 0.00 ?  1 DHI A HE2  14 
ATOM   1332 N N    . PRO A 1 2 ? 2.068  -0.692 -2.448 1.00 0.00 ?  2 PRO A N    14 
ATOM   1333 C CA   . PRO A 1 2 ? 1.322  -0.954 -3.663 1.00 0.00 ?  2 PRO A CA   14 
ATOM   1334 C C    . PRO A 1 2 ? 0.272  -2.045 -3.463 1.00 0.00 ?  2 PRO A C    14 
ATOM   1335 O O    . PRO A 1 2 ? -0.405 -2.388 -4.425 1.00 0.00 ?  2 PRO A O    14 
ATOM   1336 C CB   . PRO A 1 2 ? 2.327  -1.324 -4.749 1.00 0.00 ?  2 PRO A CB   14 
ATOM   1337 C CG   . PRO A 1 2 ? 3.570  -0.565 -4.291 1.00 0.00 ?  2 PRO A CG   14 
ATOM   1338 C CD   . PRO A 1 2 ? 3.486  -0.752 -2.774 1.00 0.00 ?  2 PRO A CD   14 
ATOM   1339 H HA   . PRO A 1 2 ? 0.797  -0.112 -4.115 1.00 0.00 ?  2 PRO A HA   14 
ATOM   1340 H HB2  . PRO A 1 2 ? 2.552  -2.378 -4.662 1.00 0.00 ?  2 PRO A HB2  14 
ATOM   1341 H HB3  . PRO A 1 2 ? 2.087  -1.000 -5.761 1.00 0.00 ?  2 PRO A HB3  14 
ATOM   1342 H HG2  . PRO A 1 2 ? 4.491  -1.001 -4.672 1.00 0.00 ?  2 PRO A HG2  14 
ATOM   1343 H HG3  . PRO A 1 2 ? 3.471  0.446  -4.694 1.00 0.00 ?  2 PRO A HG3  14 
ATOM   1344 H HD2  . PRO A 1 2 ? 3.950  -1.693 -2.501 1.00 0.00 ?  2 PRO A HD2  14 
ATOM   1345 H HD3  . PRO A 1 2 ? 4.094  0.029  -2.336 1.00 0.00 ?  2 PRO A HD3  14 
HETATM 1346 N N    . DAS A 1 3 ? 0.163  -2.664 -2.291 1.00 0.00 ?  3 DAS A N    14 
HETATM 1347 C CA   . DAS A 1 3 ? -0.880 -3.577 -1.854 1.00 0.00 ?  3 DAS A CA   14 
HETATM 1348 C C    . DAS A 1 3 ? -2.237 -2.926 -1.665 1.00 0.00 ?  3 DAS A C    14 
HETATM 1349 O O    . DAS A 1 3 ? -3.208 -3.634 -1.399 1.00 0.00 ?  3 DAS A O    14 
HETATM 1350 C CB   . DAS A 1 3 ? -0.884 -4.897 -2.629 1.00 0.00 ?  3 DAS A CB   14 
HETATM 1351 C CG   . DAS A 1 3 ? 0.464  -5.580 -2.784 1.00 0.00 ?  3 DAS A CG   14 
HETATM 1352 O OD1  . DAS A 1 3 ? 1.340  -5.541 -1.884 1.00 0.00 -1 3 DAS A OD1  14 
HETATM 1353 O OD2  . DAS A 1 3 ? 0.647  -6.282 -3.792 1.00 0.00 ?  3 DAS A OD2  14 
HETATM 1354 H H    . DAS A 1 3 ? 0.765  -2.392 -1.518 1.00 0.00 ?  3 DAS A H    14 
HETATM 1355 H HA   . DAS A 1 3 ? -0.518 -3.944 -0.893 1.00 0.00 ?  3 DAS A HA   14 
HETATM 1356 H HB2  . DAS A 1 3 ? -1.448 -4.805 -3.560 1.00 0.00 ?  3 DAS A HB2  14 
HETATM 1357 H HB3  . DAS A 1 3 ? -1.464 -5.593 -2.024 1.00 0.00 ?  3 DAS A HB3  14 
HETATM 1358 N N    . DGN A 1 4 ? -2.334 -1.595 -1.618 1.00 0.00 ?  4 DGN A N    14 
HETATM 1359 C CA   . DGN A 1 4 ? -3.586 -0.918 -1.367 1.00 0.00 ?  4 DGN A CA   14 
HETATM 1360 C C    . DGN A 1 4 ? -3.440 0.375  -0.585 1.00 0.00 ?  4 DGN A C    14 
HETATM 1361 O O    . DGN A 1 4 ? -4.430 0.809  -0.004 1.00 0.00 ?  4 DGN A O    14 
HETATM 1362 C CB   . DGN A 1 4 ? -4.221 -0.753 -2.743 1.00 0.00 ?  4 DGN A CB   14 
HETATM 1363 C CG   . DGN A 1 4 ? -4.041 0.577  -3.475 1.00 0.00 ?  4 DGN A CG   14 
HETATM 1364 C CD   . DGN A 1 4 ? -2.705 0.789  -4.172 1.00 0.00 ?  4 DGN A CD   14 
HETATM 1365 O OE1  . DGN A 1 4 ? -2.598 0.489  -5.368 1.00 0.00 ?  4 DGN A OE1  14 
HETATM 1366 N NE2  . DGN A 1 4 ? -1.708 1.223  -3.410 1.00 0.00 ?  4 DGN A NE2  14 
HETATM 1367 H H    . DGN A 1 4 ? -1.568 -1.014 -1.955 1.00 0.00 ?  4 DGN A H    14 
HETATM 1368 H HA   . DGN A 1 4 ? -4.214 -1.516 -0.705 1.00 0.00 ?  4 DGN A HA   14 
HETATM 1369 H HB2  . DGN A 1 4 ? -5.282 -0.906 -2.541 1.00 0.00 ?  4 DGN A HB2  14 
HETATM 1370 H HB3  . DGN A 1 4 ? -3.873 -1.592 -3.346 1.00 0.00 ?  4 DGN A HB3  14 
HETATM 1371 H HG2  . DGN A 1 4 ? -4.244 1.341  -2.738 1.00 0.00 ?  4 DGN A HG2  14 
HETATM 1372 H HG3  . DGN A 1 4 ? -4.904 0.647  -4.144 1.00 0.00 ?  4 DGN A HG3  14 
HETATM 1373 H HE21 . DGN A 1 4 ? -1.806 1.696  -2.522 1.00 0.00 ?  4 DGN A HE21 14 
HETATM 1374 H HE22 . DGN A 1 4 ? -0.835 1.402  -3.885 1.00 0.00 ?  4 DGN A HE22 14 
HETATM 1375 N N    . DSN A 1 5 ? -2.243 0.962  -0.437 1.00 0.00 ?  5 DSN A N    14 
HETATM 1376 C CA   . DSN A 1 5 ? -1.941 2.198  0.260  1.00 0.00 ?  5 DSN A CA   14 
HETATM 1377 C C    . DSN A 1 5 ? -1.058 1.796  1.428  1.00 0.00 ?  5 DSN A C    14 
HETATM 1378 O O    . DSN A 1 5 ? -0.589 0.671  1.597  1.00 0.00 ?  5 DSN A O    14 
HETATM 1379 C CB   . DSN A 1 5 ? -1.351 3.232  -0.699 1.00 0.00 ?  5 DSN A CB   14 
HETATM 1380 O OG   . DSN A 1 5 ? -0.189 2.814  -1.383 1.00 0.00 ?  5 DSN A OG   14 
HETATM 1381 H H    . DSN A 1 5 ? -1.412 0.453  -0.710 1.00 0.00 ?  5 DSN A H    14 
HETATM 1382 H HA   . DSN A 1 5 ? -2.846 2.631  0.687  1.00 0.00 ?  5 DSN A HA   14 
HETATM 1383 H HB2  . DSN A 1 5 ? -1.221 4.223  -0.270 1.00 0.00 ?  5 DSN A HB2  14 
HETATM 1384 H HB3  . DSN A 1 5 ? -2.057 3.398  -1.509 1.00 0.00 ?  5 DSN A HB3  14 
HETATM 1385 H HG   . DSN A 1 5 ? 0.258  3.520  -1.857 1.00 0.00 ?  5 DSN A HG   14 
HETATM 1386 N N    . DGL A 1 6 ? -0.874 2.716  2.374  1.00 0.00 ?  6 DGL A N    14 
HETATM 1387 C CA   . DGL A 1 6 ? -0.190 2.553  3.636  1.00 0.00 ?  6 DGL A CA   14 
HETATM 1388 C C    . DGL A 1 6 ? 1.207  2.016  3.375  1.00 0.00 ?  6 DGL A C    14 
HETATM 1389 O O    . DGL A 1 6 ? 2.096  2.742  2.915  1.00 0.00 ?  6 DGL A O    14 
HETATM 1390 C CB   . DGL A 1 6 ? -0.182 3.803  4.523  1.00 0.00 ?  6 DGL A CB   14 
HETATM 1391 C CG   . DGL A 1 6 ? -1.527 4.447  4.816  1.00 0.00 ?  6 DGL A CG   14 
HETATM 1392 C CD   . DGL A 1 6 ? -1.823 5.544  3.807  1.00 0.00 ?  6 DGL A CD   14 
HETATM 1393 O OE1  . DGL A 1 6 ? -1.833 6.731  4.200  1.00 0.00 ?  6 DGL A OE1  14 
HETATM 1394 O OE2  . DGL A 1 6 ? -2.013 5.220  2.609  1.00 0.00 -1 6 DGL A OE2  14 
HETATM 1395 H H    . DGL A 1 6 ? -1.333 3.587  2.139  1.00 0.00 ?  6 DGL A H    14 
HETATM 1396 H HA   . DGL A 1 6 ? -0.801 1.818  4.155  1.00 0.00 ?  6 DGL A HA   14 
HETATM 1397 H HB2  . DGL A 1 6 ? 0.454  4.627  4.182  1.00 0.00 ?  6 DGL A HB2  14 
HETATM 1398 H HB3  . DGL A 1 6 ? 0.196  3.532  5.514  1.00 0.00 ?  6 DGL A HB3  14 
HETATM 1399 H HG2  . DGL A 1 6 ? -1.533 4.853  5.825  1.00 0.00 ?  6 DGL A HG2  14 
HETATM 1400 H HG3  . DGL A 1 6 ? -2.326 3.710  4.806  1.00 0.00 ?  6 DGL A HG3  14 
ATOM   1401 N N    . PRO A 1 7 ? 1.484  0.764  3.739  1.00 0.00 ?  7 PRO A N    14 
ATOM   1402 C CA   . PRO A 1 7 ? 2.722  0.100  3.378  1.00 0.00 ?  7 PRO A CA   14 
ATOM   1403 C C    . PRO A 1 7 ? 3.207  0.129  1.933  1.00 0.00 ?  7 PRO A C    14 
ATOM   1404 O O    . PRO A 1 7 ? 4.396  -0.051 1.685  1.00 0.00 ?  7 PRO A O    14 
ATOM   1405 C CB   . PRO A 1 7 ? 2.591  -1.342 3.853  1.00 0.00 ?  7 PRO A CB   14 
ATOM   1406 C CG   . PRO A 1 7 ? 1.377  -1.334 4.780  1.00 0.00 ?  7 PRO A CG   14 
ATOM   1407 C CD   . PRO A 1 7 ? 0.548  -0.117 4.401  1.00 0.00 ?  7 PRO A CD   14 
ATOM   1408 H HA   . PRO A 1 7 ? 3.460  0.577  4.013  1.00 0.00 ?  7 PRO A HA   14 
ATOM   1409 H HB2  . PRO A 1 7 ? 2.451  -1.974 2.982  1.00 0.00 ?  7 PRO A HB2  14 
ATOM   1410 H HB3  . PRO A 1 7 ? 3.494  -1.617 4.405  1.00 0.00 ?  7 PRO A HB3  14 
ATOM   1411 H HG2  . PRO A 1 7 ? 0.816  -2.262 4.753  1.00 0.00 ?  7 PRO A HG2  14 
ATOM   1412 H HG3  . PRO A 1 7 ? 1.679  -1.134 5.804  1.00 0.00 ?  7 PRO A HG3  14 
ATOM   1413 H HD2  . PRO A 1 7 ? -0.270 -0.477 3.768  1.00 0.00 ?  7 PRO A HD2  14 
ATOM   1414 H HD3  . PRO A 1 7 ? 0.179  0.307  5.338  1.00 0.00 ?  7 PRO A HD3  14 
HETATM 1415 N N    . DHI A 1 1 ? 2.430  0.922  0.756  1.00 0.00 ?  1 DHI A N    15 
HETATM 1416 C CA   . DHI A 1 1 ? 2.757  1.063  -0.651 1.00 0.00 ?  1 DHI A CA   15 
HETATM 1417 C C    . DHI A 1 1 ? 1.827  0.242  -1.534 1.00 0.00 ?  1 DHI A C    15 
HETATM 1418 O O    . DHI A 1 1 ? 0.641  0.247  -1.213 1.00 0.00 ?  1 DHI A O    15 
HETATM 1419 C CB   . DHI A 1 1 ? 2.798  2.558  -0.979 1.00 0.00 ?  1 DHI A CB   15 
HETATM 1420 C CG   . DHI A 1 1 ? 3.395  3.457  0.066  1.00 0.00 ?  1 DHI A CG   15 
HETATM 1421 N ND1  . DHI A 1 1 ? 2.693  4.330  0.873  1.00 0.00 ?  1 DHI A ND1  15 
HETATM 1422 C CD2  . DHI A 1 1 ? 4.695  3.358  0.485  1.00 0.00 ?  1 DHI A CD2  15 
HETATM 1423 C CE1  . DHI A 1 1 ? 3.570  4.815  1.769  1.00 0.00 ?  1 DHI A CE1  15 
HETATM 1424 N NE2  . DHI A 1 1 ? 4.756  4.218  1.562  1.00 0.00 ?  1 DHI A NE2  15 
HETATM 1425 H H1   . DHI A 1 1 ? 1.525  1.255  1.055  1.00 0.00 ?  1 DHI A H1   15 
HETATM 1426 H HA   . DHI A 1 1 ? 3.767  0.658  -0.728 1.00 0.00 ?  1 DHI A HA   15 
HETATM 1427 H HB2  . DHI A 1 1 ? 1.764  2.889  -1.014 1.00 0.00 ?  1 DHI A HB2  15 
HETATM 1428 H HB3  . DHI A 1 1 ? 3.291  2.782  -1.924 1.00 0.00 ?  1 DHI A HB3  15 
HETATM 1429 H HD1  . DHI A 1 1 ? 1.716  4.577  0.829  1.00 0.00 ?  1 DHI A HD1  15 
HETATM 1430 H HD2  . DHI A 1 1 ? 5.382  2.664  0.024  1.00 0.00 ?  1 DHI A HD2  15 
HETATM 1431 H HE1  . DHI A 1 1 ? 3.363  5.605  2.471  1.00 0.00 ?  1 DHI A HE1  15 
HETATM 1432 H HE2  . DHI A 1 1 ? 5.591  4.428  2.098  1.00 0.00 ?  1 DHI A HE2  15 
ATOM   1433 N N    . PRO A 1 2 ? 2.280  -0.414 -2.599 1.00 0.00 ?  2 PRO A N    15 
ATOM   1434 C CA   . PRO A 1 2 ? 1.477  -1.181 -3.528 1.00 0.00 ?  2 PRO A CA   15 
ATOM   1435 C C    . PRO A 1 2 ? 0.302  -1.974 -2.986 1.00 0.00 ?  2 PRO A C    15 
ATOM   1436 O O    . PRO A 1 2 ? -0.683 -2.028 -3.729 1.00 0.00 ?  2 PRO A O    15 
ATOM   1437 C CB   . PRO A 1 2 ? 2.421  -2.072 -4.330 1.00 0.00 ?  2 PRO A CB   15 
ATOM   1438 C CG   . PRO A 1 2 ? 3.767  -1.366 -4.317 1.00 0.00 ?  2 PRO A CG   15 
ATOM   1439 C CD   . PRO A 1 2 ? 3.638  -0.436 -3.117 1.00 0.00 ?  2 PRO A CD   15 
ATOM   1440 H HA   . PRO A 1 2 ? 1.118  -0.458 -4.266 1.00 0.00 ?  2 PRO A HA   15 
ATOM   1441 H HB2  . PRO A 1 2 ? 2.429  -3.082 -3.899 1.00 0.00 ?  2 PRO A HB2  15 
ATOM   1442 H HB3  . PRO A 1 2 ? 2.025  -2.202 -5.339 1.00 0.00 ?  2 PRO A HB3  15 
ATOM   1443 H HG2  . PRO A 1 2 ? 4.625  -2.034 -4.325 1.00 0.00 ?  2 PRO A HG2  15 
ATOM   1444 H HG3  . PRO A 1 2 ? 3.815  -0.783 -5.232 1.00 0.00 ?  2 PRO A HG3  15 
ATOM   1445 H HD2  . PRO A 1 2 ? 4.254  -0.841 -2.306 1.00 0.00 ?  2 PRO A HD2  15 
ATOM   1446 H HD3  . PRO A 1 2 ? 4.095  0.509  -3.388 1.00 0.00 ?  2 PRO A HD3  15 
HETATM 1447 N N    . DAS A 1 3 ? 0.408  -2.608 -1.817 1.00 0.00 ?  3 DAS A N    15 
HETATM 1448 C CA   . DAS A 1 3 ? -0.671 -3.196 -1.050 1.00 0.00 ?  3 DAS A CA   15 
HETATM 1449 C C    . DAS A 1 3 ? -1.853 -2.293 -0.725 1.00 0.00 ?  3 DAS A C    15 
HETATM 1450 O O    . DAS A 1 3 ? -2.291 -2.212 0.423  1.00 0.00 ?  3 DAS A O    15 
HETATM 1451 C CB   . DAS A 1 3 ? -1.102 -4.482 -1.738 1.00 0.00 ?  3 DAS A CB   15 
HETATM 1452 C CG   . DAS A 1 3 ? 0.062  -5.428 -2.011 1.00 0.00 ?  3 DAS A CG   15 
HETATM 1453 O OD1  . DAS A 1 3 ? 0.710  -5.943 -1.080 1.00 0.00 -1 3 DAS A OD1  15 
HETATM 1454 O OD2  . DAS A 1 3 ? 0.286  -5.823 -3.176 1.00 0.00 ?  3 DAS A OD2  15 
HETATM 1455 H H    . DAS A 1 3 ? 1.288  -2.408 -1.368 1.00 0.00 ?  3 DAS A H    15 
HETATM 1456 H HA   . DAS A 1 3 ? -0.205 -3.544 -0.130 1.00 0.00 ?  3 DAS A HA   15 
HETATM 1457 H HB2  . DAS A 1 3 ? -1.621 -4.231 -2.663 1.00 0.00 ?  3 DAS A HB2  15 
HETATM 1458 H HB3  . DAS A 1 3 ? -1.686 -5.017 -0.989 1.00 0.00 ?  3 DAS A HB3  15 
HETATM 1459 N N    . DGN A 1 4 ? -2.375 -1.552 -1.703 1.00 0.00 ?  4 DGN A N    15 
HETATM 1460 C CA   . DGN A 1 4 ? -3.560 -0.725 -1.738 1.00 0.00 ?  4 DGN A CA   15 
HETATM 1461 C C    . DGN A 1 4 ? -3.558 0.525  -0.869 1.00 0.00 ?  4 DGN A C    15 
HETATM 1462 O O    . DGN A 1 4 ? -4.596 1.144  -0.641 1.00 0.00 ?  4 DGN A O    15 
HETATM 1463 C CB   . DGN A 1 4 ? -3.979 -0.498 -3.192 1.00 0.00 ?  4 DGN A CB   15 
HETATM 1464 C CG   . DGN A 1 4 ? -3.457 0.733  -3.922 1.00 0.00 ?  4 DGN A CG   15 
HETATM 1465 C CD   . DGN A 1 4 ? -2.022 0.668  -4.445 1.00 0.00 ?  4 DGN A CD   15 
HETATM 1466 O OE1  . DGN A 1 4 ? -1.834 0.143  -5.535 1.00 0.00 ?  4 DGN A OE1  15 
HETATM 1467 N NE2  . DGN A 1 4 ? -1.067 1.264  -3.721 1.00 0.00 ?  4 DGN A NE2  15 
HETATM 1468 H H    . DGN A 1 4 ? -1.825 -1.532 -2.555 1.00 0.00 ?  4 DGN A H    15 
HETATM 1469 H HA   . DGN A 1 4 ? -4.380 -1.371 -1.400 1.00 0.00 ?  4 DGN A HA   15 
HETATM 1470 H HB2  . DGN A 1 4 ? -5.040 -0.270 -3.187 1.00 0.00 ?  4 DGN A HB2  15 
HETATM 1471 H HB3  . DGN A 1 4 ? -3.775 -1.375 -3.809 1.00 0.00 ?  4 DGN A HB3  15 
HETATM 1472 H HG2  . DGN A 1 4 ? -3.636 1.625  -3.318 1.00 0.00 ?  4 DGN A HG2  15 
HETATM 1473 H HG3  . DGN A 1 4 ? -4.088 0.881  -4.792 1.00 0.00 ?  4 DGN A HG3  15 
HETATM 1474 H HE21 . DGN A 1 4 ? -1.171 1.701  -2.821 1.00 0.00 ?  4 DGN A HE21 15 
HETATM 1475 H HE22 . DGN A 1 4 ? -0.160 1.405  -4.150 1.00 0.00 ?  4 DGN A HE22 15 
HETATM 1476 N N    . DSN A 1 5 ? -2.406 0.870  -0.282 1.00 0.00 ?  5 DSN A N    15 
HETATM 1477 C CA   . DSN A 1 5 ? -2.236 2.142  0.396  1.00 0.00 ?  5 DSN A CA   15 
HETATM 1478 C C    . DSN A 1 5 ? -1.040 2.212  1.331  1.00 0.00 ?  5 DSN A C    15 
HETATM 1479 O O    . DSN A 1 5 ? 0.101  2.398  0.897  1.00 0.00 ?  5 DSN A O    15 
HETATM 1480 C CB   . DSN A 1 5 ? -2.215 3.290  -0.608 1.00 0.00 ?  5 DSN A CB   15 
HETATM 1481 O OG   . DSN A 1 5 ? -1.144 3.073  -1.495 1.00 0.00 ?  5 DSN A OG   15 
HETATM 1482 H H    . DSN A 1 5 ? -1.615 0.253  -0.327 1.00 0.00 ?  5 DSN A H    15 
HETATM 1483 H HA   . DSN A 1 5 ? -3.182 2.202  0.932  1.00 0.00 ?  5 DSN A HA   15 
HETATM 1484 H HB2  . DSN A 1 5 ? -2.205 4.233  -0.064 1.00 0.00 ?  5 DSN A HB2  15 
HETATM 1485 H HB3  . DSN A 1 5 ? -3.128 3.227  -1.208 1.00 0.00 ?  5 DSN A HB3  15 
HETATM 1486 H HG   . DSN A 1 5 ? -0.359 2.960  -0.959 1.00 0.00 ?  5 DSN A HG   15 
HETATM 1487 N N    . DGL A 1 6 ? -1.210 2.154  2.655  1.00 0.00 ?  6 DGL A N    15 
HETATM 1488 C CA   . DGL A 1 6 ? -0.222 2.244  3.704  1.00 0.00 ?  6 DGL A CA   15 
HETATM 1489 C C    . DGL A 1 6 ? 1.133  1.584  3.483  1.00 0.00 ?  6 DGL A C    15 
HETATM 1490 O O    . DGL A 1 6 ? 2.142  2.276  3.495  1.00 0.00 ?  6 DGL A O    15 
HETATM 1491 C CB   . DGL A 1 6 ? -0.215 3.629  4.341  1.00 0.00 ?  6 DGL A CB   15 
HETATM 1492 C CG   . DGL A 1 6 ? -1.541 4.360  4.578  1.00 0.00 ?  6 DGL A CG   15 
HETATM 1493 C CD   . DGL A 1 6 ? -2.200 4.999  3.365  1.00 0.00 ?  6 DGL A CD   15 
HETATM 1494 O OE1  . DGL A 1 6 ? -1.630 5.951  2.782  1.00 0.00 ?  6 DGL A OE1  15 
HETATM 1495 O OE2  . DGL A 1 6 ? -3.334 4.542  3.116  1.00 0.00 -1 6 DGL A OE2  15 
HETATM 1496 H H    . DGL A 1 6 ? -2.179 2.175  2.953  1.00 0.00 ?  6 DGL A H    15 
HETATM 1497 H HA   . DGL A 1 6 ? -0.606 1.706  4.580  1.00 0.00 ?  6 DGL A HA   15 
HETATM 1498 H HB2  . DGL A 1 6 ? 0.369  4.244  3.661  1.00 0.00 ?  6 DGL A HB2  15 
HETATM 1499 H HB3  . DGL A 1 6 ? 0.309  3.546  5.295  1.00 0.00 ?  6 DGL A HB3  15 
HETATM 1500 H HG2  . DGL A 1 6 ? -1.280 5.199  5.218  1.00 0.00 ?  6 DGL A HG2  15 
HETATM 1501 H HG3  . DGL A 1 6 ? -2.226 3.647  5.025  1.00 0.00 ?  6 DGL A HG3  15 
ATOM   1502 N N    . PRO A 1 7 ? 1.187  0.308  3.115  1.00 0.00 ?  7 PRO A N    15 
ATOM   1503 C CA   . PRO A 1 7 ? 2.454  -0.345 2.865  1.00 0.00 ?  7 PRO A CA   15 
ATOM   1504 C C    . PRO A 1 7 ? 3.003  -0.043 1.476  1.00 0.00 ?  7 PRO A C    15 
ATOM   1505 O O    . PRO A 1 7 ? 3.935  -0.725 1.035  1.00 0.00 ?  7 PRO A O    15 
ATOM   1506 C CB   . PRO A 1 7 ? 2.146  -1.808 3.147  1.00 0.00 ?  7 PRO A CB   15 
ATOM   1507 C CG   . PRO A 1 7 ? 0.739  -1.999 2.579  1.00 0.00 ?  7 PRO A CG   15 
ATOM   1508 C CD   . PRO A 1 7 ? 0.106  -0.644 2.925  1.00 0.00 ?  7 PRO A CD   15 
ATOM   1509 H HA   . PRO A 1 7 ? 3.206  -0.033 3.580  1.00 0.00 ?  7 PRO A HA   15 
ATOM   1510 H HB2  . PRO A 1 7 ? 2.845  -2.560 2.789  1.00 0.00 ?  7 PRO A HB2  15 
ATOM   1511 H HB3  . PRO A 1 7 ? 2.090  -1.883 4.236  1.00 0.00 ?  7 PRO A HB3  15 
ATOM   1512 H HG2  . PRO A 1 7 ? 0.735  -2.127 1.501  1.00 0.00 ?  7 PRO A HG2  15 
ATOM   1513 H HG3  . PRO A 1 7 ? 0.356  -2.887 3.082  1.00 0.00 ?  7 PRO A HG3  15 
ATOM   1514 H HD2  . PRO A 1 7 ? -0.615 -0.392 2.158  1.00 0.00 ?  7 PRO A HD2  15 
ATOM   1515 H HD3  . PRO A 1 7 ? -0.395 -0.729 3.881  1.00 0.00 ?  7 PRO A HD3  15 
HETATM 1516 N N    . DHI A 1 1 ? 2.509  0.410  0.975  1.00 0.00 ?  1 DHI A N    16 
HETATM 1517 C CA   . DHI A 1 1 ? 2.852  0.348  -0.442 1.00 0.00 ?  1 DHI A CA   16 
HETATM 1518 C C    . DHI A 1 1 ? 1.799  -0.117 -1.430 1.00 0.00 ?  1 DHI A C    16 
HETATM 1519 O O    . DHI A 1 1 ? 0.631  -0.212 -1.088 1.00 0.00 ?  1 DHI A O    16 
HETATM 1520 C CB   . DHI A 1 1 ? 3.300  1.764  -0.764 1.00 0.00 ?  1 DHI A CB   16 
HETATM 1521 C CG   . DHI A 1 1 ? 4.469  2.316  0.011  1.00 0.00 ?  1 DHI A CG   16 
HETATM 1522 N ND1  . DHI A 1 1 ? 4.380  3.081  1.162  1.00 0.00 ?  1 DHI A ND1  16 
HETATM 1523 C CD2  . DHI A 1 1 ? 5.804  2.197  -0.234 1.00 0.00 ?  1 DHI A CD2  16 
HETATM 1524 C CE1  . DHI A 1 1 ? 5.599  3.412  1.604  1.00 0.00 ?  1 DHI A CE1  16 
HETATM 1525 N NE2  . DHI A 1 1 ? 6.484  2.972  0.694  1.00 0.00 ?  1 DHI A NE2  16 
HETATM 1526 H H1   . DHI A 1 1 ? 1.675  0.897  1.281  1.00 0.00 ?  1 DHI A H1   16 
HETATM 1527 H HA   . DHI A 1 1 ? 3.704  -0.328 -0.536 1.00 0.00 ?  1 DHI A HA   16 
HETATM 1528 H HB2  . DHI A 1 1 ? 2.449  2.445  -0.663 1.00 0.00 ?  1 DHI A HB2  16 
HETATM 1529 H HB3  . DHI A 1 1 ? 3.550  1.935  -1.814 1.00 0.00 ?  1 DHI A HB3  16 
HETATM 1530 H HD1  . DHI A 1 1 ? 3.546  3.386  1.642  1.00 0.00 ?  1 DHI A HD1  16 
HETATM 1531 H HD2  . DHI A 1 1 ? 6.293  1.597  -0.985 1.00 0.00 ?  1 DHI A HD2  16 
HETATM 1532 H HE1  . DHI A 1 1 ? 5.925  3.940  2.488  1.00 0.00 ?  1 DHI A HE1  16 
HETATM 1533 H HE2  . DHI A 1 1 ? 7.481  3.146  0.703  1.00 0.00 ?  1 DHI A HE2  16 
ATOM   1534 N N    . PRO A 1 2 ? 2.173  -0.599 -2.624 1.00 0.00 ?  2 PRO A N    16 
ATOM   1535 C CA   . PRO A 1 2 ? 1.312  -0.980 -3.723 1.00 0.00 ?  2 PRO A CA   16 
ATOM   1536 C C    . PRO A 1 2 ? 0.141  -1.916 -3.485 1.00 0.00 ?  2 PRO A C    16 
ATOM   1537 O O    . PRO A 1 2 ? -0.834 -1.879 -4.231 1.00 0.00 ?  2 PRO A O    16 
ATOM   1538 C CB   . PRO A 1 2 ? 2.274  -1.488 -4.793 1.00 0.00 ?  2 PRO A CB   16 
ATOM   1539 C CG   . PRO A 1 2 ? 3.593  -0.740 -4.604 1.00 0.00 ?  2 PRO A CG   16 
ATOM   1540 C CD   . PRO A 1 2 ? 3.548  -0.721 -3.080 1.00 0.00 ?  2 PRO A CD   16 
ATOM   1541 H HA   . PRO A 1 2 ? 0.822  -0.091 -4.138 1.00 0.00 ?  2 PRO A HA   16 
ATOM   1542 H HB2  . PRO A 1 2 ? 2.374  -2.571 -4.735 1.00 0.00 ?  2 PRO A HB2  16 
ATOM   1543 H HB3  . PRO A 1 2 ? 1.827  -1.342 -5.767 1.00 0.00 ?  2 PRO A HB3  16 
ATOM   1544 H HG2  . PRO A 1 2 ? 4.464  -1.232 -5.047 1.00 0.00 ?  2 PRO A HG2  16 
ATOM   1545 H HG3  . PRO A 1 2 ? 3.594  0.293  -4.949 1.00 0.00 ?  2 PRO A HG3  16 
ATOM   1546 H HD2  . PRO A 1 2 ? 4.017  -1.581 -2.621 1.00 0.00 ?  2 PRO A HD2  16 
ATOM   1547 H HD3  . PRO A 1 2 ? 4.179  0.116  -2.775 1.00 0.00 ?  2 PRO A HD3  16 
HETATM 1548 N N    . DAS A 1 3 ? 0.176  -2.649 -2.361 1.00 0.00 ?  3 DAS A N    16 
HETATM 1549 C CA   . DAS A 1 3 ? -0.863 -3.518 -1.848 1.00 0.00 ?  3 DAS A CA   16 
HETATM 1550 C C    . DAS A 1 3 ? -2.170 -2.848 -1.437 1.00 0.00 ?  3 DAS A C    16 
HETATM 1551 O O    . DAS A 1 3 ? -2.916 -3.535 -0.751 1.00 0.00 ?  3 DAS A O    16 
HETATM 1552 C CB   . DAS A 1 3 ? -1.035 -4.778 -2.704 1.00 0.00 ?  3 DAS A CB   16 
HETATM 1553 C CG   . DAS A 1 3 ? 0.259  -5.435 -3.159 1.00 0.00 ?  3 DAS A CG   16 
HETATM 1554 O OD1  . DAS A 1 3 ? 0.996  -5.823 -2.222 1.00 0.00 -1 3 DAS A OD1  16 
HETATM 1555 O OD2  . DAS A 1 3 ? 0.464  -5.625 -4.383 1.00 0.00 ?  3 DAS A OD2  16 
HETATM 1556 H H    . DAS A 1 3 ? 1.093  -2.618 -1.936 1.00 0.00 ?  3 DAS A H    16 
HETATM 1557 H HA   . DAS A 1 3 ? -0.445 -3.950 -0.941 1.00 0.00 ?  3 DAS A HA   16 
HETATM 1558 H HB2  . DAS A 1 3 ? -1.527 -4.454 -3.612 1.00 0.00 ?  3 DAS A HB2  16 
HETATM 1559 H HB3  . DAS A 1 3 ? -1.682 -5.482 -2.169 1.00 0.00 ?  3 DAS A HB3  16 
HETATM 1560 N N    . DGN A 1 4 ? -2.344 -1.563 -1.744 1.00 0.00 ?  4 DGN A N    16 
HETATM 1561 C CA   . DGN A 1 4 ? -3.570 -0.792 -1.734 1.00 0.00 ?  4 DGN A CA   16 
HETATM 1562 C C    . DGN A 1 4 ? -3.697 0.329  -0.711 1.00 0.00 ?  4 DGN A C    16 
HETATM 1563 O O    . DGN A 1 4 ? -4.827 0.555  -0.290 1.00 0.00 ?  4 DGN A O    16 
HETATM 1564 C CB   . DGN A 1 4 ? -3.886 -0.216 -3.110 1.00 0.00 ?  4 DGN A CB   16 
HETATM 1565 C CG   . DGN A 1 4 ? -3.425 1.177  -3.541 1.00 0.00 ?  4 DGN A CG   16 
HETATM 1566 C CD   . DGN A 1 4 ? -1.942 1.282  -3.878 1.00 0.00 ?  4 DGN A CD   16 
HETATM 1567 O OE1  . DGN A 1 4 ? -1.499 0.838  -4.937 1.00 0.00 ?  4 DGN A OE1  16 
HETATM 1568 N NE2  . DGN A 1 4 ? -1.081 1.805  -2.999 1.00 0.00 ?  4 DGN A NE2  16 
HETATM 1569 H H    . DGN A 1 4 ? -1.572 -1.214 -2.300 1.00 0.00 ?  4 DGN A H    16 
HETATM 1570 H HA   . DGN A 1 4 ? -4.371 -1.460 -1.444 1.00 0.00 ?  4 DGN A HA   16 
HETATM 1571 H HB2  . DGN A 1 4 ? -4.972 -0.232 -3.215 1.00 0.00 ?  4 DGN A HB2  16 
HETATM 1572 H HB3  . DGN A 1 4 ? -3.477 -0.873 -3.871 1.00 0.00 ?  4 DGN A HB3  16 
HETATM 1573 H HG2  . DGN A 1 4 ? -3.666 1.887  -2.758 1.00 0.00 ?  4 DGN A HG2  16 
HETATM 1574 H HG3  . DGN A 1 4 ? -3.939 1.473  -4.450 1.00 0.00 ?  4 DGN A HG3  16 
HETATM 1575 H HE21 . DGN A 1 4 ? -1.431 2.485  -2.336 1.00 0.00 ?  4 DGN A HE21 16 
HETATM 1576 H HE22 . DGN A 1 4 ? -0.095 1.647  -3.127 1.00 0.00 ?  4 DGN A HE22 16 
HETATM 1577 N N    . DSN A 1 5 ? -2.572 0.927  -0.304 1.00 0.00 ?  5 DSN A N    16 
HETATM 1578 C CA   . DSN A 1 5 ? -2.436 1.932  0.733  1.00 0.00 ?  5 DSN A CA   16 
HETATM 1579 C C    . DSN A 1 5 ? -1.128 2.065  1.493  1.00 0.00 ?  5 DSN A C    16 
HETATM 1580 O O    . DSN A 1 5 ? -0.113 2.053  0.783  1.00 0.00 ?  5 DSN A O    16 
HETATM 1581 C CB   . DSN A 1 5 ? -2.799 3.289  0.135  1.00 0.00 ?  5 DSN A CB   16 
HETATM 1582 O OG   . DSN A 1 5 ? -1.979 3.650  -0.950 1.00 0.00 ?  5 DSN A OG   16 
HETATM 1583 H H    . DSN A 1 5 ? -1.705 0.678  -0.755 1.00 0.00 ?  5 DSN A H    16 
HETATM 1584 H HA   . DSN A 1 5 ? -3.169 1.671  1.502  1.00 0.00 ?  5 DSN A HA   16 
HETATM 1585 H HB2  . DSN A 1 5 ? -2.633 3.977  0.970  1.00 0.00 ?  5 DSN A HB2  16 
HETATM 1586 H HB3  . DSN A 1 5 ? -3.828 3.403  -0.190 1.00 0.00 ?  5 DSN A HB3  16 
HETATM 1587 H HG   . DSN A 1 5 ? -1.861 4.595  -1.057 1.00 0.00 ?  5 DSN A HG   16 
HETATM 1588 N N    . DGL A 1 6 ? -1.084 2.380  2.787  1.00 0.00 ?  6 DGL A N    16 
HETATM 1589 C CA   . DGL A 1 6 ? 0.004  2.853  3.604  1.00 0.00 ?  6 DGL A CA   16 
HETATM 1590 C C    . DGL A 1 6 ? 1.322  2.123  3.380  1.00 0.00 ?  6 DGL A C    16 
HETATM 1591 O O    . DGL A 1 6 ? 2.276  2.766  2.961  1.00 0.00 ?  6 DGL A O    16 
HETATM 1592 C CB   . DGL A 1 6 ? 0.103  4.372  3.486  1.00 0.00 ?  6 DGL A CB   16 
HETATM 1593 C CG   . DGL A 1 6 ? -1.117 5.195  3.888  1.00 0.00 ?  6 DGL A CG   16 
HETATM 1594 C CD   . DGL A 1 6 ? -0.937 6.710  3.931  1.00 0.00 ?  6 DGL A CD   16 
HETATM 1595 O OE1  . DGL A 1 6 ? -1.202 7.353  4.972  1.00 0.00 ?  6 DGL A OE1  16 
HETATM 1596 O OE2  . DGL A 1 6 ? -0.482 7.291  2.921  1.00 0.00 -1 6 DGL A OE2  16 
HETATM 1597 H H    . DGL A 1 6 ? -1.945 2.380  3.323  1.00 0.00 ?  6 DGL A H    16 
HETATM 1598 H HA   . DGL A 1 6 ? -0.252 2.745  4.660  1.00 0.00 ?  6 DGL A HA   16 
HETATM 1599 H HB2  . DGL A 1 6 ? 0.395  4.628  2.468  1.00 0.00 ?  6 DGL A HB2  16 
HETATM 1600 H HB3  . DGL A 1 6 ? 0.935  4.731  4.077  1.00 0.00 ?  6 DGL A HB3  16 
HETATM 1601 H HG2  . DGL A 1 6 ? -1.449 4.808  4.842  1.00 0.00 ?  6 DGL A HG2  16 
HETATM 1602 H HG3  . DGL A 1 6 ? -1.863 4.916  3.142  1.00 0.00 ?  6 DGL A HG3  16 
ATOM   1603 N N    . PRO A 1 7 ? 1.407  0.796  3.522  1.00 0.00 ?  7 PRO A N    16 
ATOM   1604 C CA   . PRO A 1 7 ? 2.700  0.157  3.409  1.00 0.00 ?  7 PRO A CA   16 
ATOM   1605 C C    . PRO A 1 7 ? 3.109  -0.213 1.986  1.00 0.00 ?  7 PRO A C    16 
ATOM   1606 O O    . PRO A 1 7 ? 3.872  -1.163 1.863  1.00 0.00 ?  7 PRO A O    16 
ATOM   1607 C CB   . PRO A 1 7 ? 2.625  -0.948 4.464  1.00 0.00 ?  7 PRO A CB   16 
ATOM   1608 C CG   . PRO A 1 7 ? 1.145  -1.304 4.556  1.00 0.00 ?  7 PRO A CG   16 
ATOM   1609 C CD   . PRO A 1 7 ? 0.395  -0.029 4.159  1.00 0.00 ?  7 PRO A CD   16 
ATOM   1610 H HA   . PRO A 1 7 ? 3.482  0.804  3.798  1.00 0.00 ?  7 PRO A HA   16 
ATOM   1611 H HB2  . PRO A 1 7 ? 3.227  -1.831 4.245  1.00 0.00 ?  7 PRO A HB2  16 
ATOM   1612 H HB3  . PRO A 1 7 ? 2.981  -0.577 5.427  1.00 0.00 ?  7 PRO A HB3  16 
ATOM   1613 H HG2  . PRO A 1 7 ? 0.930  -2.138 3.891  1.00 0.00 ?  7 PRO A HG2  16 
ATOM   1614 H HG3  . PRO A 1 7 ? 0.808  -1.576 5.555  1.00 0.00 ?  7 PRO A HG3  16 
ATOM   1615 H HD2  . PRO A 1 7 ? -0.399 -0.319 3.478  1.00 0.00 ?  7 PRO A HD2  16 
ATOM   1616 H HD3  . PRO A 1 7 ? 0.077  0.457  5.086  1.00 0.00 ?  7 PRO A HD3  16 
HETATM 1617 N N    . DHI A 1 1 ? 2.247  0.253  0.805  1.00 0.00 ?  1 DHI A N    17 
HETATM 1618 C CA   . DHI A 1 1 ? 2.779  0.522  -0.515 1.00 0.00 ?  1 DHI A CA   17 
HETATM 1619 C C    . DHI A 1 1 ? 1.803  0.052  -1.580 1.00 0.00 ?  1 DHI A C    17 
HETATM 1620 O O    . DHI A 1 1 ? 0.600  0.164  -1.356 1.00 0.00 ?  1 DHI A O    17 
HETATM 1621 C CB   . DHI A 1 1 ? 3.170  1.997  -0.639 1.00 0.00 ?  1 DHI A CB   17 
HETATM 1622 C CG   . DHI A 1 1 ? 4.378  2.347  0.186  1.00 0.00 ?  1 DHI A CG   17 
HETATM 1623 N ND1  . DHI A 1 1 ? 4.428  2.484  1.565  1.00 0.00 ?  1 DHI A ND1  17 
HETATM 1624 C CD2  . DHI A 1 1 ? 5.600  2.733  -0.282 1.00 0.00 ?  1 DHI A CD2  17 
HETATM 1625 C CE1  . DHI A 1 1 ? 5.577  3.076  1.913  1.00 0.00 ?  1 DHI A CE1  17 
HETATM 1626 N NE2  . DHI A 1 1 ? 6.358  3.101  0.823  1.00 0.00 ?  1 DHI A NE2  17 
HETATM 1627 H H1   . DHI A 1 1 ? 1.246  0.356  0.871  1.00 0.00 ?  1 DHI A H1   17 
HETATM 1628 H HA   . DHI A 1 1 ? 3.641  -0.105 -0.705 1.00 0.00 ?  1 DHI A HA   17 
HETATM 1629 H HB2  . DHI A 1 1 ? 2.371  2.656  -0.307 1.00 0.00 ?  1 DHI A HB2  17 
HETATM 1630 H HB3  . DHI A 1 1 ? 3.329  2.226  -1.692 1.00 0.00 ?  1 DHI A HB3  17 
HETATM 1631 H HD1  . DHI A 1 1 ? 3.705  2.382  2.268  1.00 0.00 ?  1 DHI A HD1  17 
HETATM 1632 H HD2  . DHI A 1 1 ? 6.001  2.756  -1.277 1.00 0.00 ?  1 DHI A HD2  17 
HETATM 1633 H HE1  . DHI A 1 1 ? 5.884  3.464  2.881  1.00 0.00 ?  1 DHI A HE1  17 
HETATM 1634 H HE2  . DHI A 1 1 ? 7.285  3.485  0.857  1.00 0.00 ?  1 DHI A HE2  17 
ATOM   1635 N N    . PRO A 1 2 ? 2.277  -0.510 -2.695 1.00 0.00 ?  2 PRO A N    17 
ATOM   1636 C CA   . PRO A 1 2 ? 1.405  -0.938 -3.773 1.00 0.00 ?  2 PRO A CA   17 
ATOM   1637 C C    . PRO A 1 2 ? 0.357  -1.993 -3.432 1.00 0.00 ?  2 PRO A C    17 
ATOM   1638 O O    . PRO A 1 2 ? -0.516 -2.222 -4.266 1.00 0.00 ?  2 PRO A O    17 
ATOM   1639 C CB   . PRO A 1 2 ? 2.355  -1.414 -4.863 1.00 0.00 ?  2 PRO A CB   17 
ATOM   1640 C CG   . PRO A 1 2 ? 3.459  -0.372 -4.722 1.00 0.00 ?  2 PRO A CG   17 
ATOM   1641 C CD   . PRO A 1 2 ? 3.623  -0.323 -3.205 1.00 0.00 ?  2 PRO A CD   17 
ATOM   1642 H HA   . PRO A 1 2 ? 0.827  -0.112 -4.183 1.00 0.00 ?  2 PRO A HA   17 
ATOM   1643 H HB2  . PRO A 1 2 ? 2.809  -2.370 -4.610 1.00 0.00 ?  2 PRO A HB2  17 
ATOM   1644 H HB3  . PRO A 1 2 ? 1.909  -1.456 -5.854 1.00 0.00 ?  2 PRO A HB3  17 
ATOM   1645 H HG2  . PRO A 1 2 ? 4.360  -0.752 -5.203 1.00 0.00 ?  2 PRO A HG2  17 
ATOM   1646 H HG3  . PRO A 1 2 ? 3.048  0.590  -5.022 1.00 0.00 ?  2 PRO A HG3  17 
ATOM   1647 H HD2  . PRO A 1 2 ? 4.260  -1.140 -2.868 1.00 0.00 ?  2 PRO A HD2  17 
ATOM   1648 H HD3  . PRO A 1 2 ? 4.084  0.598  -2.858 1.00 0.00 ?  2 PRO A HD3  17 
HETATM 1649 N N    . DAS A 1 3 ? 0.442  -2.658 -2.281 1.00 0.00 ?  3 DAS A N    17 
HETATM 1650 C CA   . DAS A 1 3 ? -0.575 -3.417 -1.572 1.00 0.00 ?  3 DAS A CA   17 
HETATM 1651 C C    . DAS A 1 3 ? -1.951 -2.797 -1.386 1.00 0.00 ?  3 DAS A C    17 
HETATM 1652 O O    . DAS A 1 3 ? -2.896 -3.592 -1.309 1.00 0.00 ?  3 DAS A O    17 
HETATM 1653 C CB   . DAS A 1 3 ? -0.576 -4.887 -1.972 1.00 0.00 ?  3 DAS A CB   17 
HETATM 1654 C CG   . DAS A 1 3 ? 0.747  -5.601 -2.219 1.00 0.00 ?  3 DAS A CG   17 
HETATM 1655 O OD1  . DAS A 1 3 ? 1.652  -5.488 -1.358 1.00 0.00 -1 3 DAS A OD1  17 
HETATM 1656 O OD2  . DAS A 1 3 ? 1.034  -6.242 -3.260 1.00 0.00 ?  3 DAS A OD2  17 
HETATM 1657 H H    . DAS A 1 3 ? 1.286  -2.463 -1.765 1.00 0.00 ?  3 DAS A H    17 
HETATM 1658 H HA   . DAS A 1 3 ? -0.160 -3.346 -0.565 1.00 0.00 ?  3 DAS A HA   17 
HETATM 1659 H HB2  . DAS A 1 3 ? -1.112 -4.925 -2.916 1.00 0.00 ?  3 DAS A HB2  17 
HETATM 1660 H HB3  . DAS A 1 3 ? -1.141 -5.411 -1.207 1.00 0.00 ?  3 DAS A HB3  17 
HETATM 1661 N N    . DGN A 1 4 ? -2.165 -1.500 -1.587 1.00 0.00 ?  4 DGN A N    17 
HETATM 1662 C CA   . DGN A 1 4 ? -3.459 -0.845 -1.503 1.00 0.00 ?  4 DGN A CA   17 
HETATM 1663 C C    . DGN A 1 4 ? -3.569 0.344  -0.557 1.00 0.00 ?  4 DGN A C    17 
HETATM 1664 O O    . DGN A 1 4 ? -4.656 0.628  -0.072 1.00 0.00 ?  4 DGN A O    17 
HETATM 1665 C CB   . DGN A 1 4 ? -3.968 -0.559 -2.911 1.00 0.00 ?  4 DGN A CB   17 
HETATM 1666 C CG   . DGN A 1 4 ? -3.669 0.811  -3.502 1.00 0.00 ?  4 DGN A CG   17 
HETATM 1667 C CD   . DGN A 1 4 ? -2.209 1.177  -3.773 1.00 0.00 ?  4 DGN A CD   17 
HETATM 1668 O OE1  . DGN A 1 4 ? -1.693 0.561  -4.697 1.00 0.00 ?  4 DGN A OE1  17 
HETATM 1669 N NE2  . DGN A 1 4 ? -1.529 1.909  -2.891 1.00 0.00 ?  4 DGN A NE2  17 
HETATM 1670 H H    . DGN A 1 4 ? -1.386 -0.931 -1.890 1.00 0.00 ?  4 DGN A H    17 
HETATM 1671 H HA   . DGN A 1 4 ? -4.171 -1.584 -1.148 1.00 0.00 ?  4 DGN A HA   17 
HETATM 1672 H HB2  . DGN A 1 4 ? -5.043 -0.701 -2.956 1.00 0.00 ?  4 DGN A HB2  17 
HETATM 1673 H HB3  . DGN A 1 4 ? -3.527 -1.273 -3.619 1.00 0.00 ?  4 DGN A HB3  17 
HETATM 1674 H HG2  . DGN A 1 4 ? -4.108 1.598  -2.894 1.00 0.00 ?  4 DGN A HG2  17 
HETATM 1675 H HG3  . DGN A 1 4 ? -4.155 0.952  -4.473 1.00 0.00 ?  4 DGN A HG3  17 
HETATM 1676 H HE21 . DGN A 1 4 ? -1.815 2.537  -2.148 1.00 0.00 ?  4 DGN A HE21 17 
HETATM 1677 H HE22 . DGN A 1 4 ? -0.526 1.906  -2.923 1.00 0.00 ?  4 DGN A HE22 17 
HETATM 1678 N N    . DSN A 1 5 ? -2.474 1.054  -0.262 1.00 0.00 ?  5 DSN A N    17 
HETATM 1679 C CA   . DSN A 1 5 ? -2.381 2.113  0.723  1.00 0.00 ?  5 DSN A CA   17 
HETATM 1680 C C    . DSN A 1 5 ? -1.011 2.415  1.309  1.00 0.00 ?  5 DSN A C    17 
HETATM 1681 O O    . DSN A 1 5 ? 0.035  2.444  0.670  1.00 0.00 ?  5 DSN A O    17 
HETATM 1682 C CB   . DSN A 1 5 ? -2.852 3.480  0.227  1.00 0.00 ?  5 DSN A CB   17 
HETATM 1683 O OG   . DSN A 1 5 ? -2.277 3.853  -1.004 1.00 0.00 ?  5 DSN A OG   17 
HETATM 1684 H H    . DSN A 1 5 ? -1.590 0.804  -0.659 1.00 0.00 ?  5 DSN A H    17 
HETATM 1685 H HA   . DSN A 1 5 ? -3.017 1.794  1.548  1.00 0.00 ?  5 DSN A HA   17 
HETATM 1686 H HB2  . DSN A 1 5 ? -2.549 4.208  0.983  1.00 0.00 ?  5 DSN A HB2  17 
HETATM 1687 H HB3  . DSN A 1 5 ? -3.937 3.517  0.088  1.00 0.00 ?  5 DSN A HB3  17 
HETATM 1688 H HG   . DSN A 1 5 ? -1.840 4.709  -0.913 1.00 0.00 ?  5 DSN A HG   17 
HETATM 1689 N N    . DGL A 1 6 ? -1.057 2.700  2.617  1.00 0.00 ?  6 DGL A N    17 
HETATM 1690 C CA   . DGL A 1 6 ? 0.093  2.902  3.479  1.00 0.00 ?  6 DGL A CA   17 
HETATM 1691 C C    . DGL A 1 6 ? 1.254  1.925  3.398  1.00 0.00 ?  6 DGL A C    17 
HETATM 1692 O O    . DGL A 1 6 ? 2.404  2.342  3.314  1.00 0.00 ?  6 DGL A O    17 
HETATM 1693 C CB   . DGL A 1 6 ? 0.569  4.351  3.357  1.00 0.00 ?  6 DGL A CB   17 
HETATM 1694 C CG   . DGL A 1 6 ? -0.453 5.468  3.473  1.00 0.00 ?  6 DGL A CG   17 
HETATM 1695 C CD   . DGL A 1 6 ? 0.019  6.802  2.890  1.00 0.00 ?  6 DGL A CD   17 
HETATM 1696 O OE1  . DGL A 1 6 ? 1.115  7.281  3.253  1.00 0.00 ?  6 DGL A OE1  17 
HETATM 1697 O OE2  . DGL A 1 6 ? -0.617 7.237  1.899  1.00 0.00 -1 6 DGL A OE2  17 
HETATM 1698 H H    . DGL A 1 6 ? -1.922 2.771  3.129  1.00 0.00 ?  6 DGL A H    17 
HETATM 1699 H HA   . DGL A 1 6 ? -0.270 2.792  4.503  1.00 0.00 ?  6 DGL A HA   17 
HETATM 1700 H HB2  . DGL A 1 6 ? 0.948  4.481  2.348  1.00 0.00 ?  6 DGL A HB2  17 
HETATM 1701 H HB3  . DGL A 1 6 ? 1.402  4.618  4.003  1.00 0.00 ?  6 DGL A HB3  17 
HETATM 1702 H HG2  . DGL A 1 6 ? -0.573 5.640  4.538  1.00 0.00 ?  6 DGL A HG2  17 
HETATM 1703 H HG3  . DGL A 1 6 ? -1.408 5.314  2.988  1.00 0.00 ?  6 DGL A HG3  17 
ATOM   1704 N N    . PRO A 1 7 ? 1.053  0.610  3.365  1.00 0.00 ?  7 PRO A N    17 
ATOM   1705 C CA   . PRO A 1 7 ? 2.138  -0.336 3.163  1.00 0.00 ?  7 PRO A CA   17 
ATOM   1706 C C    . PRO A 1 7 ? 2.890  -0.310 1.838  1.00 0.00 ?  7 PRO A C    17 
ATOM   1707 O O    . PRO A 1 7 ? 4.059  -0.675 1.796  1.00 0.00 ?  7 PRO A O    17 
ATOM   1708 C CB   . PRO A 1 7 ? 1.556  -1.713 3.477  1.00 0.00 ?  7 PRO A CB   17 
ATOM   1709 C CG   . PRO A 1 7 ? 0.346  -1.437 4.347  1.00 0.00 ?  7 PRO A CG   17 
ATOM   1710 C CD   . PRO A 1 7 ? -0.143 -0.121 3.761  1.00 0.00 ?  7 PRO A CD   17 
ATOM   1711 H HA   . PRO A 1 7 ? 2.881  -0.169 3.932  1.00 0.00 ?  7 PRO A HA   17 
ATOM   1712 H HB2  . PRO A 1 7 ? 1.303  -2.114 2.485  1.00 0.00 ?  7 PRO A HB2  17 
ATOM   1713 H HB3  . PRO A 1 7 ? 2.349  -2.195 4.061  1.00 0.00 ?  7 PRO A HB3  17 
ATOM   1714 H HG2  . PRO A 1 7 ? -0.435 -2.173 4.153  1.00 0.00 ?  7 PRO A HG2  17 
ATOM   1715 H HG3  . PRO A 1 7 ? 0.600  -1.318 5.402  1.00 0.00 ?  7 PRO A HG3  17 
ATOM   1716 H HD2  . PRO A 1 7 ? -0.839 -0.376 2.969  1.00 0.00 ?  7 PRO A HD2  17 
ATOM   1717 H HD3  . PRO A 1 7 ? -0.764 0.447  4.452  1.00 0.00 ?  7 PRO A HD3  17 
HETATM 1718 N N    . DHI A 1 1 ? 2.282  0.691  0.585  1.00 0.00 ?  1 DHI A N    18 
HETATM 1719 C CA   . DHI A 1 1 ? 2.848  0.812  -0.743 1.00 0.00 ?  1 DHI A CA   18 
HETATM 1720 C C    . DHI A 1 1 ? 1.978  0.171  -1.811 1.00 0.00 ?  1 DHI A C    18 
HETATM 1721 O O    . DHI A 1 1 ? 0.774  0.425  -1.755 1.00 0.00 ?  1 DHI A O    18 
HETATM 1722 C CB   . DHI A 1 1 ? 3.175  2.246  -1.151 1.00 0.00 ?  1 DHI A CB   18 
HETATM 1723 C CG   . DHI A 1 1 ? 4.071  2.830  -0.098 1.00 0.00 ?  1 DHI A CG   18 
HETATM 1724 N ND1  . DHI A 1 1 ? 5.429  2.640  0.037  1.00 0.00 ?  1 DHI A ND1  18 
HETATM 1725 C CD2  . DHI A 1 1 ? 3.654  3.647  0.928  1.00 0.00 ?  1 DHI A CD2  18 
HETATM 1726 C CE1  . DHI A 1 1 ? 5.881  3.355  1.083  1.00 0.00 ?  1 DHI A CE1  18 
HETATM 1727 N NE2  . DHI A 1 1 ? 4.812  3.986  1.601  1.00 0.00 ?  1 DHI A NE2  18 
HETATM 1728 H H1   . DHI A 1 1 ? 1.294  0.723  0.759  1.00 0.00 ?  1 DHI A H1   18 
HETATM 1729 H HA   . DHI A 1 1 ? 3.822  0.346  -0.862 1.00 0.00 ?  1 DHI A HA   18 
HETATM 1730 H HB2  . DHI A 1 1 ? 2.253  2.828  -1.201 1.00 0.00 ?  1 DHI A HB2  18 
HETATM 1731 H HB3  . DHI A 1 1 ? 3.645  2.279  -2.141 1.00 0.00 ?  1 DHI A HB3  18 
HETATM 1732 H HD1  . DHI A 1 1 ? 5.955  1.942  -0.467 1.00 0.00 ?  1 DHI A HD1  18 
HETATM 1733 H HD2  . DHI A 1 1 ? 2.674  4.013  1.199  1.00 0.00 ?  1 DHI A HD2  18 
HETATM 1734 H HE1  . DHI A 1 1 ? 6.896  3.410  1.445  1.00 0.00 ?  1 DHI A HE1  18 
HETATM 1735 H HE2  . DHI A 1 1 ? 4.813  4.493  2.474  1.00 0.00 ?  1 DHI A HE2  18 
ATOM   1736 N N    . PRO A 1 2 ? 2.462  -0.624 -2.758 1.00 0.00 ?  2 PRO A N    18 
ATOM   1737 C CA   . PRO A 1 2 ? 1.610  -1.305 -3.726 1.00 0.00 ?  2 PRO A CA   18 
ATOM   1738 C C    . PRO A 1 2 ? 0.430  -2.125 -3.229 1.00 0.00 ?  2 PRO A C    18 
ATOM   1739 O O    . PRO A 1 2 ? -0.536 -2.307 -3.963 1.00 0.00 ?  2 PRO A O    18 
ATOM   1740 C CB   . PRO A 1 2 ? 2.527  -2.218 -4.528 1.00 0.00 ?  2 PRO A CB   18 
ATOM   1741 C CG   . PRO A 1 2 ? 3.762  -1.324 -4.613 1.00 0.00 ?  2 PRO A CG   18 
ATOM   1742 C CD   . PRO A 1 2 ? 3.834  -0.792 -3.181 1.00 0.00 ?  2 PRO A CD   18 
ATOM   1743 H HA   . PRO A 1 2 ? 1.228  -0.588 -4.456 1.00 0.00 ?  2 PRO A HA   18 
ATOM   1744 H HB2  . PRO A 1 2 ? 2.692  -3.111 -3.921 1.00 0.00 ?  2 PRO A HB2  18 
ATOM   1745 H HB3  . PRO A 1 2 ? 2.185  -2.498 -5.523 1.00 0.00 ?  2 PRO A HB3  18 
ATOM   1746 H HG2  . PRO A 1 2 ? 4.581  -1.991 -4.878 1.00 0.00 ?  2 PRO A HG2  18 
ATOM   1747 H HG3  . PRO A 1 2 ? 3.709  -0.490 -5.311 1.00 0.00 ?  2 PRO A HG3  18 
ATOM   1748 H HD2  . PRO A 1 2 ? 4.339  -1.514 -2.539 1.00 0.00 ?  2 PRO A HD2  18 
ATOM   1749 H HD3  . PRO A 1 2 ? 4.401  0.137  -3.140 1.00 0.00 ?  2 PRO A HD3  18 
HETATM 1750 N N    . DAS A 1 3 ? 0.429  -2.544 -1.954 1.00 0.00 ?  3 DAS A N    18 
HETATM 1751 C CA   . DAS A 1 3 ? -0.647 -3.143 -1.189 1.00 0.00 ?  3 DAS A CA   18 
HETATM 1752 C C    . DAS A 1 3 ? -2.034 -2.511 -1.236 1.00 0.00 ?  3 DAS A C    18 
HETATM 1753 O O    . DAS A 1 3 ? -2.987 -2.997 -0.631 1.00 0.00 ?  3 DAS A O    18 
HETATM 1754 C CB   . DAS A 1 3 ? -0.724 -4.651 -1.401 1.00 0.00 ?  3 DAS A CB   18 
HETATM 1755 C CG   . DAS A 1 3 ? 0.565  -5.451 -1.284 1.00 0.00 ?  3 DAS A CG   18 
HETATM 1756 O OD1  . DAS A 1 3 ? 0.778  -5.874 -0.120 1.00 0.00 -1 3 DAS A OD1  18 
HETATM 1757 O OD2  . DAS A 1 3 ? 1.289  -5.562 -2.295 1.00 0.00 ?  3 DAS A OD2  18 
HETATM 1758 H H    . DAS A 1 3 ? 1.266  -2.348 -1.434 1.00 0.00 ?  3 DAS A H    18 
HETATM 1759 H HA   . DAS A 1 3 ? -0.254 -2.992 -0.185 1.00 0.00 ?  3 DAS A HA   18 
HETATM 1760 H HB2  . DAS A 1 3 ? -1.124 -4.748 -2.414 1.00 0.00 ?  3 DAS A HB2  18 
HETATM 1761 H HB3  . DAS A 1 3 ? -1.410 -5.013 -0.630 1.00 0.00 ?  3 DAS A HB3  18 
HETATM 1762 N N    . DGN A 1 4 ? -2.164 -1.332 -1.842 1.00 0.00 ?  4 DGN A N    18 
HETATM 1763 C CA   . DGN A 1 4 ? -3.433 -0.612 -1.840 1.00 0.00 ?  4 DGN A CA   18 
HETATM 1764 C C    . DGN A 1 4 ? -3.529 0.323  -0.644 1.00 0.00 ?  4 DGN A C    18 
HETATM 1765 O O    . DGN A 1 4 ? -4.642 0.533  -0.157 1.00 0.00 ?  4 DGN A O    18 
HETATM 1766 C CB   . DGN A 1 4 ? -3.632 0.127  -3.164 1.00 0.00 ?  4 DGN A CB   18 
HETATM 1767 C CG   . DGN A 1 4 ? -3.135 1.543  -3.456 1.00 0.00 ?  4 DGN A CG   18 
HETATM 1768 C CD   . DGN A 1 4 ? -1.622 1.693  -3.401 1.00 0.00 ?  4 DGN A CD   18 
HETATM 1769 O OE1  . DGN A 1 4 ? -0.896 1.007  -4.120 1.00 0.00 ?  4 DGN A OE1  18 
HETATM 1770 N NE2  . DGN A 1 4 ? -1.012 2.551  -2.576 1.00 0.00 ?  4 DGN A NE2  18 
HETATM 1771 H H    . DGN A 1 4 ? -1.402 -0.978 -2.404 1.00 0.00 ?  4 DGN A H    18 
HETATM 1772 H HA   . DGN A 1 4 ? -4.265 -1.298 -1.771 1.00 0.00 ?  4 DGN A HA   18 
HETATM 1773 H HB2  . DGN A 1 4 ? -4.708 0.175  -3.273 1.00 0.00 ?  4 DGN A HB2  18 
HETATM 1774 H HB3  . DGN A 1 4 ? -3.270 -0.530 -3.956 1.00 0.00 ?  4 DGN A HB3  18 
HETATM 1775 H HG2  . DGN A 1 4 ? -3.591 2.252  -2.767 1.00 0.00 ?  4 DGN A HG2  18 
HETATM 1776 H HG3  . DGN A 1 4 ? -3.549 1.737  -4.448 1.00 0.00 ?  4 DGN A HG3  18 
HETATM 1777 H HE21 . DGN A 1 4 ? -1.671 3.087  -2.028 1.00 0.00 ?  4 DGN A HE21 18 
HETATM 1778 H HE22 . DGN A 1 4 ? -0.029 2.404  -2.417 1.00 0.00 ?  4 DGN A HE22 18 
HETATM 1779 N N    . DSN A 1 5 ? -2.429 0.940  -0.223 1.00 0.00 ?  5 DSN A N    18 
HETATM 1780 C CA   . DSN A 1 5 ? -2.500 1.892  0.874  1.00 0.00 ?  5 DSN A CA   18 
HETATM 1781 C C    . DSN A 1 5 ? -1.174 2.272  1.528  1.00 0.00 ?  5 DSN A C    18 
HETATM 1782 O O    . DSN A 1 5 ? -0.154 2.271  0.845  1.00 0.00 ?  5 DSN A O    18 
HETATM 1783 C CB   . DSN A 1 5 ? -3.311 3.130  0.498  1.00 0.00 ?  5 DSN A CB   18 
HETATM 1784 O OG   . DSN A 1 5 ? -2.665 3.967  -0.418 1.00 0.00 ?  5 DSN A OG   18 
HETATM 1785 H H    . DSN A 1 5 ? -1.563 0.523  -0.540 1.00 0.00 ?  5 DSN A H    18 
HETATM 1786 H HA   . DSN A 1 5 ? -3.086 1.391  1.642  1.00 0.00 ?  5 DSN A HA   18 
HETATM 1787 H HB2  . DSN A 1 5 ? -3.336 3.717  1.407  1.00 0.00 ?  5 DSN A HB2  18 
HETATM 1788 H HB3  . DSN A 1 5 ? -4.288 2.988  0.024  1.00 0.00 ?  5 DSN A HB3  18 
HETATM 1789 H HG   . DSN A 1 5 ? -3.265 4.697  -0.570 1.00 0.00 ?  5 DSN A HG   18 
HETATM 1790 N N    . DGL A 1 6 ? -1.167 2.454  2.853  1.00 0.00 ?  6 DGL A N    18 
HETATM 1791 C CA   . DGL A 1 6 ? -0.043 2.673  3.746  1.00 0.00 ?  6 DGL A CA   18 
HETATM 1792 C C    . DGL A 1 6 ? 1.195  1.804  3.647  1.00 0.00 ?  6 DGL A C    18 
HETATM 1793 O O    . DGL A 1 6 ? 2.329  2.246  3.844  1.00 0.00 ?  6 DGL A O    18 
HETATM 1794 C CB   . DGL A 1 6 ? 0.350  4.146  3.802  1.00 0.00 ?  6 DGL A CB   18 
HETATM 1795 C CG   . DGL A 1 6 ? -0.813 4.837  4.493  1.00 0.00 ?  6 DGL A CG   18 
HETATM 1796 C CD   . DGL A 1 6 ? -0.369 6.285  4.717  1.00 0.00 ?  6 DGL A CD   18 
HETATM 1797 O OE1  . DGL A 1 6 ? -0.228 7.041  3.731  1.00 0.00 ?  6 DGL A OE1  18 
HETATM 1798 O OE2  . DGL A 1 6 ? -0.165 6.587  5.911  1.00 0.00 -1 6 DGL A OE2  18 
HETATM 1799 H H    . DGL A 1 6 ? -2.052 2.301  3.321  1.00 0.00 ?  6 DGL A H    18 
HETATM 1800 H HA   . DGL A 1 6 ? -0.443 2.380  4.721  1.00 0.00 ?  6 DGL A HA   18 
HETATM 1801 H HB2  . DGL A 1 6 ? 0.542  4.478  2.787  1.00 0.00 ?  6 DGL A HB2  18 
HETATM 1802 H HB3  . DGL A 1 6 ? 1.252  4.331  4.390  1.00 0.00 ?  6 DGL A HB3  18 
HETATM 1803 H HG2  . DGL A 1 6 ? -1.071 4.493  5.489  1.00 0.00 ?  6 DGL A HG2  18 
HETATM 1804 H HG3  . DGL A 1 6 ? -1.672 4.774  3.829  1.00 0.00 ?  6 DGL A HG3  18 
ATOM   1805 N N    . PRO A 1 7 ? 1.050  0.537  3.243  1.00 0.00 ?  7 PRO A N    18 
ATOM   1806 C CA   . PRO A 1 7 ? 2.165  -0.316 2.878  1.00 0.00 ?  7 PRO A CA   18 
ATOM   1807 C C    . PRO A 1 7 ? 2.836  -0.055 1.537  1.00 0.00 ?  7 PRO A C    18 
ATOM   1808 O O    . PRO A 1 7 ? 3.940  -0.583 1.376  1.00 0.00 ?  7 PRO A O    18 
ATOM   1809 C CB   . PRO A 1 7 ? 1.544  -1.712 3.039  1.00 0.00 ?  7 PRO A CB   18 
ATOM   1810 C CG   . PRO A 1 7 ? 0.362  -1.498 3.966  1.00 0.00 ?  7 PRO A CG   18 
ATOM   1811 C CD   . PRO A 1 7 ? -0.180 -0.193 3.392  1.00 0.00 ?  7 PRO A CD   18 
ATOM   1812 H HA   . PRO A 1 7 ? 2.872  -0.192 3.693  1.00 0.00 ?  7 PRO A HA   18 
ATOM   1813 H HB2  . PRO A 1 7 ? 1.160  -2.084 2.094  1.00 0.00 ?  7 PRO A HB2  18 
ATOM   1814 H HB3  . PRO A 1 7 ? 2.248  -2.420 3.466  1.00 0.00 ?  7 PRO A HB3  18 
ATOM   1815 H HG2  . PRO A 1 7 ? -0.447 -2.230 3.951  1.00 0.00 ?  7 PRO A HG2  18 
ATOM   1816 H HG3  . PRO A 1 7 ? 0.788  -1.323 4.954  1.00 0.00 ?  7 PRO A HG3  18 
ATOM   1817 H HD2  . PRO A 1 7 ? -0.715 -0.231 2.442  1.00 0.00 ?  7 PRO A HD2  18 
ATOM   1818 H HD3  . PRO A 1 7 ? -0.686 0.315  4.223  1.00 0.00 ?  7 PRO A HD3  18 
HETATM 1819 N N    . DHI A 1 1 ? 2.153  0.804  0.686  1.00 0.00 ?  1 DHI A N    19 
HETATM 1820 C CA   . DHI A 1 1 ? 2.593  0.989  -0.686 1.00 0.00 ?  1 DHI A CA   19 
HETATM 1821 C C    . DHI A 1 1 ? 1.682  0.177  -1.600 1.00 0.00 ?  1 DHI A C    19 
HETATM 1822 O O    . DHI A 1 1 ? 0.464  0.174  -1.436 1.00 0.00 ?  1 DHI A O    19 
HETATM 1823 C CB   . DHI A 1 1 ? 2.594  2.478  -1.007 1.00 0.00 ?  1 DHI A CB   19 
HETATM 1824 C CG   . DHI A 1 1 ? 3.232  3.312  0.073  1.00 0.00 ?  1 DHI A CG   19 
HETATM 1825 N ND1  . DHI A 1 1 ? 4.514  3.163  0.577  1.00 0.00 ?  1 DHI A ND1  19 
HETATM 1826 C CD2  . DHI A 1 1 ? 2.687  4.364  0.769  1.00 0.00 ?  1 DHI A CD2  19 
HETATM 1827 C CE1  . DHI A 1 1 ? 4.625  4.013  1.602  1.00 0.00 ?  1 DHI A CE1  19 
HETATM 1828 N NE2  . DHI A 1 1 ? 3.519  4.764  1.792  1.00 0.00 ?  1 DHI A NE2  19 
HETATM 1829 H H1   . DHI A 1 1 ? 1.605  1.503  1.159  1.00 0.00 ?  1 DHI A H1   19 
HETATM 1830 H HA   . DHI A 1 1 ? 3.625  0.691  -0.855 1.00 0.00 ?  1 DHI A HA   19 
HETATM 1831 H HB2  . DHI A 1 1 ? 1.616  2.950  -1.088 1.00 0.00 ?  1 DHI A HB2  19 
HETATM 1832 H HB3  . DHI A 1 1 ? 3.035  2.573  -1.996 1.00 0.00 ?  1 DHI A HB3  19 
HETATM 1833 H HD1  . DHI A 1 1 ? 5.049  2.342  0.333  1.00 0.00 ?  1 DHI A HD1  19 
HETATM 1834 H HD2  . DHI A 1 1 ? 1.750  4.812  0.487  1.00 0.00 ?  1 DHI A HD2  19 
HETATM 1835 H HE1  . DHI A 1 1 ? 5.452  3.978  2.302  1.00 0.00 ?  1 DHI A HE1  19 
HETATM 1836 H HE2  . DHI A 1 1 ? 3.272  5.306  2.611  1.00 0.00 ?  1 DHI A HE2  19 
ATOM   1837 N N    . PRO A 1 2 ? 2.186  -0.578 -2.577 1.00 0.00 ?  2 PRO A N    19 
ATOM   1838 C CA   . PRO A 1 2 ? 1.494  -1.226 -3.670 1.00 0.00 ?  2 PRO A CA   19 
ATOM   1839 C C    . PRO A 1 2 ? 0.354  -2.159 -3.269 1.00 0.00 ?  2 PRO A C    19 
ATOM   1840 O O    . PRO A 1 2 ? -0.548 -2.337 -4.079 1.00 0.00 ?  2 PRO A O    19 
ATOM   1841 C CB   . PRO A 1 2 ? 2.560  -2.015 -4.434 1.00 0.00 ?  2 PRO A CB   19 
ATOM   1842 C CG   . PRO A 1 2 ? 3.811  -1.149 -4.293 1.00 0.00 ?  2 PRO A CG   19 
ATOM   1843 C CD   . PRO A 1 2 ? 3.600  -0.743 -2.832 1.00 0.00 ?  2 PRO A CD   19 
ATOM   1844 H HA   . PRO A 1 2 ? 1.121  -0.379 -4.239 1.00 0.00 ?  2 PRO A HA   19 
ATOM   1845 H HB2  . PRO A 1 2 ? 2.738  -3.007 -4.035 1.00 0.00 ?  2 PRO A HB2  19 
ATOM   1846 H HB3  . PRO A 1 2 ? 2.246  -2.216 -5.460 1.00 0.00 ?  2 PRO A HB3  19 
ATOM   1847 H HG2  . PRO A 1 2 ? 4.788  -1.643 -4.344 1.00 0.00 ?  2 PRO A HG2  19 
ATOM   1848 H HG3  . PRO A 1 2 ? 3.729  -0.315 -4.988 1.00 0.00 ?  2 PRO A HG3  19 
ATOM   1849 H HD2  . PRO A 1 2 ? 4.075  -1.463 -2.172 1.00 0.00 ?  2 PRO A HD2  19 
ATOM   1850 H HD3  . PRO A 1 2 ? 4.102  0.224  -2.744 1.00 0.00 ?  2 PRO A HD3  19 
HETATM 1851 N N    . DAS A 1 3 ? 0.362  -2.707 -2.048 1.00 0.00 ?  3 DAS A N    19 
HETATM 1852 C CA   . DAS A 1 3 ? -0.655 -3.550 -1.460 1.00 0.00 ?  3 DAS A CA   19 
HETATM 1853 C C    . DAS A 1 3 ? -2.011 -2.863 -1.389 1.00 0.00 ?  3 DAS A C    19 
HETATM 1854 O O    . DAS A 1 3 ? -3.033 -3.550 -1.420 1.00 0.00 ?  3 DAS A O    19 
HETATM 1855 C CB   . DAS A 1 3 ? -0.601 -4.919 -2.138 1.00 0.00 ?  3 DAS A CB   19 
HETATM 1856 C CG   . DAS A 1 3 ? -1.451 -5.968 -1.432 1.00 0.00 ?  3 DAS A CG   19 
HETATM 1857 O OD1  . DAS A 1 3 ? -1.367 -6.008 -0.187 1.00 0.00 -1 3 DAS A OD1  19 
HETATM 1858 O OD2  . DAS A 1 3 ? -2.179 -6.675 -2.156 1.00 0.00 ?  3 DAS A OD2  19 
HETATM 1859 H H    . DAS A 1 3 ? 1.181  -2.681 -1.460 1.00 0.00 ?  3 DAS A H    19 
HETATM 1860 H HA   . DAS A 1 3 ? -0.290 -3.664 -0.441 1.00 0.00 ?  3 DAS A HA   19 
HETATM 1861 H HB2  . DAS A 1 3 ? 0.461  -5.147 -2.202 1.00 0.00 ?  3 DAS A HB2  19 
HETATM 1862 H HB3  . DAS A 1 3 ? -0.966 -4.820 -3.162 1.00 0.00 ?  3 DAS A HB3  19 
HETATM 1863 N N    . DGN A 1 4 ? -1.913 -1.530 -1.340 1.00 0.00 ?  4 DGN A N    19 
HETATM 1864 C CA   . DGN A 1 4 ? -3.106 -0.714 -1.459 1.00 0.00 ?  4 DGN A CA   19 
HETATM 1865 C C    . DGN A 1 4 ? -3.267 0.426  -0.463 1.00 0.00 ?  4 DGN A C    19 
HETATM 1866 O O    . DGN A 1 4 ? -4.373 0.591  0.035  1.00 0.00 ?  4 DGN A O    19 
HETATM 1867 C CB   . DGN A 1 4 ? -3.413 -0.219 -2.872 1.00 0.00 ?  4 DGN A CB   19 
HETATM 1868 C CG   . DGN A 1 4 ? -2.214 0.555  -3.394 1.00 0.00 ?  4 DGN A CG   19 
HETATM 1869 C CD   . DGN A 1 4 ? -2.241 0.591  -4.917 1.00 0.00 ?  4 DGN A CD   19 
HETATM 1870 O OE1  . DGN A 1 4 ? -2.423 1.619  -5.552 1.00 0.00 ?  4 DGN A OE1  19 
HETATM 1871 N NE2  . DGN A 1 4 ? -1.922 -0.540 -5.551 1.00 0.00 ?  4 DGN A NE2  19 
HETATM 1872 H H    . DGN A 1 4 ? -1.003 -1.098 -1.247 1.00 0.00 ?  4 DGN A H    19 
HETATM 1873 H HA   . DGN A 1 4 ? -3.985 -1.351 -1.381 1.00 0.00 ?  4 DGN A HA   19 
HETATM 1874 H HB2  . DGN A 1 4 ? -4.235 0.496  -2.911 1.00 0.00 ?  4 DGN A HB2  19 
HETATM 1875 H HB3  . DGN A 1 4 ? -3.613 -1.118 -3.466 1.00 0.00 ?  4 DGN A HB3  19 
HETATM 1876 H HG2  . DGN A 1 4 ? -1.256 0.081  -3.186 1.00 0.00 ?  4 DGN A HG2  19 
HETATM 1877 H HG3  . DGN A 1 4 ? -2.200 1.605  -3.086 1.00 0.00 ?  4 DGN A HG3  19 
HETATM 1878 H HE21 . DGN A 1 4 ? -1.630 -1.278 -4.915 1.00 0.00 ?  4 DGN A HE21 19 
HETATM 1879 H HE22 . DGN A 1 4 ? -1.880 -0.579 -6.558 1.00 0.00 ?  4 DGN A HE22 19 
HETATM 1880 N N    . DSN A 1 5 ? -2.170 1.146  -0.207 1.00 0.00 ?  5 DSN A N    19 
HETATM 1881 C CA   . DSN A 1 5 ? -2.278 2.278  0.687  1.00 0.00 ?  5 DSN A CA   19 
HETATM 1882 C C    . DSN A 1 5 ? -0.988 2.487  1.462  1.00 0.00 ?  5 DSN A C    19 
HETATM 1883 O O    . DSN A 1 5 ? 0.019  2.862  0.866  1.00 0.00 ?  5 DSN A O    19 
HETATM 1884 C CB   . DSN A 1 5 ? -2.544 3.574  -0.062 1.00 0.00 ?  5 DSN A CB   19 
HETATM 1885 O OG   . DSN A 1 5 ? -3.834 3.589  -0.632 1.00 0.00 ?  5 DSN A OG   19 
HETATM 1886 H H    . DSN A 1 5 ? -1.333 0.824  -0.668 1.00 0.00 ?  5 DSN A H    19 
HETATM 1887 H HA   . DSN A 1 5 ? -3.102 2.198  1.399  1.00 0.00 ?  5 DSN A HA   19 
HETATM 1888 H HB2  . DSN A 1 5 ? -1.756 3.738  -0.796 1.00 0.00 ?  5 DSN A HB2  19 
HETATM 1889 H HB3  . DSN A 1 5 ? -2.491 4.417  0.636  1.00 0.00 ?  5 DSN A HB3  19 
HETATM 1890 H HG   . DSN A 1 5 ? -3.933 4.481  -0.969 1.00 0.00 ?  5 DSN A HG   19 
HETATM 1891 N N    . DGL A 1 6 ? -1.123 2.426  2.797  1.00 0.00 ?  6 DGL A N    19 
HETATM 1892 C CA   . DGL A 1 6 ? -0.071 2.661  3.766  1.00 0.00 ?  6 DGL A CA   19 
HETATM 1893 C C    . DGL A 1 6 ? 1.090  1.721  3.486  1.00 0.00 ?  6 DGL A C    19 
HETATM 1894 O O    . DGL A 1 6 ? 2.227  2.166  3.330  1.00 0.00 ?  6 DGL A O    19 
HETATM 1895 C CB   . DGL A 1 6 ? 0.276  4.141  3.874  1.00 0.00 ?  6 DGL A CB   19 
HETATM 1896 C CG   . DGL A 1 6 ? 1.044  4.487  5.148  1.00 0.00 ?  6 DGL A CG   19 
HETATM 1897 C CD   . DGL A 1 6 ? 1.940  5.703  4.996  1.00 0.00 ?  6 DGL A CD   19 
HETATM 1898 O OE1  . DGL A 1 6 ? 1.623  6.792  5.540  1.00 0.00 ?  6 DGL A OE1  19 
HETATM 1899 O OE2  . DGL A 1 6 ? 3.020  5.596  4.373  1.00 0.00 -1 6 DGL A OE2  19 
HETATM 1900 H H    . DGL A 1 6 ? -2.081 2.575  3.077  1.00 0.00 ?  6 DGL A H    19 
HETATM 1901 H HA   . DGL A 1 6 ? -0.456 2.399  4.747  1.00 0.00 ?  6 DGL A HA   19 
HETATM 1902 H HB2  . DGL A 1 6 ? -0.596 4.787  3.870  1.00 0.00 ?  6 DGL A HB2  19 
HETATM 1903 H HB3  . DGL A 1 6 ? 0.843  4.381  2.977  1.00 0.00 ?  6 DGL A HB3  19 
HETATM 1904 H HG2  . DGL A 1 6 ? 1.735  3.667  5.325  1.00 0.00 ?  6 DGL A HG2  19 
HETATM 1905 H HG3  . DGL A 1 6 ? 0.334  4.599  5.977  1.00 0.00 ?  6 DGL A HG3  19 
ATOM   1906 N N    . PRO A 1 7 ? 0.951  0.407  3.309  1.00 0.00 ?  7 PRO A N    19 
ATOM   1907 C CA   . PRO A 1 7 ? 2.023  -0.436 2.822  1.00 0.00 ?  7 PRO A CA   19 
ATOM   1908 C C    . PRO A 1 7 ? 2.729  -0.060 1.528  1.00 0.00 ?  7 PRO A C    19 
ATOM   1909 O O    . PRO A 1 7 ? 3.857  -0.485 1.324  1.00 0.00 ?  7 PRO A O    19 
ATOM   1910 C CB   . PRO A 1 7 ? 1.329  -1.772 2.570  1.00 0.00 ?  7 PRO A CB   19 
ATOM   1911 C CG   . PRO A 1 7 ? -0.173 -1.496 2.532  1.00 0.00 ?  7 PRO A CG   19 
ATOM   1912 C CD   . PRO A 1 7 ? -0.205 -0.425 3.618  1.00 0.00 ?  7 PRO A CD   19 
ATOM   1913 H HA   . PRO A 1 7 ? 2.715  -0.707 3.630  1.00 0.00 ?  7 PRO A HA   19 
ATOM   1914 H HB2  . PRO A 1 7 ? 1.608  -2.300 1.660  1.00 0.00 ?  7 PRO A HB2  19 
ATOM   1915 H HB3  . PRO A 1 7 ? 1.414  -2.459 3.401  1.00 0.00 ?  7 PRO A HB3  19 
ATOM   1916 H HG2  . PRO A 1 7 ? -0.552 -1.048 1.614  1.00 0.00 ?  7 PRO A HG2  19 
ATOM   1917 H HG3  . PRO A 1 7 ? -0.766 -2.397 2.728  1.00 0.00 ?  7 PRO A HG3  19 
ATOM   1918 H HD2  . PRO A 1 7 ? -1.184 0.045  3.573  1.00 0.00 ?  7 PRO A HD2  19 
ATOM   1919 H HD3  . PRO A 1 7 ? 0.038  -0.891 4.571  1.00 0.00 ?  7 PRO A HD3  19 
HETATM 1920 N N    . DHI A 1 1 ? 2.052  0.554  0.594  1.00 0.00 ?  1 DHI A N    20 
HETATM 1921 C CA   . DHI A 1 1 ? 2.551  0.916  -0.718 1.00 0.00 ?  1 DHI A CA   20 
HETATM 1922 C C    . DHI A 1 1 ? 1.726  0.144  -1.735 1.00 0.00 ?  1 DHI A C    20 
HETATM 1923 O O    . DHI A 1 1 ? 0.504  0.259  -1.743 1.00 0.00 ?  1 DHI A O    20 
HETATM 1924 C CB   . DHI A 1 1 ? 2.608  2.429  -0.846 1.00 0.00 ?  1 DHI A CB   20 
HETATM 1925 C CG   . DHI A 1 1 ? 3.239  3.194  0.288  1.00 0.00 ?  1 DHI A CG   20 
HETATM 1926 N ND1  . DHI A 1 1 ? 4.452  2.961  0.917  1.00 0.00 ?  1 DHI A ND1  20 
HETATM 1927 C CD2  . DHI A 1 1 ? 2.603  4.140  1.051  1.00 0.00 ?  1 DHI A CD2  20 
HETATM 1928 C CE1  . DHI A 1 1 ? 4.484  3.639  2.068  1.00 0.00 ?  1 DHI A CE1  20 
HETATM 1929 N NE2  . DHI A 1 1 ? 3.401  4.439  2.133  1.00 0.00 ?  1 DHI A NE2  20 
HETATM 1930 H H1   . DHI A 1 1 ? 1.450  1.263  0.991  1.00 0.00 ?  1 DHI A H1   20 
HETATM 1931 H HA   . DHI A 1 1 ? 3.577  0.554  -0.779 1.00 0.00 ?  1 DHI A HA   20 
HETATM 1932 H HB2  . DHI A 1 1 ? 1.623  2.768  -1.185 1.00 0.00 ?  1 DHI A HB2  20 
HETATM 1933 H HB3  . DHI A 1 1 ? 3.292  2.571  -1.681 1.00 0.00 ?  1 DHI A HB3  20 
HETATM 1934 H HD1  . DHI A 1 1 ? 5.256  2.442  0.593  1.00 0.00 ?  1 DHI A HD1  20 
HETATM 1935 H HD2  . DHI A 1 1 ? 1.603  4.502  0.865  1.00 0.00 ?  1 DHI A HD2  20 
HETATM 1936 H HE1  . DHI A 1 1 ? 5.304  3.834  2.753  1.00 0.00 ?  1 DHI A HE1  20 
HETATM 1937 H HE2  . DHI A 1 1 ? 3.103  5.110  2.831  1.00 0.00 ?  1 DHI A HE2  20 
ATOM   1938 N N    . PRO A 1 2 ? 2.291  -0.614 -2.687 1.00 0.00 ?  2 PRO A N    20 
ATOM   1939 C CA   . PRO A 1 2 ? 1.557  -1.328 -3.713 1.00 0.00 ?  2 PRO A CA   20 
ATOM   1940 C C    . PRO A 1 2 ? 0.515  -2.309 -3.202 1.00 0.00 ?  2 PRO A C    20 
ATOM   1941 O O    . PRO A 1 2 ? -0.379 -2.583 -3.996 1.00 0.00 ?  2 PRO A O    20 
ATOM   1942 C CB   . PRO A 1 2 ? 2.714  -1.932 -4.507 1.00 0.00 ?  2 PRO A CB   20 
ATOM   1943 C CG   . PRO A 1 2 ? 3.923  -1.005 -4.346 1.00 0.00 ?  2 PRO A CG   20 
ATOM   1944 C CD   . PRO A 1 2 ? 3.724  -0.720 -2.857 1.00 0.00 ?  2 PRO A CD   20 
ATOM   1945 H HA   . PRO A 1 2 ? 1.045  -0.697 -4.431 1.00 0.00 ?  2 PRO A HA   20 
ATOM   1946 H HB2  . PRO A 1 2 ? 2.911  -2.933 -4.126 1.00 0.00 ?  2 PRO A HB2  20 
ATOM   1947 H HB3  . PRO A 1 2 ? 2.507  -2.062 -5.568 1.00 0.00 ?  2 PRO A HB3  20 
ATOM   1948 H HG2  . PRO A 1 2 ? 4.804  -1.604 -4.539 1.00 0.00 ?  2 PRO A HG2  20 
ATOM   1949 H HG3  . PRO A 1 2 ? 3.856  -0.128 -4.990 1.00 0.00 ?  2 PRO A HG3  20 
ATOM   1950 H HD2  . PRO A 1 2 ? 4.037  -1.559 -2.247 1.00 0.00 ?  2 PRO A HD2  20 
ATOM   1951 H HD3  . PRO A 1 2 ? 4.236  0.212  -2.620 1.00 0.00 ?  2 PRO A HD3  20 
HETATM 1952 N N    . DAS A 1 3 ? 0.472  -2.783 -1.956 1.00 0.00 ?  3 DAS A N    20 
HETATM 1953 C CA   . DAS A 1 3 ? -0.616 -3.439 -1.258 1.00 0.00 ?  3 DAS A CA   20 
HETATM 1954 C C    . DAS A 1 3 ? -1.961 -2.725 -1.307 1.00 0.00 ?  3 DAS A C    20 
HETATM 1955 O O    . DAS A 1 3 ? -2.974 -3.343 -0.991 1.00 0.00 ?  3 DAS A O    20 
HETATM 1956 C CB   . DAS A 1 3 ? -0.709 -4.913 -1.636 1.00 0.00 ?  3 DAS A CB   20 
HETATM 1957 C CG   . DAS A 1 3 ? -1.435 -5.854 -0.687 1.00 0.00 ?  3 DAS A CG   20 
HETATM 1958 O OD1  . DAS A 1 3 ? -1.515 -5.614 0.544  1.00 0.00 -1 3 DAS A OD1  20 
HETATM 1959 O OD2  . DAS A 1 3 ? -1.889 -6.931 -1.118 1.00 0.00 ?  3 DAS A OD2  20 
HETATM 1960 H H    . DAS A 1 3 ? 1.307  -2.618 -1.409 1.00 0.00 ?  3 DAS A H    20 
HETATM 1961 H HA   . DAS A 1 3 ? -0.361 -3.458 -0.192 1.00 0.00 ?  3 DAS A HA   20 
HETATM 1962 H HB2  . DAS A 1 3 ? 0.307  -5.291 -1.789 1.00 0.00 ?  3 DAS A HB2  20 
HETATM 1963 H HB3  . DAS A 1 3 ? -1.272 -4.835 -2.565 1.00 0.00 ?  3 DAS A HB3  20 
HETATM 1964 N N    . DGN A 1 4 ? -2.057 -1.415 -1.569 1.00 0.00 ?  4 DGN A N    20 
HETATM 1965 C CA   . DGN A 1 4 ? -3.214 -0.573 -1.785 1.00 0.00 ?  4 DGN A CA   20 
HETATM 1966 C C    . DGN A 1 4 ? -3.478 0.515  -0.749 1.00 0.00 ?  4 DGN A C    20 
HETATM 1967 O O    . DGN A 1 4 ? -4.651 0.760  -0.479 1.00 0.00 ?  4 DGN A O    20 
HETATM 1968 C CB   . DGN A 1 4 ? -3.353 -0.199 -3.249 1.00 0.00 ?  4 DGN A CB   20 
HETATM 1969 C CG   . DGN A 1 4 ? -2.347 0.840  -3.722 1.00 0.00 ?  4 DGN A CG   20 
HETATM 1970 C CD   . DGN A 1 4 ? -1.935 0.587  -5.165 1.00 0.00 ?  4 DGN A CD   20 
HETATM 1971 O OE1  . DGN A 1 4 ? -2.220 1.360  -6.072 1.00 0.00 ?  4 DGN A OE1  20 
HETATM 1972 N NE2  . DGN A 1 4 ? -1.319 -0.549 -5.499 1.00 0.00 ?  4 DGN A NE2  20 
HETATM 1973 H H    . DGN A 1 4 ? -1.177 -1.015 -1.852 1.00 0.00 ?  4 DGN A H    20 
HETATM 1974 H HA   . DGN A 1 4 ? -4.042 -1.265 -1.633 1.00 0.00 ?  4 DGN A HA   20 
HETATM 1975 H HB2  . DGN A 1 4 ? -4.383 0.061  -3.473 1.00 0.00 ?  4 DGN A HB2  20 
HETATM 1976 H HB3  . DGN A 1 4 ? -3.197 -1.112 -3.823 1.00 0.00 ?  4 DGN A HB3  20 
HETATM 1977 H HG2  . DGN A 1 4 ? -1.398 0.770  -3.178 1.00 0.00 ?  4 DGN A HG2  20 
HETATM 1978 H HG3  . DGN A 1 4 ? -2.727 1.863  -3.636 1.00 0.00 ?  4 DGN A HG3  20 
HETATM 1979 H HE21 . DGN A 1 4 ? -1.199 -1.252 -4.795 1.00 0.00 ?  4 DGN A HE21 20 
HETATM 1980 H HE22 . DGN A 1 4 ? -0.909 -0.613 -6.431 1.00 0.00 ?  4 DGN A HE22 20 
HETATM 1981 N N    . DSN A 1 5 ? -2.442 1.128  -0.173 1.00 0.00 ?  5 DSN A N    20 
HETATM 1982 C CA   . DSN A 1 5 ? -2.436 2.188  0.818  1.00 0.00 ?  5 DSN A CA   20 
HETATM 1983 C C    . DSN A 1 5 ? -1.095 2.299  1.539  1.00 0.00 ?  5 DSN A C    20 
HETATM 1984 O O    . DSN A 1 5 ? -0.098 2.325  0.836  1.00 0.00 ?  5 DSN A O    20 
HETATM 1985 C CB   . DSN A 1 5 ? -2.888 3.493  0.180  1.00 0.00 ?  5 DSN A CB   20 
HETATM 1986 O OG   . DSN A 1 5 ? -1.886 3.900  -0.724 1.00 0.00 ?  5 DSN A OG   20 
HETATM 1987 H H    . DSN A 1 5 ? -1.541 0.793  -0.455 1.00 0.00 ?  5 DSN A H    20 
HETATM 1988 H HA   . DSN A 1 5 ? -3.230 1.995  1.540  1.00 0.00 ?  5 DSN A HA   20 
HETATM 1989 H HB2  . DSN A 1 5 ? -3.031 4.143  1.044  1.00 0.00 ?  5 DSN A HB2  20 
HETATM 1990 H HB3  . DSN A 1 5 ? -3.777 3.320  -0.427 1.00 0.00 ?  5 DSN A HB3  20 
HETATM 1991 H HG   . DSN A 1 5 ? -1.724 4.762  -0.314 1.00 0.00 ?  5 DSN A HG   20 
HETATM 1992 N N    . DGL A 1 6 ? -1.139 2.372  2.873  1.00 0.00 ?  6 DGL A N    20 
HETATM 1993 C CA   . DGL A 1 6 ? -0.034 2.571  3.786  1.00 0.00 ?  6 DGL A CA   20 
HETATM 1994 C C    . DGL A 1 6 ? 1.197  1.706  3.536  1.00 0.00 ?  6 DGL A C    20 
HETATM 1995 O O    . DGL A 1 6 ? 2.295  2.266  3.489  1.00 0.00 ?  6 DGL A O    20 
HETATM 1996 C CB   . DGL A 1 6 ? 0.305  4.052  3.861  1.00 0.00 ?  6 DGL A CB   20 
HETATM 1997 C CG   . DGL A 1 6 ? 1.036  4.388  5.160  1.00 0.00 ?  6 DGL A CG   20 
HETATM 1998 C CD   . DGL A 1 6 ? 1.672  5.773  5.083  1.00 0.00 ?  6 DGL A CD   20 
HETATM 1999 O OE1  . DGL A 1 6 ? 1.071  6.618  5.776  1.00 0.00 ?  6 DGL A OE1  20 
HETATM 2000 O OE2  . DGL A 1 6 ? 2.631  5.983  4.314  1.00 0.00 -1 6 DGL A OE2  20 
HETATM 2001 H H    . DGL A 1 6 ? -2.069 2.415  3.287  1.00 0.00 ?  6 DGL A H    20 
HETATM 2002 H HA   . DGL A 1 6 ? -0.406 2.385  4.790  1.00 0.00 ?  6 DGL A HA   20 
HETATM 2003 H HB2  . DGL A 1 6 ? -0.635 4.592  3.861  1.00 0.00 ?  6 DGL A HB2  20 
HETATM 2004 H HB3  . DGL A 1 6 ? 0.775  4.314  2.909  1.00 0.00 ?  6 DGL A HB3  20 
HETATM 2005 H HG2  . DGL A 1 6 ? 1.758  3.640  5.473  1.00 0.00 ?  6 DGL A HG2  20 
HETATM 2006 H HG3  . DGL A 1 6 ? 0.311  4.284  5.969  1.00 0.00 ?  6 DGL A HG3  20 
ATOM   2007 N N    . PRO A 1 7 ? 1.009  0.420  3.249  1.00 0.00 ?  7 PRO A N    20 
ATOM   2008 C CA   . PRO A 1 7 ? 2.192  -0.334 2.870  1.00 0.00 ?  7 PRO A CA   20 
ATOM   2009 C C    . PRO A 1 7 ? 2.710  -0.231 1.441  1.00 0.00 ?  7 PRO A C    20 
ATOM   2010 O O    . PRO A 1 7 ? 3.764  -0.731 1.045  1.00 0.00 ?  7 PRO A O    20 
ATOM   2011 C CB   . PRO A 1 7 ? 1.725  -1.766 3.148  1.00 0.00 ?  7 PRO A CB   20 
ATOM   2012 C CG   . PRO A 1 7 ? 0.684  -1.773 4.266  1.00 0.00 ?  7 PRO A CG   20 
ATOM   2013 C CD   . PRO A 1 7 ? 0.038  -0.454 3.858  1.00 0.00 ?  7 PRO A CD   20 
ATOM   2014 H HA   . PRO A 1 7 ? 2.971  0.052  3.534  1.00 0.00 ?  7 PRO A HA   20 
ATOM   2015 H HB2  . PRO A 1 7 ? 1.290  -2.267 2.286  1.00 0.00 ?  7 PRO A HB2  20 
ATOM   2016 H HB3  . PRO A 1 7 ? 2.599  -2.331 3.446  1.00 0.00 ?  7 PRO A HB3  20 
ATOM   2017 H HG2  . PRO A 1 7 ? 0.100  -2.679 4.077  1.00 0.00 ?  7 PRO A HG2  20 
ATOM   2018 H HG3  . PRO A 1 7 ? 1.164  -1.744 5.246  1.00 0.00 ?  7 PRO A HG3  20 
ATOM   2019 H HD2  . PRO A 1 7 ? -0.716 -0.629 3.094  1.00 0.00 ?  7 PRO A HD2  20 
ATOM   2020 H HD3  . PRO A 1 7 ? -0.573 -0.081 4.688  1.00 0.00 ?  7 PRO A HD3  20 
# 
